data_6YJD
# 
_entry.id   6YJD 
# 
_audit_conform.dict_name       mmcif_pdbx.dic 
_audit_conform.dict_version    5.398 
_audit_conform.dict_location   http://mmcif.pdb.org/dictionaries/ascii/mmcif_pdbx.dic 
# 
loop_
_database_2.database_id 
_database_2.database_code 
_database_2.pdbx_database_accession 
_database_2.pdbx_DOI 
PDB   6YJD         pdb_00006yjd 10.2210/pdb6yjd/pdb 
WWPDB D_1292107473 ?            ?                   
# 
loop_
_pdbx_audit_revision_history.ordinal 
_pdbx_audit_revision_history.data_content_type 
_pdbx_audit_revision_history.major_revision 
_pdbx_audit_revision_history.minor_revision 
_pdbx_audit_revision_history.revision_date 
1 'Structure model' 1 0 2021-02-24 
2 'Structure model' 1 1 2024-11-13 
# 
_pdbx_audit_revision_details.ordinal             1 
_pdbx_audit_revision_details.revision_ordinal    1 
_pdbx_audit_revision_details.data_content_type   'Structure model' 
_pdbx_audit_revision_details.provider            repository 
_pdbx_audit_revision_details.type                'Initial release' 
_pdbx_audit_revision_details.description         ? 
_pdbx_audit_revision_details.details             ? 
# 
loop_
_pdbx_audit_revision_group.ordinal 
_pdbx_audit_revision_group.revision_ordinal 
_pdbx_audit_revision_group.data_content_type 
_pdbx_audit_revision_group.group 
1 2 'Structure model' 'Data collection'     
2 2 'Structure model' 'Database references' 
3 2 'Structure model' 'Structure summary'   
# 
loop_
_pdbx_audit_revision_category.ordinal 
_pdbx_audit_revision_category.revision_ordinal 
_pdbx_audit_revision_category.data_content_type 
_pdbx_audit_revision_category.category 
1 2 'Structure model' chem_comp_atom            
2 2 'Structure model' chem_comp_bond            
3 2 'Structure model' database_2                
4 2 'Structure model' pdbx_entry_details        
5 2 'Structure model' pdbx_modification_feature 
# 
loop_
_pdbx_audit_revision_item.ordinal 
_pdbx_audit_revision_item.revision_ordinal 
_pdbx_audit_revision_item.data_content_type 
_pdbx_audit_revision_item.item 
1 2 'Structure model' '_database_2.pdbx_DOI'                         
2 2 'Structure model' '_database_2.pdbx_database_accession'          
3 2 'Structure model' '_pdbx_entry_details.has_protein_modification' 
# 
_pdbx_database_status.status_code                     REL 
_pdbx_database_status.status_code_sf                  REL 
_pdbx_database_status.status_code_mr                  ? 
_pdbx_database_status.entry_id                        6YJD 
_pdbx_database_status.recvd_initial_deposition_date   2020-04-03 
_pdbx_database_status.SG_entry                        N 
_pdbx_database_status.deposit_site                    PDBE 
_pdbx_database_status.process_site                    PDBE 
_pdbx_database_status.status_code_cs                  ? 
_pdbx_database_status.status_code_nmr_data            ? 
_pdbx_database_status.methods_development_category    ? 
_pdbx_database_status.pdb_format_compatible           Y 
# 
loop_
_audit_author.name 
_audit_author.pdbx_ordinal 
_audit_author.identifier_ORCID 
'Lilina, A.V.'   1 0000-0002-0218-9607 
'Stalmans, G.'   2 0000-0001-6570-6328 
'Strelkov, S.V.' 3 0000-0001-7189-4652 
# 
_citation.abstract                  ? 
_citation.abstract_id_CAS           ? 
_citation.book_id_ISBN              ? 
_citation.book_publisher            ? 
_citation.book_publisher_city       ? 
_citation.book_title                ? 
_citation.coordinate_linkage        ? 
_citation.country                   CH 
_citation.database_id_Medline       ? 
_citation.details                   ? 
_citation.id                        primary 
_citation.journal_abbrev            Cells 
_citation.journal_id_ASTM           ? 
_citation.journal_id_CSD            ? 
_citation.journal_id_ISSN           2073-4409 
_citation.journal_full              ? 
_citation.journal_issue             ? 
_citation.journal_volume            9 
_citation.language                  ? 
_citation.page_first                ? 
_citation.page_last                 ? 
_citation.title                     'Addressing the Molecular Mechanism of Longitudinal Lamin Assembly Using Chimeric Fusions.' 
_citation.year                      2020 
_citation.database_id_CSD           ? 
_citation.pdbx_database_id_DOI      10.3390/cells9071633 
_citation.pdbx_database_id_PubMed   32645958 
_citation.unpublished_flag          ? 
# 
loop_
_citation_author.citation_id 
_citation_author.name 
_citation_author.ordinal 
_citation_author.identifier_ORCID 
primary 'Stalmans, G.'   1 0000-0001-6570-6328 
primary 'Lilina, A.V.'   2 0000-0002-0218-9607 
primary 'Vermeire, P.J.' 3 ?                   
primary 'Fiala, J.'      4 ?                   
primary 'Novak, P.'      5 0000-0001-8688-529X 
primary 'Strelkov, S.V.' 6 0000-0001-7189-4652 
# 
loop_
_entity.id 
_entity.type 
_entity.src_method 
_entity.pdbx_description 
_entity.formula_weight 
_entity.pdbx_number_of_molecules 
_entity.pdbx_ec 
_entity.pdbx_mutation 
_entity.pdbx_fragment 
_entity.details 
1 polymer     man 'Capsid assembly scaffolding protein,Prelamin-A/C' 14894.788 1 ? F40C ? ? 
2 non-polymer syn 'NICKEL (II) ION'                                  58.693    2 ? ?    ? ? 
3 non-polymer syn 'CHLORIDE ION'                                     35.453    1 ? ?    ? ? 
4 non-polymer syn 2-AMINO-2-HYDROXYMETHYL-PROPANE-1,3-DIOL           122.143   2 ? ?    ? ? 
5 water       nat water                                              18.015    2 ? ?    ? ? 
# 
_entity_name_com.entity_id   1 
_entity_name_com.name        'Gene product 7,gp7,Head morphogenesis protein,Protein p7,Scaffold protein' 
# 
_entity_poly.entity_id                      1 
_entity_poly.type                           'polypeptide(L)' 
_entity_poly.nstd_linkage                   no 
_entity_poly.nstd_monomer                   no 
_entity_poly.pdbx_seq_one_letter_code       
;GMPLKPEEHEDILNKLLDPELAQSERTEALQQLRVNYGSCVSEYNDLTKSLARERDTSRRLLAEKEREMAEMRARMQQQL
DEYQELLDIKLALDMEIHAYRKLLEGEEERLRLSPSPTSQRSRGRAS
;
_entity_poly.pdbx_seq_one_letter_code_can   
;GMPLKPEEHEDILNKLLDPELAQSERTEALQQLRVNYGSCVSEYNDLTKSLARERDTSRRLLAEKEREMAEMRARMQQQL
DEYQELLDIKLALDMEIHAYRKLLEGEEERLRLSPSPTSQRSRGRAS
;
_entity_poly.pdbx_strand_id                 A 
_entity_poly.pdbx_target_identifier         ? 
# 
loop_
_pdbx_entity_nonpoly.entity_id 
_pdbx_entity_nonpoly.name 
_pdbx_entity_nonpoly.comp_id 
2 'NICKEL (II) ION'                        NI  
3 'CHLORIDE ION'                           CL  
4 2-AMINO-2-HYDROXYMETHYL-PROPANE-1,3-DIOL TRS 
5 water                                    HOH 
# 
loop_
_entity_poly_seq.entity_id 
_entity_poly_seq.num 
_entity_poly_seq.mon_id 
_entity_poly_seq.hetero 
1 1   GLY n 
1 2   MET n 
1 3   PRO n 
1 4   LEU n 
1 5   LYS n 
1 6   PRO n 
1 7   GLU n 
1 8   GLU n 
1 9   HIS n 
1 10  GLU n 
1 11  ASP n 
1 12  ILE n 
1 13  LEU n 
1 14  ASN n 
1 15  LYS n 
1 16  LEU n 
1 17  LEU n 
1 18  ASP n 
1 19  PRO n 
1 20  GLU n 
1 21  LEU n 
1 22  ALA n 
1 23  GLN n 
1 24  SER n 
1 25  GLU n 
1 26  ARG n 
1 27  THR n 
1 28  GLU n 
1 29  ALA n 
1 30  LEU n 
1 31  GLN n 
1 32  GLN n 
1 33  LEU n 
1 34  ARG n 
1 35  VAL n 
1 36  ASN n 
1 37  TYR n 
1 38  GLY n 
1 39  SER n 
1 40  CYS n 
1 41  VAL n 
1 42  SER n 
1 43  GLU n 
1 44  TYR n 
1 45  ASN n 
1 46  ASP n 
1 47  LEU n 
1 48  THR n 
1 49  LYS n 
1 50  SER n 
1 51  LEU n 
1 52  ALA n 
1 53  ARG n 
1 54  GLU n 
1 55  ARG n 
1 56  ASP n 
1 57  THR n 
1 58  SER n 
1 59  ARG n 
1 60  ARG n 
1 61  LEU n 
1 62  LEU n 
1 63  ALA n 
1 64  GLU n 
1 65  LYS n 
1 66  GLU n 
1 67  ARG n 
1 68  GLU n 
1 69  MET n 
1 70  ALA n 
1 71  GLU n 
1 72  MET n 
1 73  ARG n 
1 74  ALA n 
1 75  ARG n 
1 76  MET n 
1 77  GLN n 
1 78  GLN n 
1 79  GLN n 
1 80  LEU n 
1 81  ASP n 
1 82  GLU n 
1 83  TYR n 
1 84  GLN n 
1 85  GLU n 
1 86  LEU n 
1 87  LEU n 
1 88  ASP n 
1 89  ILE n 
1 90  LYS n 
1 91  LEU n 
1 92  ALA n 
1 93  LEU n 
1 94  ASP n 
1 95  MET n 
1 96  GLU n 
1 97  ILE n 
1 98  HIS n 
1 99  ALA n 
1 100 TYR n 
1 101 ARG n 
1 102 LYS n 
1 103 LEU n 
1 104 LEU n 
1 105 GLU n 
1 106 GLY n 
1 107 GLU n 
1 108 GLU n 
1 109 GLU n 
1 110 ARG n 
1 111 LEU n 
1 112 ARG n 
1 113 LEU n 
1 114 SER n 
1 115 PRO n 
1 116 SER n 
1 117 PRO n 
1 118 THR n 
1 119 SER n 
1 120 GLN n 
1 121 ARG n 
1 122 SER n 
1 123 ARG n 
1 124 GLY n 
1 125 ARG n 
1 126 ALA n 
1 127 SER n 
# 
loop_
_entity_src_gen.entity_id 
_entity_src_gen.pdbx_src_id 
_entity_src_gen.pdbx_alt_source_flag 
_entity_src_gen.pdbx_seq_type 
_entity_src_gen.pdbx_beg_seq_num 
_entity_src_gen.pdbx_end_seq_num 
_entity_src_gen.gene_src_common_name 
_entity_src_gen.gene_src_genus 
_entity_src_gen.pdbx_gene_src_gene 
_entity_src_gen.gene_src_species 
_entity_src_gen.gene_src_strain 
_entity_src_gen.gene_src_tissue 
_entity_src_gen.gene_src_tissue_fraction 
_entity_src_gen.gene_src_details 
_entity_src_gen.pdbx_gene_src_fragment 
_entity_src_gen.pdbx_gene_src_scientific_name 
_entity_src_gen.pdbx_gene_src_ncbi_taxonomy_id 
_entity_src_gen.pdbx_gene_src_variant 
_entity_src_gen.pdbx_gene_src_cell_line 
_entity_src_gen.pdbx_gene_src_atcc 
_entity_src_gen.pdbx_gene_src_organ 
_entity_src_gen.pdbx_gene_src_organelle 
_entity_src_gen.pdbx_gene_src_cell 
_entity_src_gen.pdbx_gene_src_cellular_location 
_entity_src_gen.host_org_common_name 
_entity_src_gen.pdbx_host_org_scientific_name 
_entity_src_gen.pdbx_host_org_ncbi_taxonomy_id 
_entity_src_gen.host_org_genus 
_entity_src_gen.pdbx_host_org_gene 
_entity_src_gen.pdbx_host_org_organ 
_entity_src_gen.host_org_species 
_entity_src_gen.pdbx_host_org_tissue 
_entity_src_gen.pdbx_host_org_tissue_fraction 
_entity_src_gen.pdbx_host_org_strain 
_entity_src_gen.pdbx_host_org_variant 
_entity_src_gen.pdbx_host_org_cell_line 
_entity_src_gen.pdbx_host_org_atcc 
_entity_src_gen.pdbx_host_org_culture_collection 
_entity_src_gen.pdbx_host_org_cell 
_entity_src_gen.pdbx_host_org_organelle 
_entity_src_gen.pdbx_host_org_cellular_location 
_entity_src_gen.pdbx_host_org_vector_type 
_entity_src_gen.pdbx_host_org_vector 
_entity_src_gen.host_org_details 
_entity_src_gen.expression_system_id 
_entity_src_gen.plasmid_name 
_entity_src_gen.plasmid_details 
_entity_src_gen.pdbx_description 
1 1 sample 'Biological sequence' 1  49  ?     ? ?            ? ? ? ? ? ? 'Bacillus phage phi29' 10756 ? ? ? ? ? ? ? ? 
'Escherichia coli' 562 ? ? ? ? ? ? ? ? ? ? ? ? ? ? ? ? ? ? ? ? ? 
1 2 sample 'Biological sequence' 50 127 Human ? 'LMNA, LMN1' ? ? ? ? ? ? 'Homo sapiens'         9606  ? ? ? ? ? ? ? ? 
'Escherichia coli' 562 ? ? ? ? ? ? ? ? ? ? ? ? ? ? ? ? ? ? ? ? ? 
# 
loop_
_chem_comp.id 
_chem_comp.type 
_chem_comp.mon_nstd_flag 
_chem_comp.name 
_chem_comp.pdbx_synonyms 
_chem_comp.formula 
_chem_comp.formula_weight 
ALA 'L-peptide linking' y ALANINE                                  ?             'C3 H7 N O2'     89.093  
ARG 'L-peptide linking' y ARGININE                                 ?             'C6 H15 N4 O2 1' 175.209 
ASN 'L-peptide linking' y ASPARAGINE                               ?             'C4 H8 N2 O3'    132.118 
ASP 'L-peptide linking' y 'ASPARTIC ACID'                          ?             'C4 H7 N O4'     133.103 
CL  non-polymer         . 'CHLORIDE ION'                           ?             'Cl -1'          35.453  
CYS 'L-peptide linking' y CYSTEINE                                 ?             'C3 H7 N O2 S'   121.158 
GLN 'L-peptide linking' y GLUTAMINE                                ?             'C5 H10 N2 O3'   146.144 
GLU 'L-peptide linking' y 'GLUTAMIC ACID'                          ?             'C5 H9 N O4'     147.129 
GLY 'peptide linking'   y GLYCINE                                  ?             'C2 H5 N O2'     75.067  
HIS 'L-peptide linking' y HISTIDINE                                ?             'C6 H10 N3 O2 1' 156.162 
HOH non-polymer         . WATER                                    ?             'H2 O'           18.015  
ILE 'L-peptide linking' y ISOLEUCINE                               ?             'C6 H13 N O2'    131.173 
LEU 'L-peptide linking' y LEUCINE                                  ?             'C6 H13 N O2'    131.173 
LYS 'L-peptide linking' y LYSINE                                   ?             'C6 H15 N2 O2 1' 147.195 
MET 'L-peptide linking' y METHIONINE                               ?             'C5 H11 N O2 S'  149.211 
NI  non-polymer         . 'NICKEL (II) ION'                        ?             'Ni 2'           58.693  
PHE 'L-peptide linking' y PHENYLALANINE                            ?             'C9 H11 N O2'    165.189 
PRO 'L-peptide linking' y PROLINE                                  ?             'C5 H9 N O2'     115.130 
SER 'L-peptide linking' y SERINE                                   ?             'C3 H7 N O3'     105.093 
THR 'L-peptide linking' y THREONINE                                ?             'C4 H9 N O3'     119.119 
TRS non-polymer         . 2-AMINO-2-HYDROXYMETHYL-PROPANE-1,3-DIOL 'TRIS BUFFER' 'C4 H12 N O3 1'  122.143 
TYR 'L-peptide linking' y TYROSINE                                 ?             'C9 H11 N O3'    181.189 
VAL 'L-peptide linking' y VALINE                                   ?             'C5 H11 N O2'    117.146 
# 
loop_
_pdbx_poly_seq_scheme.asym_id 
_pdbx_poly_seq_scheme.entity_id 
_pdbx_poly_seq_scheme.seq_id 
_pdbx_poly_seq_scheme.mon_id 
_pdbx_poly_seq_scheme.ndb_seq_num 
_pdbx_poly_seq_scheme.pdb_seq_num 
_pdbx_poly_seq_scheme.auth_seq_num 
_pdbx_poly_seq_scheme.pdb_mon_id 
_pdbx_poly_seq_scheme.auth_mon_id 
_pdbx_poly_seq_scheme.pdb_strand_id 
_pdbx_poly_seq_scheme.pdb_ins_code 
_pdbx_poly_seq_scheme.hetero 
A 1 1   GLY 1   277 ?   ?   ?   A . n 
A 1 2   MET 2   278 278 MET MET A . n 
A 1 3   PRO 3   279 279 PRO PRO A . n 
A 1 4   LEU 4   280 280 LEU LEU A . n 
A 1 5   LYS 5   281 281 LYS LYS A . n 
A 1 6   PRO 6   282 282 PRO PRO A . n 
A 1 7   GLU 7   283 283 GLU GLU A . n 
A 1 8   GLU 8   284 284 GLU GLU A . n 
A 1 9   HIS 9   285 285 HIS HIS A . n 
A 1 10  GLU 10  286 286 GLU GLU A . n 
A 1 11  ASP 11  287 287 ASP ASP A . n 
A 1 12  ILE 12  288 288 ILE ILE A . n 
A 1 13  LEU 13  289 289 LEU LEU A . n 
A 1 14  ASN 14  290 290 ASN ASN A . n 
A 1 15  LYS 15  291 291 LYS LYS A . n 
A 1 16  LEU 16  292 292 LEU LEU A . n 
A 1 17  LEU 17  293 293 LEU LEU A . n 
A 1 18  ASP 18  294 294 ASP ASP A . n 
A 1 19  PRO 19  295 295 PRO PRO A . n 
A 1 20  GLU 20  296 296 GLU GLU A . n 
A 1 21  LEU 21  297 297 LEU LEU A . n 
A 1 22  ALA 22  298 298 ALA ALA A . n 
A 1 23  GLN 23  299 299 GLN GLN A . n 
A 1 24  SER 24  300 300 SER SER A . n 
A 1 25  GLU 25  301 301 GLU GLU A . n 
A 1 26  ARG 26  302 302 ARG ARG A . n 
A 1 27  THR 27  303 303 THR THR A . n 
A 1 28  GLU 28  304 304 GLU GLU A . n 
A 1 29  ALA 29  305 305 ALA ALA A . n 
A 1 30  LEU 30  306 306 LEU LEU A . n 
A 1 31  GLN 31  307 307 GLN GLN A . n 
A 1 32  GLN 32  308 308 GLN GLN A . n 
A 1 33  LEU 33  309 309 LEU LEU A . n 
A 1 34  ARG 34  310 310 ARG ARG A . n 
A 1 35  VAL 35  311 311 VAL VAL A . n 
A 1 36  ASN 36  312 312 ASN ASN A . n 
A 1 37  TYR 37  313 313 TYR TYR A . n 
A 1 38  GLY 38  314 314 GLY GLY A . n 
A 1 39  SER 39  315 315 SER SER A . n 
A 1 40  CYS 40  316 316 CYS CYS A . n 
A 1 41  VAL 41  317 317 VAL VAL A . n 
A 1 42  SER 42  318 318 SER SER A . n 
A 1 43  GLU 43  319 319 GLU GLU A . n 
A 1 44  TYR 44  320 320 TYR TYR A . n 
A 1 45  ASN 45  321 321 ASN ASN A . n 
A 1 46  ASP 46  322 322 ASP ASP A . n 
A 1 47  LEU 47  323 323 LEU LEU A . n 
A 1 48  THR 48  324 324 THR THR A . n 
A 1 49  LYS 49  325 325 LYS LYS A . n 
A 1 50  SER 50  326 326 SER SER A . n 
A 1 51  LEU 51  327 327 LEU LEU A . n 
A 1 52  ALA 52  328 328 ALA ALA A . n 
A 1 53  ARG 53  329 329 ARG ARG A . n 
A 1 54  GLU 54  330 330 GLU GLU A . n 
A 1 55  ARG 55  331 331 ARG ARG A . n 
A 1 56  ASP 56  332 332 ASP ASP A . n 
A 1 57  THR 57  333 333 THR THR A . n 
A 1 58  SER 58  334 334 SER SER A . n 
A 1 59  ARG 59  335 335 ARG ARG A . n 
A 1 60  ARG 60  336 336 ARG ARG A . n 
A 1 61  LEU 61  337 337 LEU LEU A . n 
A 1 62  LEU 62  338 338 LEU LEU A . n 
A 1 63  ALA 63  339 339 ALA ALA A . n 
A 1 64  GLU 64  340 340 GLU GLU A . n 
A 1 65  LYS 65  341 341 LYS LYS A . n 
A 1 66  GLU 66  342 342 GLU GLU A . n 
A 1 67  ARG 67  343 343 ARG ARG A . n 
A 1 68  GLU 68  344 344 GLU GLU A . n 
A 1 69  MET 69  345 345 MET MET A . n 
A 1 70  ALA 70  346 346 ALA ALA A . n 
A 1 71  GLU 71  347 347 GLU GLU A . n 
A 1 72  MET 72  348 348 MET MET A . n 
A 1 73  ARG 73  349 349 ARG ARG A . n 
A 1 74  ALA 74  350 350 ALA ALA A . n 
A 1 75  ARG 75  351 351 ARG ARG A . n 
A 1 76  MET 76  352 352 MET MET A . n 
A 1 77  GLN 77  353 353 GLN GLN A . n 
A 1 78  GLN 78  354 354 GLN GLN A . n 
A 1 79  GLN 79  355 355 GLN GLN A . n 
A 1 80  LEU 80  356 356 LEU LEU A . n 
A 1 81  ASP 81  357 357 ASP ASP A . n 
A 1 82  GLU 82  358 358 GLU GLU A . n 
A 1 83  TYR 83  359 359 TYR TYR A . n 
A 1 84  GLN 84  360 360 GLN GLN A . n 
A 1 85  GLU 85  361 361 GLU GLU A . n 
A 1 86  LEU 86  362 362 LEU LEU A . n 
A 1 87  LEU 87  363 363 LEU LEU A . n 
A 1 88  ASP 88  364 364 ASP ASP A . n 
A 1 89  ILE 89  365 365 ILE ILE A . n 
A 1 90  LYS 90  366 366 LYS LYS A . n 
A 1 91  LEU 91  367 367 LEU LEU A . n 
A 1 92  ALA 92  368 368 ALA ALA A . n 
A 1 93  LEU 93  369 369 LEU LEU A . n 
A 1 94  ASP 94  370 370 ASP ASP A . n 
A 1 95  MET 95  371 371 MET MET A . n 
A 1 96  GLU 96  372 372 GLU GLU A . n 
A 1 97  ILE 97  373 373 ILE ILE A . n 
A 1 98  HIS 98  374 374 HIS HIS A . n 
A 1 99  ALA 99  375 375 ALA ALA A . n 
A 1 100 TYR 100 376 376 TYR TYR A . n 
A 1 101 ARG 101 377 377 ARG ARG A . n 
A 1 102 LYS 102 378 378 LYS LYS A . n 
A 1 103 LEU 103 379 379 LEU LEU A . n 
A 1 104 LEU 104 380 380 LEU LEU A . n 
A 1 105 GLU 105 381 381 GLU GLU A . n 
A 1 106 GLY 106 382 ?   ?   ?   A . n 
A 1 107 GLU 107 383 ?   ?   ?   A . n 
A 1 108 GLU 108 384 ?   ?   ?   A . n 
A 1 109 GLU 109 385 ?   ?   ?   A . n 
A 1 110 ARG 110 386 ?   ?   ?   A . n 
A 1 111 LEU 111 387 ?   ?   ?   A . n 
A 1 112 ARG 112 388 ?   ?   ?   A . n 
A 1 113 LEU 113 389 ?   ?   ?   A . n 
A 1 114 SER 114 390 ?   ?   ?   A . n 
A 1 115 PRO 115 391 ?   ?   ?   A . n 
A 1 116 SER 116 392 ?   ?   ?   A . n 
A 1 117 PRO 117 393 ?   ?   ?   A . n 
A 1 118 THR 118 394 ?   ?   ?   A . n 
A 1 119 SER 119 395 ?   ?   ?   A . n 
A 1 120 GLN 120 396 ?   ?   ?   A . n 
A 1 121 ARG 121 397 ?   ?   ?   A . n 
A 1 122 SER 122 398 ?   ?   ?   A . n 
A 1 123 ARG 123 399 ?   ?   ?   A . n 
A 1 124 GLY 124 400 ?   ?   ?   A . n 
A 1 125 ARG 125 401 ?   ?   ?   A . n 
A 1 126 ALA 126 402 ?   ?   ?   A . n 
A 1 127 SER 127 403 ?   ?   ?   A . n 
# 
loop_
_pdbx_nonpoly_scheme.asym_id 
_pdbx_nonpoly_scheme.entity_id 
_pdbx_nonpoly_scheme.mon_id 
_pdbx_nonpoly_scheme.ndb_seq_num 
_pdbx_nonpoly_scheme.pdb_seq_num 
_pdbx_nonpoly_scheme.auth_seq_num 
_pdbx_nonpoly_scheme.pdb_mon_id 
_pdbx_nonpoly_scheme.auth_mon_id 
_pdbx_nonpoly_scheme.pdb_strand_id 
_pdbx_nonpoly_scheme.pdb_ins_code 
B 2 NI  1 501 1 NI  NI  A . 
C 2 NI  1 502 2 NI  NI  A . 
D 3 CL  1 503 3 CL  CL  A . 
E 4 TRS 1 504 4 TRS TRS A . 
F 4 TRS 1 505 5 TRS TRS A . 
G 5 HOH 1 601 3 HOH HOH A . 
G 5 HOH 2 602 2 HOH HOH A . 
# 
loop_
_pdbx_unobs_or_zero_occ_atoms.id 
_pdbx_unobs_or_zero_occ_atoms.PDB_model_num 
_pdbx_unobs_or_zero_occ_atoms.polymer_flag 
_pdbx_unobs_or_zero_occ_atoms.occupancy_flag 
_pdbx_unobs_or_zero_occ_atoms.auth_asym_id 
_pdbx_unobs_or_zero_occ_atoms.auth_comp_id 
_pdbx_unobs_or_zero_occ_atoms.auth_seq_id 
_pdbx_unobs_or_zero_occ_atoms.PDB_ins_code 
_pdbx_unobs_or_zero_occ_atoms.auth_atom_id 
_pdbx_unobs_or_zero_occ_atoms.label_alt_id 
_pdbx_unobs_or_zero_occ_atoms.label_asym_id 
_pdbx_unobs_or_zero_occ_atoms.label_comp_id 
_pdbx_unobs_or_zero_occ_atoms.label_seq_id 
_pdbx_unobs_or_zero_occ_atoms.label_atom_id 
1  1 Y 1 A LEU 293 ? CG  ? A LEU 17  CG  
2  1 Y 1 A LEU 293 ? CD1 ? A LEU 17  CD1 
3  1 Y 1 A LEU 293 ? CD2 ? A LEU 17  CD2 
4  1 Y 1 A GLU 296 ? CG  ? A GLU 20  CG  
5  1 Y 1 A GLU 296 ? CD  ? A GLU 20  CD  
6  1 Y 1 A GLU 296 ? OE1 ? A GLU 20  OE1 
7  1 Y 1 A GLU 296 ? OE2 ? A GLU 20  OE2 
8  1 Y 1 A LEU 297 ? CG  ? A LEU 21  CG  
9  1 Y 1 A LEU 297 ? CD1 ? A LEU 21  CD1 
10 1 Y 1 A LEU 297 ? CD2 ? A LEU 21  CD2 
11 1 Y 1 A ARG 302 ? CG  ? A ARG 26  CG  
12 1 Y 1 A ARG 302 ? CD  ? A ARG 26  CD  
13 1 Y 1 A ARG 302 ? NE  ? A ARG 26  NE  
14 1 Y 1 A ARG 302 ? CZ  ? A ARG 26  CZ  
15 1 Y 1 A ARG 302 ? NH1 ? A ARG 26  NH1 
16 1 Y 1 A ARG 302 ? NH2 ? A ARG 26  NH2 
17 1 Y 1 A GLN 354 ? CG  ? A GLN 78  CG  
18 1 Y 1 A GLN 354 ? CD  ? A GLN 78  CD  
19 1 Y 1 A GLN 354 ? OE1 ? A GLN 78  OE1 
20 1 Y 1 A GLN 354 ? NE2 ? A GLN 78  NE2 
21 1 Y 1 A ARG 377 ? CG  ? A ARG 101 CG  
22 1 Y 1 A ARG 377 ? CD  ? A ARG 101 CD  
23 1 Y 1 A ARG 377 ? NE  ? A ARG 101 NE  
24 1 Y 1 A ARG 377 ? CZ  ? A ARG 101 CZ  
25 1 Y 1 A ARG 377 ? NH1 ? A ARG 101 NH1 
26 1 Y 1 A ARG 377 ? NH2 ? A ARG 101 NH2 
27 1 Y 1 A LYS 378 ? CG  ? A LYS 102 CG  
28 1 Y 1 A LYS 378 ? CD  ? A LYS 102 CD  
29 1 Y 1 A LYS 378 ? CE  ? A LYS 102 CE  
30 1 Y 1 A LYS 378 ? NZ  ? A LYS 102 NZ  
31 1 Y 1 A LEU 379 ? CG  ? A LEU 103 CG  
32 1 Y 1 A LEU 379 ? CD1 ? A LEU 103 CD1 
33 1 Y 1 A LEU 379 ? CD2 ? A LEU 103 CD2 
34 1 Y 1 A LEU 380 ? CG  ? A LEU 104 CG  
35 1 Y 1 A LEU 380 ? CD1 ? A LEU 104 CD1 
36 1 Y 1 A LEU 380 ? CD2 ? A LEU 104 CD2 
37 1 Y 1 A GLU 381 ? CG  ? A GLU 105 CG  
38 1 Y 1 A GLU 381 ? CD  ? A GLU 105 CD  
39 1 Y 1 A GLU 381 ? OE1 ? A GLU 105 OE1 
40 1 Y 1 A GLU 381 ? OE2 ? A GLU 105 OE2 
# 
loop_
_software.citation_id 
_software.classification 
_software.compiler_name 
_software.compiler_version 
_software.contact_author 
_software.contact_author_email 
_software.date 
_software.description 
_software.dependencies 
_software.hardware 
_software.language 
_software.location 
_software.mods 
_software.name 
_software.os 
_software.os_version 
_software.type 
_software.version 
_software.pdbx_ordinal 
? refinement       ? ? ? ? ? ? ? ? ? ? ? REFMAC        ? ? ? 5.8.0258 1 
? 'data reduction' ? ? ? ? ? ? ? ? ? ? ? XDS           ? ? ? .        2 
? 'data scaling'   ? ? ? ? ? ? ? ? ? ? ? Aimless       ? ? ? .        3 
? phasing          ? ? ? ? ? ? ? ? ? ? ? Auto-Rickshaw ? ? ? .        4 
# 
_cell.angle_alpha                  90.000 
_cell.angle_alpha_esd              ? 
_cell.angle_beta                   90.000 
_cell.angle_beta_esd               ? 
_cell.angle_gamma                  120.000 
_cell.angle_gamma_esd              ? 
_cell.entry_id                     6YJD 
_cell.details                      ? 
_cell.formula_units_Z              ? 
_cell.length_a                     117.250 
_cell.length_a_esd                 ? 
_cell.length_b                     117.250 
_cell.length_b_esd                 ? 
_cell.length_c                     93.156 
_cell.length_c_esd                 ? 
_cell.volume                       ? 
_cell.volume_esd                   ? 
_cell.Z_PDB                        12 
_cell.reciprocal_angle_alpha       ? 
_cell.reciprocal_angle_beta        ? 
_cell.reciprocal_angle_gamma       ? 
_cell.reciprocal_angle_alpha_esd   ? 
_cell.reciprocal_angle_beta_esd    ? 
_cell.reciprocal_angle_gamma_esd   ? 
_cell.reciprocal_length_a          ? 
_cell.reciprocal_length_b          ? 
_cell.reciprocal_length_c          ? 
_cell.reciprocal_length_a_esd      ? 
_cell.reciprocal_length_b_esd      ? 
_cell.reciprocal_length_c_esd      ? 
_cell.pdbx_unique_axis             ? 
# 
_symmetry.entry_id                         6YJD 
_symmetry.cell_setting                     ? 
_symmetry.Int_Tables_number                178 
_symmetry.space_group_name_Hall            ? 
_symmetry.space_group_name_H-M             'P 61 2 2' 
_symmetry.pdbx_full_space_group_name_H-M   ? 
# 
_exptl.absorpt_coefficient_mu     ? 
_exptl.absorpt_correction_T_max   ? 
_exptl.absorpt_correction_T_min   ? 
_exptl.absorpt_correction_type    ? 
_exptl.absorpt_process_details    ? 
_exptl.entry_id                   6YJD 
_exptl.crystals_number            1 
_exptl.details                    ? 
_exptl.method                     'X-RAY DIFFRACTION' 
_exptl.method_details             ? 
# 
_exptl_crystal.colour                      ? 
_exptl_crystal.density_diffrn              ? 
_exptl_crystal.density_Matthews            6.21 
_exptl_crystal.density_method              ? 
_exptl_crystal.density_percent_sol         80.18 
_exptl_crystal.description                 ? 
_exptl_crystal.F_000                       ? 
_exptl_crystal.id                          1 
_exptl_crystal.preparation                 ? 
_exptl_crystal.size_max                    ? 
_exptl_crystal.size_mid                    ? 
_exptl_crystal.size_min                    ? 
_exptl_crystal.size_rad                    ? 
_exptl_crystal.colour_lustre               ? 
_exptl_crystal.colour_modifier             ? 
_exptl_crystal.colour_primary              ? 
_exptl_crystal.density_meas                ? 
_exptl_crystal.density_meas_esd            ? 
_exptl_crystal.density_meas_gt             ? 
_exptl_crystal.density_meas_lt             ? 
_exptl_crystal.density_meas_temp           ? 
_exptl_crystal.density_meas_temp_esd       ? 
_exptl_crystal.density_meas_temp_gt        ? 
_exptl_crystal.density_meas_temp_lt        ? 
_exptl_crystal.pdbx_crystal_image_url      ? 
_exptl_crystal.pdbx_crystal_image_format   ? 
_exptl_crystal.pdbx_mosaicity              ? 
_exptl_crystal.pdbx_mosaicity_esd          ? 
# 
_exptl_crystal_grow.apparatus       ? 
_exptl_crystal_grow.atmosphere      ? 
_exptl_crystal_grow.crystal_id      1 
_exptl_crystal_grow.details         ? 
_exptl_crystal_grow.method          'VAPOR DIFFUSION, HANGING DROP' 
_exptl_crystal_grow.method_ref      ? 
_exptl_crystal_grow.pH              8.2 
_exptl_crystal_grow.pressure        ? 
_exptl_crystal_grow.pressure_esd    ? 
_exptl_crystal_grow.seeding         ? 
_exptl_crystal_grow.seeding_ref     ? 
_exptl_crystal_grow.temp            277 
_exptl_crystal_grow.temp_details    ? 
_exptl_crystal_grow.temp_esd        ? 
_exptl_crystal_grow.time            ? 
_exptl_crystal_grow.pdbx_details    '35% (v/v) methanol, 0.2 M MgCl2 and 0.1 M HEPES' 
_exptl_crystal_grow.pdbx_pH_range   ? 
# 
_diffrn.ambient_environment              ? 
_diffrn.ambient_temp                     100 
_diffrn.ambient_temp_details             ? 
_diffrn.ambient_temp_esd                 ? 
_diffrn.crystal_id                       1 
_diffrn.crystal_support                  ? 
_diffrn.crystal_treatment                ? 
_diffrn.details                          ? 
_diffrn.id                               1 
_diffrn.ambient_pressure                 ? 
_diffrn.ambient_pressure_esd             ? 
_diffrn.ambient_pressure_gt              ? 
_diffrn.ambient_pressure_lt              ? 
_diffrn.ambient_temp_gt                  ? 
_diffrn.ambient_temp_lt                  ? 
_diffrn.pdbx_serial_crystal_experiment   N 
# 
_diffrn_detector.details                      ? 
_diffrn_detector.detector                     PIXEL 
_diffrn_detector.diffrn_id                    1 
_diffrn_detector.type                         'DECTRIS EIGER X 16M' 
_diffrn_detector.area_resol_mean              ? 
_diffrn_detector.dtime                        ? 
_diffrn_detector.pdbx_frames_total            ? 
_diffrn_detector.pdbx_collection_time_total   ? 
_diffrn_detector.pdbx_collection_date         2019-02-15 
_diffrn_detector.pdbx_frequency               ? 
# 
_diffrn_radiation.collimation                      ? 
_diffrn_radiation.diffrn_id                        1 
_diffrn_radiation.filter_edge                      ? 
_diffrn_radiation.inhomogeneity                    ? 
_diffrn_radiation.monochromator                    ? 
_diffrn_radiation.polarisn_norm                    ? 
_diffrn_radiation.polarisn_ratio                   ? 
_diffrn_radiation.probe                            ? 
_diffrn_radiation.type                             ? 
_diffrn_radiation.xray_symbol                      ? 
_diffrn_radiation.wavelength_id                    1 
_diffrn_radiation.pdbx_monochromatic_or_laue_m_l   M 
_diffrn_radiation.pdbx_wavelength_list             ? 
_diffrn_radiation.pdbx_wavelength                  ? 
_diffrn_radiation.pdbx_diffrn_protocol             MAD 
_diffrn_radiation.pdbx_analyzer                    ? 
_diffrn_radiation.pdbx_scattering_type             x-ray 
# 
_diffrn_radiation_wavelength.id           1 
_diffrn_radiation_wavelength.wavelength   0.978565 
_diffrn_radiation_wavelength.wt           1.0 
# 
_diffrn_source.current                     ? 
_diffrn_source.details                     ? 
_diffrn_source.diffrn_id                   1 
_diffrn_source.power                       ? 
_diffrn_source.size                        ? 
_diffrn_source.source                      SYNCHROTRON 
_diffrn_source.target                      ? 
_diffrn_source.type                        'SOLEIL BEAMLINE PROXIMA 1' 
_diffrn_source.voltage                     ? 
_diffrn_source.take-off_angle              ? 
_diffrn_source.pdbx_wavelength_list        0.978565 
_diffrn_source.pdbx_wavelength             ? 
_diffrn_source.pdbx_synchrotron_beamline   'PROXIMA 1' 
_diffrn_source.pdbx_synchrotron_site       SOLEIL 
# 
_reflns.B_iso_Wilson_estimate            110.62 
_reflns.entry_id                         6YJD 
_reflns.data_reduction_details           ? 
_reflns.data_reduction_method            ? 
_reflns.d_resolution_high                2.9 
_reflns.d_resolution_low                 44.62 
_reflns.details                          ? 
_reflns.limit_h_max                      ? 
_reflns.limit_h_min                      ? 
_reflns.limit_k_max                      ? 
_reflns.limit_k_min                      ? 
_reflns.limit_l_max                      ? 
_reflns.limit_l_min                      ? 
_reflns.number_all                       ? 
_reflns.number_obs                       8792 
_reflns.observed_criterion               ? 
_reflns.observed_criterion_F_max         ? 
_reflns.observed_criterion_F_min         ? 
_reflns.observed_criterion_I_max         ? 
_reflns.observed_criterion_I_min         ? 
_reflns.observed_criterion_sigma_F       ? 
_reflns.observed_criterion_sigma_I       ? 
_reflns.percent_possible_obs             98.28 
_reflns.R_free_details                   ? 
_reflns.Rmerge_F_all                     ? 
_reflns.Rmerge_F_obs                     ? 
_reflns.Friedel_coverage                 ? 
_reflns.number_gt                        ? 
_reflns.threshold_expression             ? 
_reflns.pdbx_redundancy                  19.2 
_reflns.pdbx_Rmerge_I_obs                ? 
_reflns.pdbx_Rmerge_I_all                ? 
_reflns.pdbx_Rsym_value                  ? 
_reflns.pdbx_netI_over_av_sigmaI         ? 
_reflns.pdbx_netI_over_sigmaI            20.27 
_reflns.pdbx_res_netI_over_av_sigmaI_2   ? 
_reflns.pdbx_res_netI_over_sigmaI_2      ? 
_reflns.pdbx_chi_squared                 ? 
_reflns.pdbx_scaling_rejects             ? 
_reflns.pdbx_d_res_high_opt              ? 
_reflns.pdbx_d_res_low_opt               ? 
_reflns.pdbx_d_res_opt_method            ? 
_reflns.phase_calculation_details        ? 
_reflns.pdbx_Rrim_I_all                  ? 
_reflns.pdbx_Rpim_I_all                  ? 
_reflns.pdbx_d_opt                       ? 
_reflns.pdbx_number_measured_all         ? 
_reflns.pdbx_diffrn_id                   1 
_reflns.pdbx_ordinal                     1 
_reflns.pdbx_CC_half                     0.999 
_reflns.pdbx_CC_star                     ? 
_reflns.pdbx_R_split                     ? 
# 
_reflns_shell.d_res_high                  2.9 
_reflns_shell.d_res_low                   3.0 
_reflns_shell.meanI_over_sigI_all         ? 
_reflns_shell.meanI_over_sigI_obs         0.99 
_reflns_shell.number_measured_all         ? 
_reflns_shell.number_measured_obs         ? 
_reflns_shell.number_possible             ? 
_reflns_shell.number_unique_all           ? 
_reflns_shell.number_unique_obs           847 
_reflns_shell.percent_possible_all        ? 
_reflns_shell.percent_possible_obs        ? 
_reflns_shell.Rmerge_F_all                ? 
_reflns_shell.Rmerge_F_obs                ? 
_reflns_shell.Rmerge_I_all                ? 
_reflns_shell.Rmerge_I_obs                ? 
_reflns_shell.meanI_over_sigI_gt          ? 
_reflns_shell.meanI_over_uI_all           ? 
_reflns_shell.meanI_over_uI_gt            ? 
_reflns_shell.number_measured_gt          ? 
_reflns_shell.number_unique_gt            ? 
_reflns_shell.percent_possible_gt         ? 
_reflns_shell.Rmerge_F_gt                 ? 
_reflns_shell.Rmerge_I_gt                 ? 
_reflns_shell.pdbx_redundancy             ? 
_reflns_shell.pdbx_Rsym_value             ? 
_reflns_shell.pdbx_chi_squared            ? 
_reflns_shell.pdbx_netI_over_sigmaI_all   ? 
_reflns_shell.pdbx_netI_over_sigmaI_obs   ? 
_reflns_shell.pdbx_Rrim_I_all             ? 
_reflns_shell.pdbx_Rpim_I_all             ? 
_reflns_shell.pdbx_rejects                ? 
_reflns_shell.pdbx_ordinal                1 
_reflns_shell.pdbx_diffrn_id              1 
_reflns_shell.pdbx_CC_half                0.934 
_reflns_shell.pdbx_CC_star                ? 
_reflns_shell.pdbx_R_split                ? 
# 
_refine.aniso_B[1][1]                            3.572 
_refine.aniso_B[1][2]                            1.786 
_refine.aniso_B[1][3]                            0.000 
_refine.aniso_B[2][2]                            3.572 
_refine.aniso_B[2][3]                            -0.000 
_refine.aniso_B[3][3]                            -11.586 
_refine.B_iso_max                                ? 
_refine.B_iso_mean                               115.019 
_refine.B_iso_min                                ? 
_refine.correlation_coeff_Fo_to_Fc               0.945 
_refine.correlation_coeff_Fo_to_Fc_free          0.899 
_refine.details                                  'Hydrogens have been added in their riding positions' 
_refine.diff_density_max                         ? 
_refine.diff_density_max_esd                     ? 
_refine.diff_density_min                         ? 
_refine.diff_density_min_esd                     ? 
_refine.diff_density_rms                         ? 
_refine.diff_density_rms_esd                     ? 
_refine.entry_id                                 6YJD 
_refine.pdbx_refine_id                           'X-RAY DIFFRACTION' 
_refine.ls_abs_structure_details                 ? 
_refine.ls_abs_structure_Flack                   ? 
_refine.ls_abs_structure_Flack_esd               ? 
_refine.ls_abs_structure_Rogers                  ? 
_refine.ls_abs_structure_Rogers_esd              ? 
_refine.ls_d_res_high                            2.9 
_refine.ls_d_res_low                             44.62 
_refine.ls_extinction_coef                       ? 
_refine.ls_extinction_coef_esd                   ? 
_refine.ls_extinction_expression                 ? 
_refine.ls_extinction_method                     ? 
_refine.ls_goodness_of_fit_all                   ? 
_refine.ls_goodness_of_fit_all_esd               ? 
_refine.ls_goodness_of_fit_obs                   ? 
_refine.ls_goodness_of_fit_obs_esd               ? 
_refine.ls_hydrogen_treatment                    ? 
_refine.ls_matrix_type                           ? 
_refine.ls_number_constraints                    ? 
_refine.ls_number_parameters                     ? 
_refine.ls_number_reflns_all                     ? 
_refine.ls_number_reflns_obs                     8791 
_refine.ls_number_reflns_R_free                  841 
_refine.ls_number_reflns_R_work                  ? 
_refine.ls_number_restraints                     ? 
_refine.ls_percent_reflns_obs                    99.750 
_refine.ls_percent_reflns_R_free                 9.567 
_refine.ls_R_factor_all                          0.258 
_refine.ls_R_factor_obs                          ? 
_refine.ls_R_factor_R_free                       0.3042 
_refine.ls_R_factor_R_free_error                 ? 
_refine.ls_R_factor_R_free_error_details         ? 
_refine.ls_R_factor_R_work                       0.2533 
_refine.ls_R_Fsqd_factor_obs                     ? 
_refine.ls_R_I_factor_obs                        ? 
_refine.ls_redundancy_reflns_all                 ? 
_refine.ls_redundancy_reflns_obs                 ? 
_refine.ls_restrained_S_all                      ? 
_refine.ls_restrained_S_obs                      ? 
_refine.ls_shift_over_esd_max                    ? 
_refine.ls_shift_over_esd_mean                   ? 
_refine.ls_structure_factor_coef                 ? 
_refine.ls_weighting_details                     ? 
_refine.ls_weighting_scheme                      ? 
_refine.ls_wR_factor_all                         ? 
_refine.ls_wR_factor_obs                         ? 
_refine.ls_wR_factor_R_free                      ? 
_refine.ls_wR_factor_R_work                      ? 
_refine.occupancy_max                            ? 
_refine.occupancy_min                            ? 
_refine.solvent_model_details                    ? 
_refine.solvent_model_param_bsol                 ? 
_refine.solvent_model_param_ksol                 ? 
_refine.pdbx_R_complete                          ? 
_refine.ls_R_factor_gt                           ? 
_refine.ls_goodness_of_fit_gt                    ? 
_refine.ls_goodness_of_fit_ref                   ? 
_refine.ls_shift_over_su_max                     ? 
_refine.ls_shift_over_su_max_lt                  ? 
_refine.ls_shift_over_su_mean                    ? 
_refine.ls_shift_over_su_mean_lt                 ? 
_refine.pdbx_ls_sigma_I                          ? 
_refine.pdbx_ls_sigma_F                          ? 
_refine.pdbx_ls_sigma_Fsqd                       ? 
_refine.pdbx_data_cutoff_high_absF               ? 
_refine.pdbx_data_cutoff_high_rms_absF           ? 
_refine.pdbx_data_cutoff_low_absF                ? 
_refine.pdbx_isotropic_thermal_model             ? 
_refine.pdbx_ls_cross_valid_method               'FREE R-VALUE' 
_refine.pdbx_method_to_determine_struct          SAD 
_refine.pdbx_starting_model                      ? 
_refine.pdbx_stereochemistry_target_values       ? 
_refine.pdbx_R_Free_selection_details            ? 
_refine.pdbx_stereochem_target_val_spec_case     ? 
_refine.pdbx_overall_ESU_R                       0.327 
_refine.pdbx_overall_ESU_R_Free                  0.298 
_refine.pdbx_solvent_vdw_probe_radii             1.200 
_refine.pdbx_solvent_ion_probe_radii             0.800 
_refine.pdbx_solvent_shrinkage_radii             0.800 
_refine.pdbx_real_space_R                        ? 
_refine.pdbx_density_correlation                 ? 
_refine.pdbx_pd_number_of_powder_patterns        ? 
_refine.pdbx_pd_number_of_points                 ? 
_refine.pdbx_pd_meas_number_of_points            ? 
_refine.pdbx_pd_proc_ls_prof_R_factor            ? 
_refine.pdbx_pd_proc_ls_prof_wR_factor           ? 
_refine.pdbx_pd_Marquardt_correlation_coeff      ? 
_refine.pdbx_pd_Fsqrd_R_factor                   ? 
_refine.pdbx_pd_ls_matrix_band_width             ? 
_refine.pdbx_overall_phase_error                 ? 
_refine.pdbx_overall_SU_R_free_Cruickshank_DPI   ? 
_refine.pdbx_overall_SU_R_free_Blow_DPI          ? 
_refine.pdbx_overall_SU_R_Blow_DPI               ? 
_refine.pdbx_TLS_residual_ADP_flag               ? 
_refine.pdbx_diffrn_id                           1 
_refine.overall_SU_B                             14.152 
_refine.overall_SU_ML                            0.251 
_refine.overall_SU_R_Cruickshank_DPI             ? 
_refine.overall_SU_R_free                        ? 
_refine.overall_FOM_free_R_set                   ? 
_refine.overall_FOM_work_R_set                   ? 
_refine.pdbx_average_fsc_overall                 ? 
_refine.pdbx_average_fsc_work                    ? 
_refine.pdbx_average_fsc_free                    ? 
# 
_refine_hist.pdbx_refine_id                   'X-RAY DIFFRACTION' 
_refine_hist.cycle_id                         LAST 
_refine_hist.details                          ? 
_refine_hist.d_res_high                       2.9 
_refine_hist.d_res_low                        44.62 
_refine_hist.number_atoms_solvent             2 
_refine_hist.number_atoms_total               844 
_refine_hist.number_reflns_all                ? 
_refine_hist.number_reflns_obs                ? 
_refine_hist.number_reflns_R_free             ? 
_refine_hist.number_reflns_R_work             ? 
_refine_hist.R_factor_all                     ? 
_refine_hist.R_factor_obs                     ? 
_refine_hist.R_factor_R_free                  ? 
_refine_hist.R_factor_R_work                  ? 
_refine_hist.pdbx_number_residues_total       ? 
_refine_hist.pdbx_B_iso_mean_ligand           ? 
_refine_hist.pdbx_B_iso_mean_solvent          ? 
_refine_hist.pdbx_number_atoms_protein        823 
_refine_hist.pdbx_number_atoms_nucleic_acid   0 
_refine_hist.pdbx_number_atoms_ligand         19 
_refine_hist.pdbx_number_atoms_lipid          ? 
_refine_hist.pdbx_number_atoms_carb           ? 
_refine_hist.pdbx_pseudo_atom_details         ? 
# 
loop_
_refine_ls_restr.pdbx_refine_id 
_refine_ls_restr.criterion 
_refine_ls_restr.dev_ideal 
_refine_ls_restr.dev_ideal_target 
_refine_ls_restr.number 
_refine_ls_restr.rejects 
_refine_ls_restr.type 
_refine_ls_restr.weight 
_refine_ls_restr.pdbx_restraint_function 
'X-RAY DIFFRACTION' ? 0.010  0.013   846  ? r_bond_refined_d               ? ? 
'X-RAY DIFFRACTION' ? 0.001  0.017   781  ? r_bond_other_d                 ? ? 
'X-RAY DIFFRACTION' ? 1.761  1.651   1136 ? r_angle_refined_deg            ? ? 
'X-RAY DIFFRACTION' ? 1.391  1.590   1808 ? r_angle_other_deg              ? ? 
'X-RAY DIFFRACTION' ? 4.230  5.000   103  ? r_dihedral_angle_1_deg         ? ? 
'X-RAY DIFFRACTION' ? 32.964 22.692  52   ? r_dihedral_angle_2_deg         ? ? 
'X-RAY DIFFRACTION' ? 19.741 15.000  160  ? r_dihedral_angle_3_deg         ? ? 
'X-RAY DIFFRACTION' ? 15.216 15.000  8    ? r_dihedral_angle_4_deg         ? ? 
'X-RAY DIFFRACTION' ? 0.084  0.200   109  ? r_chiral_restr                 ? ? 
'X-RAY DIFFRACTION' ? 0.007  0.020   936  ? r_gen_planes_refined           ? ? 
'X-RAY DIFFRACTION' ? 0.001  0.020   160  ? r_gen_planes_other             ? ? 
'X-RAY DIFFRACTION' ? 0.233  0.200   205  ? r_nbd_refined                  ? ? 
'X-RAY DIFFRACTION' ? 0.182  0.200   621  ? r_symmetry_nbd_other           ? ? 
'X-RAY DIFFRACTION' ? 0.155  0.200   400  ? r_nbtor_refined                ? ? 
'X-RAY DIFFRACTION' ? 0.088  0.200   395  ? r_symmetry_nbtor_other         ? ? 
'X-RAY DIFFRACTION' ? 0.158  0.200   24   ? r_xyhbond_nbd_refined          ? ? 
'X-RAY DIFFRACTION' ? 0.113  0.200   1    ? r_symmetry_xyhbond_nbd_other   ? ? 
'X-RAY DIFFRACTION' ? 0.197  0.200   16   ? r_symmetry_nbd_refined         ? ? 
'X-RAY DIFFRACTION' ? 0.330  0.200   61   ? r_nbd_other                    ? ? 
'X-RAY DIFFRACTION' ? 0.020  0.200   1    ? r_nbtor_other                  ? ? 
'X-RAY DIFFRACTION' ? 0.217  0.200   8    ? r_symmetry_xyhbond_nbd_refined ? ? 
'X-RAY DIFFRACTION' ? 9.868  12.122  417  ? r_mcbond_it                    ? ? 
'X-RAY DIFFRACTION' ? 9.838  12.100  414  ? r_mcbond_other                 ? ? 
'X-RAY DIFFRACTION' ? 12.290 18.092  517  ? r_mcangle_it                   ? ? 
'X-RAY DIFFRACTION' ? 12.279 18.104  518  ? r_mcangle_other                ? ? 
'X-RAY DIFFRACTION' ? 14.654 13.305  427  ? r_scbond_it                    ? ? 
'X-RAY DIFFRACTION' ? 14.640 13.306  428  ? r_scbond_other                 ? ? 
'X-RAY DIFFRACTION' ? 19.420 19.484  619  ? r_scangle_it                   ? ? 
'X-RAY DIFFRACTION' ? 19.405 19.492  620  ? r_scangle_other                ? ? 
'X-RAY DIFFRACTION' ? 19.464 143.836 941  ? r_lrange_it                    ? ? 
'X-RAY DIFFRACTION' ? 19.466 143.900 942  ? r_lrange_other                 ? ? 
# 
loop_
_refine_ls_shell.pdbx_refine_id 
_refine_ls_shell.d_res_high 
_refine_ls_shell.d_res_low 
_refine_ls_shell.number_reflns_all 
_refine_ls_shell.number_reflns_obs 
_refine_ls_shell.number_reflns_R_free 
_refine_ls_shell.number_reflns_R_work 
_refine_ls_shell.percent_reflns_obs 
_refine_ls_shell.percent_reflns_R_free 
_refine_ls_shell.R_factor_all 
_refine_ls_shell.R_factor_obs 
_refine_ls_shell.R_factor_R_free 
_refine_ls_shell.R_factor_R_free_error 
_refine_ls_shell.R_factor_R_work 
_refine_ls_shell.redundancy_reflns_all 
_refine_ls_shell.redundancy_reflns_obs 
_refine_ls_shell.wR_factor_all 
_refine_ls_shell.wR_factor_obs 
_refine_ls_shell.wR_factor_R_free 
_refine_ls_shell.wR_factor_R_work 
_refine_ls_shell.pdbx_R_complete 
_refine_ls_shell.pdbx_total_number_of_bins_used 
_refine_ls_shell.pdbx_phase_error 
_refine_ls_shell.pdbx_fsc_work 
_refine_ls_shell.pdbx_fsc_free 
'X-RAY DIFFRACTION' 2.900 2.975 . . 66 550 99.0354  . . . 0.376 . 0.448 . . . . . . . . . . . 
'X-RAY DIFFRACTION' 2.975 3.057 . . 63 560 100.0000 . . . 0.362 . 0.375 . . . . . . . . . . . 
'X-RAY DIFFRACTION' 3.057 3.145 . . 54 542 99.8325  . . . 0.334 . 0.326 . . . . . . . . . . . 
'X-RAY DIFFRACTION' 3.145 3.242 . . 48 531 99.8276  . . . 0.287 . 0.315 . . . . . . . . . . . 
'X-RAY DIFFRACTION' 3.242 3.348 . . 54 518 100.0000 . . . 0.223 . 0.243 . . . . . . . . . . . 
'X-RAY DIFFRACTION' 3.348 3.466 . . 61 488 99.8182  . . . 0.218 . 0.230 . . . . . . . . . . . 
'X-RAY DIFFRACTION' 3.466 3.596 . . 62 467 100.0000 . . . 0.201 . 0.238 . . . . . . . . . . . 
'X-RAY DIFFRACTION' 3.596 3.743 . . 47 467 99.4197  . . . 0.289 . 0.219 . . . . . . . . . . . 
'X-RAY DIFFRACTION' 3.743 3.909 . . 54 445 99.4024  . . . 0.259 . 0.212 . . . . . . . . . . . 
'X-RAY DIFFRACTION' 3.909 4.100 . . 36 430 100.0000 . . . 0.296 . 0.239 . . . . . . . . . . . 
'X-RAY DIFFRACTION' 4.100 4.321 . . 40 416 100.0000 . . . 0.329 . 0.240 . . . . . . . . . . . 
'X-RAY DIFFRACTION' 4.321 4.582 . . 41 393 100.0000 . . . 0.277 . 0.227 . . . . . . . . . . . 
'X-RAY DIFFRACTION' 4.582 4.898 . . 33 378 100.0000 . . . 0.302 . 0.228 . . . . . . . . . . . 
'X-RAY DIFFRACTION' 4.898 5.290 . . 31 346 100.0000 . . . 0.408 . 0.295 . . . . . . . . . . . 
'X-RAY DIFFRACTION' 5.290 5.793 . . 31 329 100.0000 . . . 0.349 . 0.346 . . . . . . . . . . . 
'X-RAY DIFFRACTION' 5.793 6.474 . . 34 293 99.6951  . . . 0.335 . 0.289 . . . . . . . . . . . 
'X-RAY DIFFRACTION' 6.474 7.470 . . 31 261 100.0000 . . . 0.239 . 0.237 . . . . . . . . . . . 
# 
_struct.entry_id                     6YJD 
_struct.title                        'Lamin A coil2 dimer stabilized by N-terminal capping' 
_struct.pdbx_model_details           ? 
_struct.pdbx_formula_weight          ? 
_struct.pdbx_formula_weight_method   ? 
_struct.pdbx_model_type_details      ? 
_struct.pdbx_CASP_flag               N 
# 
_struct_keywords.entry_id        6YJD 
_struct_keywords.text            'intermediate filaments, lamin, coiled-coil, NUCLEAR PROTEIN' 
_struct_keywords.pdbx_keywords   'NUCLEAR PROTEIN' 
# 
loop_
_struct_asym.id 
_struct_asym.pdbx_blank_PDB_chainid_flag 
_struct_asym.pdbx_modified 
_struct_asym.entity_id 
_struct_asym.details 
A N N 1 ? 
B N N 2 ? 
C N N 2 ? 
D N N 3 ? 
E N N 4 ? 
F N N 4 ? 
G N N 5 ? 
# 
loop_
_struct_ref.id 
_struct_ref.db_name 
_struct_ref.db_code 
_struct_ref.pdbx_db_accession 
_struct_ref.pdbx_db_isoform 
_struct_ref.entity_id 
_struct_ref.pdbx_seq_one_letter_code 
_struct_ref.pdbx_align_begin 
1 UNP SCAF_BPPH2 P13848 ?        1 MPLKPEEHEDILNKLLDPELAQSERTEALQQLRVNYGSFVSEYNDLTK                               1   
2 UNP LMNA_HUMAN P02545 P02545-2 1 SLARERDTSRRLLAEKEREMAEMRARMQQQLDEYQELLDIKLALDMEIHAYRKLLEGEEERLRLSPSPTSQRSRGRAS 326 
# 
loop_
_struct_ref_seq.align_id 
_struct_ref_seq.ref_id 
_struct_ref_seq.pdbx_PDB_id_code 
_struct_ref_seq.pdbx_strand_id 
_struct_ref_seq.seq_align_beg 
_struct_ref_seq.pdbx_seq_align_beg_ins_code 
_struct_ref_seq.seq_align_end 
_struct_ref_seq.pdbx_seq_align_end_ins_code 
_struct_ref_seq.pdbx_db_accession 
_struct_ref_seq.db_align_beg 
_struct_ref_seq.pdbx_db_align_beg_ins_code 
_struct_ref_seq.db_align_end 
_struct_ref_seq.pdbx_db_align_end_ins_code 
_struct_ref_seq.pdbx_auth_seq_align_beg 
_struct_ref_seq.pdbx_auth_seq_align_end 
1 1 6YJD A 2  ? 49  ? P13848 1   ? 48  ? 278 325 
2 2 6YJD A 50 ? 127 ? P02545 326 ? 403 ? 326 403 
# 
loop_
_struct_ref_seq_dif.align_id 
_struct_ref_seq_dif.pdbx_pdb_id_code 
_struct_ref_seq_dif.mon_id 
_struct_ref_seq_dif.pdbx_pdb_strand_id 
_struct_ref_seq_dif.seq_num 
_struct_ref_seq_dif.pdbx_pdb_ins_code 
_struct_ref_seq_dif.pdbx_seq_db_name 
_struct_ref_seq_dif.pdbx_seq_db_accession_code 
_struct_ref_seq_dif.db_mon_id 
_struct_ref_seq_dif.pdbx_seq_db_seq_num 
_struct_ref_seq_dif.details 
_struct_ref_seq_dif.pdbx_auth_seq_num 
_struct_ref_seq_dif.pdbx_ordinal 
1 6YJD GLY A 1  ? UNP P13848 ?   ?  'expression tag'      277 1 
1 6YJD CYS A 40 ? UNP P13848 PHE 39 'engineered mutation' 316 2 
# 
_pdbx_struct_assembly.id                   1 
_pdbx_struct_assembly.details              author_and_software_defined_assembly 
_pdbx_struct_assembly.method_details       PISA 
_pdbx_struct_assembly.oligomeric_details   dimeric 
_pdbx_struct_assembly.oligomeric_count     2 
# 
loop_
_pdbx_struct_assembly_prop.biol_id 
_pdbx_struct_assembly_prop.type 
_pdbx_struct_assembly_prop.value 
_pdbx_struct_assembly_prop.details 
1 'ABSA (A^2)' 6170  ? 
1 MORE         -78   ? 
1 'SSA (A^2)'  13820 ? 
# 
_pdbx_struct_assembly_gen.assembly_id       1 
_pdbx_struct_assembly_gen.oper_expression   1,2 
_pdbx_struct_assembly_gen.asym_id_list      A,B,C,D,E,F,G 
# 
_pdbx_struct_assembly_auth_evidence.id                     1 
_pdbx_struct_assembly_auth_evidence.assembly_id            1 
_pdbx_struct_assembly_auth_evidence.experimental_support   'gel filtration' 
_pdbx_struct_assembly_auth_evidence.details                ? 
# 
loop_
_pdbx_struct_oper_list.id 
_pdbx_struct_oper_list.type 
_pdbx_struct_oper_list.name 
_pdbx_struct_oper_list.symmetry_operation 
_pdbx_struct_oper_list.matrix[1][1] 
_pdbx_struct_oper_list.matrix[1][2] 
_pdbx_struct_oper_list.matrix[1][3] 
_pdbx_struct_oper_list.vector[1] 
_pdbx_struct_oper_list.matrix[2][1] 
_pdbx_struct_oper_list.matrix[2][2] 
_pdbx_struct_oper_list.matrix[2][3] 
_pdbx_struct_oper_list.vector[2] 
_pdbx_struct_oper_list.matrix[3][1] 
_pdbx_struct_oper_list.matrix[3][2] 
_pdbx_struct_oper_list.matrix[3][3] 
_pdbx_struct_oper_list.vector[3] 
1 'identity operation'         1_555  x,y,z           1.0000000000  0.0000000000 0.0000000000 0.0000000000 0.0000000000 1.0000000000  0.0000000000 0.0000000000 0.0000000000 0.0000000000 1.0000000000 0.0000000000  
2 'crystal symmetry operation' 11_454 -x+y-1,y,-z-1/2 -0.9679812641 0.1484616770 0.2024139391 3.3114466450 0.1484616770 -0.3116258672 0.9385352680 0.3695848838 0.2024139391 0.9385352680 0.2796071313 -0.7948935129 
# 
loop_
_struct_conf.conf_type_id 
_struct_conf.id 
_struct_conf.pdbx_PDB_helix_id 
_struct_conf.beg_label_comp_id 
_struct_conf.beg_label_asym_id 
_struct_conf.beg_label_seq_id 
_struct_conf.pdbx_beg_PDB_ins_code 
_struct_conf.end_label_comp_id 
_struct_conf.end_label_asym_id 
_struct_conf.end_label_seq_id 
_struct_conf.pdbx_end_PDB_ins_code 
_struct_conf.beg_auth_comp_id 
_struct_conf.beg_auth_asym_id 
_struct_conf.beg_auth_seq_id 
_struct_conf.end_auth_comp_id 
_struct_conf.end_auth_asym_id 
_struct_conf.end_auth_seq_id 
_struct_conf.pdbx_PDB_helix_class 
_struct_conf.details 
_struct_conf.pdbx_PDB_helix_length 
HELX_P HELX_P1 AA1 LYS A 5  ? ASP A 18  ? LYS A 281 ASP A 294 1 ? 14 
HELX_P HELX_P2 AA2 ALA A 22 ? LEU A 104 ? ALA A 298 LEU A 380 1 ? 83 
# 
_struct_conf_type.id          HELX_P 
_struct_conf_type.criteria    ? 
_struct_conf_type.reference   ? 
# 
loop_
_struct_conn.id 
_struct_conn.conn_type_id 
_struct_conn.pdbx_leaving_atom_flag 
_struct_conn.pdbx_PDB_id 
_struct_conn.ptnr1_label_asym_id 
_struct_conn.ptnr1_label_comp_id 
_struct_conn.ptnr1_label_seq_id 
_struct_conn.ptnr1_label_atom_id 
_struct_conn.pdbx_ptnr1_label_alt_id 
_struct_conn.pdbx_ptnr1_PDB_ins_code 
_struct_conn.pdbx_ptnr1_standard_comp_id 
_struct_conn.ptnr1_symmetry 
_struct_conn.ptnr2_label_asym_id 
_struct_conn.ptnr2_label_comp_id 
_struct_conn.ptnr2_label_seq_id 
_struct_conn.ptnr2_label_atom_id 
_struct_conn.pdbx_ptnr2_label_alt_id 
_struct_conn.pdbx_ptnr2_PDB_ins_code 
_struct_conn.ptnr1_auth_asym_id 
_struct_conn.ptnr1_auth_comp_id 
_struct_conn.ptnr1_auth_seq_id 
_struct_conn.ptnr2_auth_asym_id 
_struct_conn.ptnr2_auth_comp_id 
_struct_conn.ptnr2_auth_seq_id 
_struct_conn.ptnr2_symmetry 
_struct_conn.pdbx_ptnr3_label_atom_id 
_struct_conn.pdbx_ptnr3_label_seq_id 
_struct_conn.pdbx_ptnr3_label_comp_id 
_struct_conn.pdbx_ptnr3_label_asym_id 
_struct_conn.pdbx_ptnr3_label_alt_id 
_struct_conn.pdbx_ptnr3_PDB_ins_code 
_struct_conn.details 
_struct_conn.pdbx_dist_value 
_struct_conn.pdbx_value_order 
_struct_conn.pdbx_role 
disulf1 disulf ? ? A CYS 40 SG  ? ? ? 1_555 A CYS 40 SG ? ? A CYS 316 A CYS 316 11_454 ? ? ? ? ? ? ? 2.063 ? ? 
metalc1 metalc ? ? A HIS 9  NE2 ? ? ? 1_555 B NI  .  NI ? ? A HIS 285 A NI  501 1_555  ? ? ? ? ? ? ? 2.515 ? ? 
# 
loop_
_struct_conn_type.id 
_struct_conn_type.criteria 
_struct_conn_type.reference 
disulf ? ? 
metalc ? ? 
# 
_pdbx_modification_feature.ordinal                            1 
_pdbx_modification_feature.label_comp_id                      CYS 
_pdbx_modification_feature.label_asym_id                      A 
_pdbx_modification_feature.label_seq_id                       40 
_pdbx_modification_feature.label_alt_id                       ? 
_pdbx_modification_feature.modified_residue_label_comp_id     CYS 
_pdbx_modification_feature.modified_residue_label_asym_id     A 
_pdbx_modification_feature.modified_residue_label_seq_id      40 
_pdbx_modification_feature.modified_residue_label_alt_id      ? 
_pdbx_modification_feature.auth_comp_id                       CYS 
_pdbx_modification_feature.auth_asym_id                       A 
_pdbx_modification_feature.auth_seq_id                        316 
_pdbx_modification_feature.PDB_ins_code                       ? 
_pdbx_modification_feature.symmetry                           1_555 
_pdbx_modification_feature.modified_residue_auth_comp_id      CYS 
_pdbx_modification_feature.modified_residue_auth_asym_id      A 
_pdbx_modification_feature.modified_residue_auth_seq_id       316 
_pdbx_modification_feature.modified_residue_PDB_ins_code      ? 
_pdbx_modification_feature.modified_residue_symmetry          11_454 
_pdbx_modification_feature.comp_id_linking_atom               SG 
_pdbx_modification_feature.modified_residue_id_linking_atom   SG 
_pdbx_modification_feature.modified_residue_id                . 
_pdbx_modification_feature.ref_pcm_id                         . 
_pdbx_modification_feature.ref_comp_id                        . 
_pdbx_modification_feature.type                               None 
_pdbx_modification_feature.category                           'Disulfide bridge' 
# 
_pdbx_entry_details.entry_id                   6YJD 
_pdbx_entry_details.has_ligand_of_interest     N 
_pdbx_entry_details.compound_details           ? 
_pdbx_entry_details.source_details             ? 
_pdbx_entry_details.nonpolymer_details         ? 
_pdbx_entry_details.sequence_details           ? 
_pdbx_entry_details.has_protein_modification   Y 
# 
loop_
_space_group_symop.id 
_space_group_symop.operation_xyz 
1  x,y,z          
2  x-y,x,z+1/6    
3  y,-x+y,z+5/6   
4  -y,x-y,z+1/3   
5  -x+y,-x,z+2/3  
6  x-y,-y,-z      
7  -x,-x+y,-z+2/3 
8  -x,-y,z+1/2    
9  y,x,-z+1/3     
10 -y,-x,-z+5/6   
11 -x+y,y,-z+1/2  
12 x,x-y,-z+1/6   
# 
loop_
_pdbx_unobs_or_zero_occ_residues.id 
_pdbx_unobs_or_zero_occ_residues.PDB_model_num 
_pdbx_unobs_or_zero_occ_residues.polymer_flag 
_pdbx_unobs_or_zero_occ_residues.occupancy_flag 
_pdbx_unobs_or_zero_occ_residues.auth_asym_id 
_pdbx_unobs_or_zero_occ_residues.auth_comp_id 
_pdbx_unobs_or_zero_occ_residues.auth_seq_id 
_pdbx_unobs_or_zero_occ_residues.PDB_ins_code 
_pdbx_unobs_or_zero_occ_residues.label_asym_id 
_pdbx_unobs_or_zero_occ_residues.label_comp_id 
_pdbx_unobs_or_zero_occ_residues.label_seq_id 
1  1 Y 1 A GLY 277 ? A GLY 1   
2  1 Y 1 A GLY 382 ? A GLY 106 
3  1 Y 1 A GLU 383 ? A GLU 107 
4  1 Y 1 A GLU 384 ? A GLU 108 
5  1 Y 1 A GLU 385 ? A GLU 109 
6  1 Y 1 A ARG 386 ? A ARG 110 
7  1 Y 1 A LEU 387 ? A LEU 111 
8  1 Y 1 A ARG 388 ? A ARG 112 
9  1 Y 1 A LEU 389 ? A LEU 113 
10 1 Y 1 A SER 390 ? A SER 114 
11 1 Y 1 A PRO 391 ? A PRO 115 
12 1 Y 1 A SER 392 ? A SER 116 
13 1 Y 1 A PRO 393 ? A PRO 117 
14 1 Y 1 A THR 394 ? A THR 118 
15 1 Y 1 A SER 395 ? A SER 119 
16 1 Y 1 A GLN 396 ? A GLN 120 
17 1 Y 1 A ARG 397 ? A ARG 121 
18 1 Y 1 A SER 398 ? A SER 122 
19 1 Y 1 A ARG 399 ? A ARG 123 
20 1 Y 1 A GLY 400 ? A GLY 124 
21 1 Y 1 A ARG 401 ? A ARG 125 
22 1 Y 1 A ALA 402 ? A ALA 126 
23 1 Y 1 A SER 403 ? A SER 127 
# 
loop_
_chem_comp_atom.comp_id 
_chem_comp_atom.atom_id 
_chem_comp_atom.type_symbol 
_chem_comp_atom.pdbx_aromatic_flag 
_chem_comp_atom.pdbx_stereo_config 
_chem_comp_atom.pdbx_ordinal 
ALA N    N  N N 1   
ALA CA   C  N S 2   
ALA C    C  N N 3   
ALA O    O  N N 4   
ALA CB   C  N N 5   
ALA OXT  O  N N 6   
ALA H    H  N N 7   
ALA H2   H  N N 8   
ALA HA   H  N N 9   
ALA HB1  H  N N 10  
ALA HB2  H  N N 11  
ALA HB3  H  N N 12  
ALA HXT  H  N N 13  
ARG N    N  N N 14  
ARG CA   C  N S 15  
ARG C    C  N N 16  
ARG O    O  N N 17  
ARG CB   C  N N 18  
ARG CG   C  N N 19  
ARG CD   C  N N 20  
ARG NE   N  N N 21  
ARG CZ   C  N N 22  
ARG NH1  N  N N 23  
ARG NH2  N  N N 24  
ARG OXT  O  N N 25  
ARG H    H  N N 26  
ARG H2   H  N N 27  
ARG HA   H  N N 28  
ARG HB2  H  N N 29  
ARG HB3  H  N N 30  
ARG HG2  H  N N 31  
ARG HG3  H  N N 32  
ARG HD2  H  N N 33  
ARG HD3  H  N N 34  
ARG HE   H  N N 35  
ARG HH11 H  N N 36  
ARG HH12 H  N N 37  
ARG HH21 H  N N 38  
ARG HH22 H  N N 39  
ARG HXT  H  N N 40  
ASN N    N  N N 41  
ASN CA   C  N S 42  
ASN C    C  N N 43  
ASN O    O  N N 44  
ASN CB   C  N N 45  
ASN CG   C  N N 46  
ASN OD1  O  N N 47  
ASN ND2  N  N N 48  
ASN OXT  O  N N 49  
ASN H    H  N N 50  
ASN H2   H  N N 51  
ASN HA   H  N N 52  
ASN HB2  H  N N 53  
ASN HB3  H  N N 54  
ASN HD21 H  N N 55  
ASN HD22 H  N N 56  
ASN HXT  H  N N 57  
ASP N    N  N N 58  
ASP CA   C  N S 59  
ASP C    C  N N 60  
ASP O    O  N N 61  
ASP CB   C  N N 62  
ASP CG   C  N N 63  
ASP OD1  O  N N 64  
ASP OD2  O  N N 65  
ASP OXT  O  N N 66  
ASP H    H  N N 67  
ASP H2   H  N N 68  
ASP HA   H  N N 69  
ASP HB2  H  N N 70  
ASP HB3  H  N N 71  
ASP HD2  H  N N 72  
ASP HXT  H  N N 73  
CL  CL   CL N N 74  
CYS N    N  N N 75  
CYS CA   C  N R 76  
CYS C    C  N N 77  
CYS O    O  N N 78  
CYS CB   C  N N 79  
CYS SG   S  N N 80  
CYS OXT  O  N N 81  
CYS H    H  N N 82  
CYS H2   H  N N 83  
CYS HA   H  N N 84  
CYS HB2  H  N N 85  
CYS HB3  H  N N 86  
CYS HG   H  N N 87  
CYS HXT  H  N N 88  
GLN N    N  N N 89  
GLN CA   C  N S 90  
GLN C    C  N N 91  
GLN O    O  N N 92  
GLN CB   C  N N 93  
GLN CG   C  N N 94  
GLN CD   C  N N 95  
GLN OE1  O  N N 96  
GLN NE2  N  N N 97  
GLN OXT  O  N N 98  
GLN H    H  N N 99  
GLN H2   H  N N 100 
GLN HA   H  N N 101 
GLN HB2  H  N N 102 
GLN HB3  H  N N 103 
GLN HG2  H  N N 104 
GLN HG3  H  N N 105 
GLN HE21 H  N N 106 
GLN HE22 H  N N 107 
GLN HXT  H  N N 108 
GLU N    N  N N 109 
GLU CA   C  N S 110 
GLU C    C  N N 111 
GLU O    O  N N 112 
GLU CB   C  N N 113 
GLU CG   C  N N 114 
GLU CD   C  N N 115 
GLU OE1  O  N N 116 
GLU OE2  O  N N 117 
GLU OXT  O  N N 118 
GLU H    H  N N 119 
GLU H2   H  N N 120 
GLU HA   H  N N 121 
GLU HB2  H  N N 122 
GLU HB3  H  N N 123 
GLU HG2  H  N N 124 
GLU HG3  H  N N 125 
GLU HE2  H  N N 126 
GLU HXT  H  N N 127 
GLY N    N  N N 128 
GLY CA   C  N N 129 
GLY C    C  N N 130 
GLY O    O  N N 131 
GLY OXT  O  N N 132 
GLY H    H  N N 133 
GLY H2   H  N N 134 
GLY HA2  H  N N 135 
GLY HA3  H  N N 136 
GLY HXT  H  N N 137 
HIS N    N  N N 138 
HIS CA   C  N S 139 
HIS C    C  N N 140 
HIS O    O  N N 141 
HIS CB   C  N N 142 
HIS CG   C  Y N 143 
HIS ND1  N  Y N 144 
HIS CD2  C  Y N 145 
HIS CE1  C  Y N 146 
HIS NE2  N  Y N 147 
HIS OXT  O  N N 148 
HIS H    H  N N 149 
HIS H2   H  N N 150 
HIS HA   H  N N 151 
HIS HB2  H  N N 152 
HIS HB3  H  N N 153 
HIS HD1  H  N N 154 
HIS HD2  H  N N 155 
HIS HE1  H  N N 156 
HIS HE2  H  N N 157 
HIS HXT  H  N N 158 
HOH O    O  N N 159 
HOH H1   H  N N 160 
HOH H2   H  N N 161 
ILE N    N  N N 162 
ILE CA   C  N S 163 
ILE C    C  N N 164 
ILE O    O  N N 165 
ILE CB   C  N S 166 
ILE CG1  C  N N 167 
ILE CG2  C  N N 168 
ILE CD1  C  N N 169 
ILE OXT  O  N N 170 
ILE H    H  N N 171 
ILE H2   H  N N 172 
ILE HA   H  N N 173 
ILE HB   H  N N 174 
ILE HG12 H  N N 175 
ILE HG13 H  N N 176 
ILE HG21 H  N N 177 
ILE HG22 H  N N 178 
ILE HG23 H  N N 179 
ILE HD11 H  N N 180 
ILE HD12 H  N N 181 
ILE HD13 H  N N 182 
ILE HXT  H  N N 183 
LEU N    N  N N 184 
LEU CA   C  N S 185 
LEU C    C  N N 186 
LEU O    O  N N 187 
LEU CB   C  N N 188 
LEU CG   C  N N 189 
LEU CD1  C  N N 190 
LEU CD2  C  N N 191 
LEU OXT  O  N N 192 
LEU H    H  N N 193 
LEU H2   H  N N 194 
LEU HA   H  N N 195 
LEU HB2  H  N N 196 
LEU HB3  H  N N 197 
LEU HG   H  N N 198 
LEU HD11 H  N N 199 
LEU HD12 H  N N 200 
LEU HD13 H  N N 201 
LEU HD21 H  N N 202 
LEU HD22 H  N N 203 
LEU HD23 H  N N 204 
LEU HXT  H  N N 205 
LYS N    N  N N 206 
LYS CA   C  N S 207 
LYS C    C  N N 208 
LYS O    O  N N 209 
LYS CB   C  N N 210 
LYS CG   C  N N 211 
LYS CD   C  N N 212 
LYS CE   C  N N 213 
LYS NZ   N  N N 214 
LYS OXT  O  N N 215 
LYS H    H  N N 216 
LYS H2   H  N N 217 
LYS HA   H  N N 218 
LYS HB2  H  N N 219 
LYS HB3  H  N N 220 
LYS HG2  H  N N 221 
LYS HG3  H  N N 222 
LYS HD2  H  N N 223 
LYS HD3  H  N N 224 
LYS HE2  H  N N 225 
LYS HE3  H  N N 226 
LYS HZ1  H  N N 227 
LYS HZ2  H  N N 228 
LYS HZ3  H  N N 229 
LYS HXT  H  N N 230 
MET N    N  N N 231 
MET CA   C  N S 232 
MET C    C  N N 233 
MET O    O  N N 234 
MET CB   C  N N 235 
MET CG   C  N N 236 
MET SD   S  N N 237 
MET CE   C  N N 238 
MET OXT  O  N N 239 
MET H    H  N N 240 
MET H2   H  N N 241 
MET HA   H  N N 242 
MET HB2  H  N N 243 
MET HB3  H  N N 244 
MET HG2  H  N N 245 
MET HG3  H  N N 246 
MET HE1  H  N N 247 
MET HE2  H  N N 248 
MET HE3  H  N N 249 
MET HXT  H  N N 250 
NI  NI   NI N N 251 
PHE N    N  N N 252 
PHE CA   C  N S 253 
PHE C    C  N N 254 
PHE O    O  N N 255 
PHE CB   C  N N 256 
PHE CG   C  Y N 257 
PHE CD1  C  Y N 258 
PHE CD2  C  Y N 259 
PHE CE1  C  Y N 260 
PHE CE2  C  Y N 261 
PHE CZ   C  Y N 262 
PHE OXT  O  N N 263 
PHE H    H  N N 264 
PHE H2   H  N N 265 
PHE HA   H  N N 266 
PHE HB2  H  N N 267 
PHE HB3  H  N N 268 
PHE HD1  H  N N 269 
PHE HD2  H  N N 270 
PHE HE1  H  N N 271 
PHE HE2  H  N N 272 
PHE HZ   H  N N 273 
PHE HXT  H  N N 274 
PRO N    N  N N 275 
PRO CA   C  N S 276 
PRO C    C  N N 277 
PRO O    O  N N 278 
PRO CB   C  N N 279 
PRO CG   C  N N 280 
PRO CD   C  N N 281 
PRO OXT  O  N N 282 
PRO H    H  N N 283 
PRO HA   H  N N 284 
PRO HB2  H  N N 285 
PRO HB3  H  N N 286 
PRO HG2  H  N N 287 
PRO HG3  H  N N 288 
PRO HD2  H  N N 289 
PRO HD3  H  N N 290 
PRO HXT  H  N N 291 
SER N    N  N N 292 
SER CA   C  N S 293 
SER C    C  N N 294 
SER O    O  N N 295 
SER CB   C  N N 296 
SER OG   O  N N 297 
SER OXT  O  N N 298 
SER H    H  N N 299 
SER H2   H  N N 300 
SER HA   H  N N 301 
SER HB2  H  N N 302 
SER HB3  H  N N 303 
SER HG   H  N N 304 
SER HXT  H  N N 305 
THR N    N  N N 306 
THR CA   C  N S 307 
THR C    C  N N 308 
THR O    O  N N 309 
THR CB   C  N R 310 
THR OG1  O  N N 311 
THR CG2  C  N N 312 
THR OXT  O  N N 313 
THR H    H  N N 314 
THR H2   H  N N 315 
THR HA   H  N N 316 
THR HB   H  N N 317 
THR HG1  H  N N 318 
THR HG21 H  N N 319 
THR HG22 H  N N 320 
THR HG23 H  N N 321 
THR HXT  H  N N 322 
TRS C    C  N N 323 
TRS C1   C  N N 324 
TRS C2   C  N N 325 
TRS C3   C  N N 326 
TRS N    N  N N 327 
TRS O1   O  N N 328 
TRS O2   O  N N 329 
TRS O3   O  N N 330 
TRS H11  H  N N 331 
TRS H12  H  N N 332 
TRS H21  H  N N 333 
TRS H22  H  N N 334 
TRS H31  H  N N 335 
TRS H32  H  N N 336 
TRS HN1  H  N N 337 
TRS HN2  H  N N 338 
TRS HN3  H  N N 339 
TRS HO1  H  N N 340 
TRS HO2  H  N N 341 
TRS HO3  H  N N 342 
TYR N    N  N N 343 
TYR CA   C  N S 344 
TYR C    C  N N 345 
TYR O    O  N N 346 
TYR CB   C  N N 347 
TYR CG   C  Y N 348 
TYR CD1  C  Y N 349 
TYR CD2  C  Y N 350 
TYR CE1  C  Y N 351 
TYR CE2  C  Y N 352 
TYR CZ   C  Y N 353 
TYR OH   O  N N 354 
TYR OXT  O  N N 355 
TYR H    H  N N 356 
TYR H2   H  N N 357 
TYR HA   H  N N 358 
TYR HB2  H  N N 359 
TYR HB3  H  N N 360 
TYR HD1  H  N N 361 
TYR HD2  H  N N 362 
TYR HE1  H  N N 363 
TYR HE2  H  N N 364 
TYR HH   H  N N 365 
TYR HXT  H  N N 366 
VAL N    N  N N 367 
VAL CA   C  N S 368 
VAL C    C  N N 369 
VAL O    O  N N 370 
VAL CB   C  N N 371 
VAL CG1  C  N N 372 
VAL CG2  C  N N 373 
VAL OXT  O  N N 374 
VAL H    H  N N 375 
VAL H2   H  N N 376 
VAL HA   H  N N 377 
VAL HB   H  N N 378 
VAL HG11 H  N N 379 
VAL HG12 H  N N 380 
VAL HG13 H  N N 381 
VAL HG21 H  N N 382 
VAL HG22 H  N N 383 
VAL HG23 H  N N 384 
VAL HXT  H  N N 385 
# 
loop_
_chem_comp_bond.comp_id 
_chem_comp_bond.atom_id_1 
_chem_comp_bond.atom_id_2 
_chem_comp_bond.value_order 
_chem_comp_bond.pdbx_aromatic_flag 
_chem_comp_bond.pdbx_stereo_config 
_chem_comp_bond.pdbx_ordinal 
ALA N   CA   sing N N 1   
ALA N   H    sing N N 2   
ALA N   H2   sing N N 3   
ALA CA  C    sing N N 4   
ALA CA  CB   sing N N 5   
ALA CA  HA   sing N N 6   
ALA C   O    doub N N 7   
ALA C   OXT  sing N N 8   
ALA CB  HB1  sing N N 9   
ALA CB  HB2  sing N N 10  
ALA CB  HB3  sing N N 11  
ALA OXT HXT  sing N N 12  
ARG N   CA   sing N N 13  
ARG N   H    sing N N 14  
ARG N   H2   sing N N 15  
ARG CA  C    sing N N 16  
ARG CA  CB   sing N N 17  
ARG CA  HA   sing N N 18  
ARG C   O    doub N N 19  
ARG C   OXT  sing N N 20  
ARG CB  CG   sing N N 21  
ARG CB  HB2  sing N N 22  
ARG CB  HB3  sing N N 23  
ARG CG  CD   sing N N 24  
ARG CG  HG2  sing N N 25  
ARG CG  HG3  sing N N 26  
ARG CD  NE   sing N N 27  
ARG CD  HD2  sing N N 28  
ARG CD  HD3  sing N N 29  
ARG NE  CZ   sing N N 30  
ARG NE  HE   sing N N 31  
ARG CZ  NH1  sing N N 32  
ARG CZ  NH2  doub N N 33  
ARG NH1 HH11 sing N N 34  
ARG NH1 HH12 sing N N 35  
ARG NH2 HH21 sing N N 36  
ARG NH2 HH22 sing N N 37  
ARG OXT HXT  sing N N 38  
ASN N   CA   sing N N 39  
ASN N   H    sing N N 40  
ASN N   H2   sing N N 41  
ASN CA  C    sing N N 42  
ASN CA  CB   sing N N 43  
ASN CA  HA   sing N N 44  
ASN C   O    doub N N 45  
ASN C   OXT  sing N N 46  
ASN CB  CG   sing N N 47  
ASN CB  HB2  sing N N 48  
ASN CB  HB3  sing N N 49  
ASN CG  OD1  doub N N 50  
ASN CG  ND2  sing N N 51  
ASN ND2 HD21 sing N N 52  
ASN ND2 HD22 sing N N 53  
ASN OXT HXT  sing N N 54  
ASP N   CA   sing N N 55  
ASP N   H    sing N N 56  
ASP N   H2   sing N N 57  
ASP CA  C    sing N N 58  
ASP CA  CB   sing N N 59  
ASP CA  HA   sing N N 60  
ASP C   O    doub N N 61  
ASP C   OXT  sing N N 62  
ASP CB  CG   sing N N 63  
ASP CB  HB2  sing N N 64  
ASP CB  HB3  sing N N 65  
ASP CG  OD1  doub N N 66  
ASP CG  OD2  sing N N 67  
ASP OD2 HD2  sing N N 68  
ASP OXT HXT  sing N N 69  
CYS N   CA   sing N N 70  
CYS N   H    sing N N 71  
CYS N   H2   sing N N 72  
CYS CA  C    sing N N 73  
CYS CA  CB   sing N N 74  
CYS CA  HA   sing N N 75  
CYS C   O    doub N N 76  
CYS C   OXT  sing N N 77  
CYS CB  SG   sing N N 78  
CYS CB  HB2  sing N N 79  
CYS CB  HB3  sing N N 80  
CYS SG  HG   sing N N 81  
CYS OXT HXT  sing N N 82  
GLN N   CA   sing N N 83  
GLN N   H    sing N N 84  
GLN N   H2   sing N N 85  
GLN CA  C    sing N N 86  
GLN CA  CB   sing N N 87  
GLN CA  HA   sing N N 88  
GLN C   O    doub N N 89  
GLN C   OXT  sing N N 90  
GLN CB  CG   sing N N 91  
GLN CB  HB2  sing N N 92  
GLN CB  HB3  sing N N 93  
GLN CG  CD   sing N N 94  
GLN CG  HG2  sing N N 95  
GLN CG  HG3  sing N N 96  
GLN CD  OE1  doub N N 97  
GLN CD  NE2  sing N N 98  
GLN NE2 HE21 sing N N 99  
GLN NE2 HE22 sing N N 100 
GLN OXT HXT  sing N N 101 
GLU N   CA   sing N N 102 
GLU N   H    sing N N 103 
GLU N   H2   sing N N 104 
GLU CA  C    sing N N 105 
GLU CA  CB   sing N N 106 
GLU CA  HA   sing N N 107 
GLU C   O    doub N N 108 
GLU C   OXT  sing N N 109 
GLU CB  CG   sing N N 110 
GLU CB  HB2  sing N N 111 
GLU CB  HB3  sing N N 112 
GLU CG  CD   sing N N 113 
GLU CG  HG2  sing N N 114 
GLU CG  HG3  sing N N 115 
GLU CD  OE1  doub N N 116 
GLU CD  OE2  sing N N 117 
GLU OE2 HE2  sing N N 118 
GLU OXT HXT  sing N N 119 
GLY N   CA   sing N N 120 
GLY N   H    sing N N 121 
GLY N   H2   sing N N 122 
GLY CA  C    sing N N 123 
GLY CA  HA2  sing N N 124 
GLY CA  HA3  sing N N 125 
GLY C   O    doub N N 126 
GLY C   OXT  sing N N 127 
GLY OXT HXT  sing N N 128 
HIS N   CA   sing N N 129 
HIS N   H    sing N N 130 
HIS N   H2   sing N N 131 
HIS CA  C    sing N N 132 
HIS CA  CB   sing N N 133 
HIS CA  HA   sing N N 134 
HIS C   O    doub N N 135 
HIS C   OXT  sing N N 136 
HIS CB  CG   sing N N 137 
HIS CB  HB2  sing N N 138 
HIS CB  HB3  sing N N 139 
HIS CG  ND1  sing Y N 140 
HIS CG  CD2  doub Y N 141 
HIS ND1 CE1  doub Y N 142 
HIS ND1 HD1  sing N N 143 
HIS CD2 NE2  sing Y N 144 
HIS CD2 HD2  sing N N 145 
HIS CE1 NE2  sing Y N 146 
HIS CE1 HE1  sing N N 147 
HIS NE2 HE2  sing N N 148 
HIS OXT HXT  sing N N 149 
HOH O   H1   sing N N 150 
HOH O   H2   sing N N 151 
ILE N   CA   sing N N 152 
ILE N   H    sing N N 153 
ILE N   H2   sing N N 154 
ILE CA  C    sing N N 155 
ILE CA  CB   sing N N 156 
ILE CA  HA   sing N N 157 
ILE C   O    doub N N 158 
ILE C   OXT  sing N N 159 
ILE CB  CG1  sing N N 160 
ILE CB  CG2  sing N N 161 
ILE CB  HB   sing N N 162 
ILE CG1 CD1  sing N N 163 
ILE CG1 HG12 sing N N 164 
ILE CG1 HG13 sing N N 165 
ILE CG2 HG21 sing N N 166 
ILE CG2 HG22 sing N N 167 
ILE CG2 HG23 sing N N 168 
ILE CD1 HD11 sing N N 169 
ILE CD1 HD12 sing N N 170 
ILE CD1 HD13 sing N N 171 
ILE OXT HXT  sing N N 172 
LEU N   CA   sing N N 173 
LEU N   H    sing N N 174 
LEU N   H2   sing N N 175 
LEU CA  C    sing N N 176 
LEU CA  CB   sing N N 177 
LEU CA  HA   sing N N 178 
LEU C   O    doub N N 179 
LEU C   OXT  sing N N 180 
LEU CB  CG   sing N N 181 
LEU CB  HB2  sing N N 182 
LEU CB  HB3  sing N N 183 
LEU CG  CD1  sing N N 184 
LEU CG  CD2  sing N N 185 
LEU CG  HG   sing N N 186 
LEU CD1 HD11 sing N N 187 
LEU CD1 HD12 sing N N 188 
LEU CD1 HD13 sing N N 189 
LEU CD2 HD21 sing N N 190 
LEU CD2 HD22 sing N N 191 
LEU CD2 HD23 sing N N 192 
LEU OXT HXT  sing N N 193 
LYS N   CA   sing N N 194 
LYS N   H    sing N N 195 
LYS N   H2   sing N N 196 
LYS CA  C    sing N N 197 
LYS CA  CB   sing N N 198 
LYS CA  HA   sing N N 199 
LYS C   O    doub N N 200 
LYS C   OXT  sing N N 201 
LYS CB  CG   sing N N 202 
LYS CB  HB2  sing N N 203 
LYS CB  HB3  sing N N 204 
LYS CG  CD   sing N N 205 
LYS CG  HG2  sing N N 206 
LYS CG  HG3  sing N N 207 
LYS CD  CE   sing N N 208 
LYS CD  HD2  sing N N 209 
LYS CD  HD3  sing N N 210 
LYS CE  NZ   sing N N 211 
LYS CE  HE2  sing N N 212 
LYS CE  HE3  sing N N 213 
LYS NZ  HZ1  sing N N 214 
LYS NZ  HZ2  sing N N 215 
LYS NZ  HZ3  sing N N 216 
LYS OXT HXT  sing N N 217 
MET N   CA   sing N N 218 
MET N   H    sing N N 219 
MET N   H2   sing N N 220 
MET CA  C    sing N N 221 
MET CA  CB   sing N N 222 
MET CA  HA   sing N N 223 
MET C   O    doub N N 224 
MET C   OXT  sing N N 225 
MET CB  CG   sing N N 226 
MET CB  HB2  sing N N 227 
MET CB  HB3  sing N N 228 
MET CG  SD   sing N N 229 
MET CG  HG2  sing N N 230 
MET CG  HG3  sing N N 231 
MET SD  CE   sing N N 232 
MET CE  HE1  sing N N 233 
MET CE  HE2  sing N N 234 
MET CE  HE3  sing N N 235 
MET OXT HXT  sing N N 236 
PHE N   CA   sing N N 237 
PHE N   H    sing N N 238 
PHE N   H2   sing N N 239 
PHE CA  C    sing N N 240 
PHE CA  CB   sing N N 241 
PHE CA  HA   sing N N 242 
PHE C   O    doub N N 243 
PHE C   OXT  sing N N 244 
PHE CB  CG   sing N N 245 
PHE CB  HB2  sing N N 246 
PHE CB  HB3  sing N N 247 
PHE CG  CD1  doub Y N 248 
PHE CG  CD2  sing Y N 249 
PHE CD1 CE1  sing Y N 250 
PHE CD1 HD1  sing N N 251 
PHE CD2 CE2  doub Y N 252 
PHE CD2 HD2  sing N N 253 
PHE CE1 CZ   doub Y N 254 
PHE CE1 HE1  sing N N 255 
PHE CE2 CZ   sing Y N 256 
PHE CE2 HE2  sing N N 257 
PHE CZ  HZ   sing N N 258 
PHE OXT HXT  sing N N 259 
PRO N   CA   sing N N 260 
PRO N   CD   sing N N 261 
PRO N   H    sing N N 262 
PRO CA  C    sing N N 263 
PRO CA  CB   sing N N 264 
PRO CA  HA   sing N N 265 
PRO C   O    doub N N 266 
PRO C   OXT  sing N N 267 
PRO CB  CG   sing N N 268 
PRO CB  HB2  sing N N 269 
PRO CB  HB3  sing N N 270 
PRO CG  CD   sing N N 271 
PRO CG  HG2  sing N N 272 
PRO CG  HG3  sing N N 273 
PRO CD  HD2  sing N N 274 
PRO CD  HD3  sing N N 275 
PRO OXT HXT  sing N N 276 
SER N   CA   sing N N 277 
SER N   H    sing N N 278 
SER N   H2   sing N N 279 
SER CA  C    sing N N 280 
SER CA  CB   sing N N 281 
SER CA  HA   sing N N 282 
SER C   O    doub N N 283 
SER C   OXT  sing N N 284 
SER CB  OG   sing N N 285 
SER CB  HB2  sing N N 286 
SER CB  HB3  sing N N 287 
SER OG  HG   sing N N 288 
SER OXT HXT  sing N N 289 
THR N   CA   sing N N 290 
THR N   H    sing N N 291 
THR N   H2   sing N N 292 
THR CA  C    sing N N 293 
THR CA  CB   sing N N 294 
THR CA  HA   sing N N 295 
THR C   O    doub N N 296 
THR C   OXT  sing N N 297 
THR CB  OG1  sing N N 298 
THR CB  CG2  sing N N 299 
THR CB  HB   sing N N 300 
THR OG1 HG1  sing N N 301 
THR CG2 HG21 sing N N 302 
THR CG2 HG22 sing N N 303 
THR CG2 HG23 sing N N 304 
THR OXT HXT  sing N N 305 
TRS C   C1   sing N N 306 
TRS C   C2   sing N N 307 
TRS C   C3   sing N N 308 
TRS C   N    sing N N 309 
TRS C1  O1   sing N N 310 
TRS C1  H11  sing N N 311 
TRS C1  H12  sing N N 312 
TRS C2  O2   sing N N 313 
TRS C2  H21  sing N N 314 
TRS C2  H22  sing N N 315 
TRS C3  O3   sing N N 316 
TRS C3  H31  sing N N 317 
TRS C3  H32  sing N N 318 
TRS N   HN1  sing N N 319 
TRS N   HN2  sing N N 320 
TRS N   HN3  sing N N 321 
TRS O1  HO1  sing N N 322 
TRS O2  HO2  sing N N 323 
TRS O3  HO3  sing N N 324 
TYR N   CA   sing N N 325 
TYR N   H    sing N N 326 
TYR N   H2   sing N N 327 
TYR CA  C    sing N N 328 
TYR CA  CB   sing N N 329 
TYR CA  HA   sing N N 330 
TYR C   O    doub N N 331 
TYR C   OXT  sing N N 332 
TYR CB  CG   sing N N 333 
TYR CB  HB2  sing N N 334 
TYR CB  HB3  sing N N 335 
TYR CG  CD1  doub Y N 336 
TYR CG  CD2  sing Y N 337 
TYR CD1 CE1  sing Y N 338 
TYR CD1 HD1  sing N N 339 
TYR CD2 CE2  doub Y N 340 
TYR CD2 HD2  sing N N 341 
TYR CE1 CZ   doub Y N 342 
TYR CE1 HE1  sing N N 343 
TYR CE2 CZ   sing Y N 344 
TYR CE2 HE2  sing N N 345 
TYR CZ  OH   sing N N 346 
TYR OH  HH   sing N N 347 
TYR OXT HXT  sing N N 348 
VAL N   CA   sing N N 349 
VAL N   H    sing N N 350 
VAL N   H2   sing N N 351 
VAL CA  C    sing N N 352 
VAL CA  CB   sing N N 353 
VAL CA  HA   sing N N 354 
VAL C   O    doub N N 355 
VAL C   OXT  sing N N 356 
VAL CB  CG1  sing N N 357 
VAL CB  CG2  sing N N 358 
VAL CB  HB   sing N N 359 
VAL CG1 HG11 sing N N 360 
VAL CG1 HG12 sing N N 361 
VAL CG1 HG13 sing N N 362 
VAL CG2 HG21 sing N N 363 
VAL CG2 HG22 sing N N 364 
VAL CG2 HG23 sing N N 365 
VAL OXT HXT  sing N N 366 
# 
_pdbx_audit_support.funding_organization   'KU Leuven' 
_pdbx_audit_support.country                Belgium 
_pdbx_audit_support.grant_number           'CELSA 18/044' 
_pdbx_audit_support.ordinal                1 
# 
_space_group.name_H-M_alt     'P 61 2 2' 
_space_group.name_Hall        'P 61 2 (x,y,z+5/12)' 
_space_group.IT_number        178 
_space_group.crystal_system   hexagonal 
_space_group.id               1 
# 
_atom_sites.entry_id                    6YJD 
_atom_sites.Cartn_transf_matrix[1][1]   ? 
_atom_sites.Cartn_transf_matrix[1][2]   ? 
_atom_sites.Cartn_transf_matrix[1][3]   ? 
_atom_sites.Cartn_transf_matrix[2][1]   ? 
_atom_sites.Cartn_transf_matrix[2][2]   ? 
_atom_sites.Cartn_transf_matrix[2][3]   ? 
_atom_sites.Cartn_transf_matrix[3][1]   ? 
_atom_sites.Cartn_transf_matrix[3][2]   ? 
_atom_sites.Cartn_transf_matrix[3][3]   ? 
_atom_sites.Cartn_transf_vector[1]      ? 
_atom_sites.Cartn_transf_vector[2]      ? 
_atom_sites.Cartn_transf_vector[3]      ? 
_atom_sites.fract_transf_matrix[1][1]   0.00194742 
_atom_sites.fract_transf_matrix[1][2]   -0.00400376 
_atom_sites.fract_transf_matrix[1][3]   0.00878448 
_atom_sites.fract_transf_matrix[2][1]   0.00124605 
_atom_sites.fract_transf_matrix[2][2]   0.00577757 
_atom_sites.fract_transf_matrix[2][3]   0.00787719 
_atom_sites.fract_transf_matrix[3][1]   -0.01051744 
_atom_sites.fract_transf_matrix[3][2]   -0.00056163 
_atom_sites.fract_transf_matrix[3][3]   0.00207563 
_atom_sites.fract_transf_vector[1]      -0.446537 
_atom_sites.fract_transf_vector[2]      0.104937 
_atom_sites.fract_transf_vector[3]      -0.231665 
_atom_sites.solution_primary            ? 
_atom_sites.solution_secondary          ? 
_atom_sites.solution_hydrogens          ? 
_atom_sites.special_details             ? 
# 
loop_
_atom_type.symbol 
_atom_type.scat_dispersion_real 
_atom_type.scat_dispersion_imag 
_atom_type.scat_Cromer_Mann_a1 
_atom_type.scat_Cromer_Mann_a2 
_atom_type.scat_Cromer_Mann_a3 
_atom_type.scat_Cromer_Mann_a4 
_atom_type.scat_Cromer_Mann_b1 
_atom_type.scat_Cromer_Mann_b2 
_atom_type.scat_Cromer_Mann_b3 
_atom_type.scat_Cromer_Mann_b4 
_atom_type.scat_Cromer_Mann_c 
_atom_type.scat_source 
_atom_type.scat_dispersion_source 
C  ? ? 3.54356  2.42580 ? ? 25.62398 1.50364  ? ? 0.0 
;2-Gaussian fit: Grosse-Kunstleve RW, Sauter NK, Adams PD: Newsletter of the IUCr Commission on Crystallographic Computing 2004, 3, 22-31.
;
? 
CL ? ? 9.50761  7.44341 ? ? 1.04373  23.83732 ? ? 0.0 
;2-Gaussian fit: Grosse-Kunstleve RW, Sauter NK, Adams PD: Newsletter of the IUCr Commission on Crystallographic Computing 2004, 3, 22-31.
;
? 
N  ? ? 4.01032  2.96436 ? ? 19.97189 1.75589  ? ? 0.0 
;2-Gaussian fit: Grosse-Kunstleve RW, Sauter NK, Adams PD: Newsletter of the IUCr Commission on Crystallographic Computing 2004, 3, 22-31.
;
? 
NI ? ? 22.93579 4.97432 ? ? 2.39430  34.99046 ? ? 0.0 
;2-Gaussian fit: Grosse-Kunstleve RW, Sauter NK, Adams PD: Newsletter of the IUCr Commission on Crystallographic Computing 2004, 3, 22-31.
;
? 
O  ? ? 7.96527  ?       ? ? 9.05267  ?        ? ? 0.0 
;1-Gaussian fit: Grosse-Kunstleve RW, Sauter NK, Adams PD: Newsletter of the IUCr Commission on Crystallographic Computing 2004, 3, 22-31.
;
? 
S  ? ? 9.55732  6.39887 ? ? 1.23737  29.19336 ? ? 0.0 
;2-Gaussian fit: Grosse-Kunstleve RW, Sauter NK, Adams PD: Newsletter of the IUCr Commission on Crystallographic Computing 2004, 3, 22-31.
;
? 
# 
loop_
_atom_site.group_PDB 
_atom_site.id 
_atom_site.type_symbol 
_atom_site.label_atom_id 
_atom_site.label_alt_id 
_atom_site.label_comp_id 
_atom_site.label_asym_id 
_atom_site.label_entity_id 
_atom_site.label_seq_id 
_atom_site.pdbx_PDB_ins_code 
_atom_site.Cartn_x 
_atom_site.Cartn_y 
_atom_site.Cartn_z 
_atom_site.occupancy 
_atom_site.B_iso_or_equiv 
_atom_site.pdbx_formal_charge 
_atom_site.auth_seq_id 
_atom_site.auth_comp_id 
_atom_site.auth_asym_id 
_atom_site.auth_atom_id 
_atom_site.pdbx_PDB_model_num 
ATOM   1   N  N   . MET A 1 2   ? -1.532  18.786  14.427  1.000 146.652 ? 278 MET A N   1 
ATOM   2   C  CA  . MET A 1 2   ? -0.137  19.343  14.221  1.000 149.793 ? 278 MET A CA  1 
ATOM   3   C  C   . MET A 1 2   ? 0.337   20.091  15.470  1.000 141.033 ? 278 MET A C   1 
ATOM   4   O  O   . MET A 1 2   ? -0.320  21.030  15.925  1.000 148.487 ? 278 MET A O   1 
ATOM   5   C  CB  . MET A 1 2   ? -0.065  20.292  13.018  1.000 140.959 ? 278 MET A CB  1 
ATOM   6   C  CG  . MET A 1 2   ? 1.243   21.085  12.948  1.000 149.039 ? 278 MET A CG  1 
ATOM   7   S  SD  . MET A 1 2   ? 1.869   21.385  11.253  1.000 161.229 ? 278 MET A SD  1 
ATOM   8   C  CE  . MET A 1 2   ? 3.044   22.705  11.553  1.000 149.610 ? 278 MET A CE  1 
ATOM   9   N  N   . PRO A 1 3   ? 1.520   19.735  16.031  1.000 120.366 ? 279 PRO A N   1 
ATOM   10  C  CA  . PRO A 1 3   ? 1.995   20.311  17.279  1.000 119.150 ? 279 PRO A CA  1 
ATOM   11  C  C   . PRO A 1 3   ? 2.591   21.685  16.990  1.000 106.071 ? 279 PRO A C   1 
ATOM   12  O  O   . PRO A 1 3   ? 2.888   21.942  15.843  1.000 120.834 ? 279 PRO A O   1 
ATOM   13  C  CB  . PRO A 1 3   ? 3.088   19.368  17.802  1.000 123.318 ? 279 PRO A CB  1 
ATOM   14  C  CG  . PRO A 1 3   ? 3.280   18.321  16.718  1.000 124.992 ? 279 PRO A CG  1 
ATOM   15  C  CD  . PRO A 1 3   ? 2.510   18.792  15.497  1.000 139.871 ? 279 PRO A CD  1 
ATOM   16  N  N   . LEU A 1 4   ? 2.707   22.511  18.032  1.000 112.230 ? 280 LEU A N   1 
ATOM   17  C  CA  . LEU A 1 4   ? 3.326   23.857  17.970  1.000 117.273 ? 280 LEU A CA  1 
ATOM   18  C  C   . LEU A 1 4   ? 4.774   23.676  17.526  1.000 120.910 ? 280 LEU A C   1 
ATOM   19  O  O   . LEU A 1 4   ? 5.398   22.660  17.905  1.000 118.632 ? 280 LEU A O   1 
ATOM   20  C  CB  . LEU A 1 4   ? 3.275   24.523  19.348  1.000 123.139 ? 280 LEU A CB  1 
ATOM   21  C  CG  . LEU A 1 4   ? 1.937   25.110  19.791  1.000 116.961 ? 280 LEU A CG  1 
ATOM   22  C  CD1 . LEU A 1 4   ? 2.023   25.584  21.233  1.000 115.392 ? 280 LEU A CD1 1 
ATOM   23  C  CD2 . LEU A 1 4   ? 1.527   26.264  18.895  1.000 121.018 ? 280 LEU A CD2 1 
ATOM   24  N  N   . LYS A 1 5   ? 5.296   24.630  16.764  1.000 121.181 ? 281 LYS A N   1 
ATOM   25  C  CA  . LYS A 1 5   ? 6.727   24.616  16.398  1.000 126.493 ? 281 LYS A CA  1 
ATOM   26  C  C   . LYS A 1 5   ? 7.498   24.950  17.672  1.000 136.435 ? 281 LYS A C   1 
ATOM   27  O  O   . LYS A 1 5   ? 6.952   25.629  18.539  1.000 127.651 ? 281 LYS A O   1 
ATOM   28  C  CB  . LYS A 1 5   ? 6.955   25.495  15.165  1.000 126.670 ? 281 LYS A CB  1 
ATOM   29  C  CG  . LYS A 1 5   ? 6.532   24.831  13.842  1.000 155.627 ? 281 LYS A CG  1 
ATOM   30  C  CD  . LYS A 1 5   ? 7.083   23.388  13.556  1.000 174.362 ? 281 LYS A CD  1 
ATOM   31  C  CE  . LYS A 1 5   ? 6.058   22.257  13.595  1.000 160.290 ? 281 LYS A CE  1 
ATOM   32  N  NZ  . LYS A 1 5   ? 6.517   21.011  12.917  1.000 134.892 ? 281 LYS A NZ  1 
ATOM   33  N  N   . PRO A 1 6   ? 8.719   24.378  17.868  1.000 140.068 ? 282 PRO A N   1 
ATOM   34  C  CA  . PRO A 1 6   ? 9.513   24.574  19.090  1.000 115.343 ? 282 PRO A CA  1 
ATOM   35  C  C   . PRO A 1 6   ? 9.683   26.031  19.551  1.000 118.004 ? 282 PRO A C   1 
ATOM   36  O  O   . PRO A 1 6   ? 9.632   26.304  20.757  1.000 107.202 ? 282 PRO A O   1 
ATOM   37  C  CB  . PRO A 1 6   ? 10.880  24.026  18.693  1.000 110.406 ? 282 PRO A CB  1 
ATOM   38  C  CG  . PRO A 1 6   ? 10.569  22.940  17.685  1.000 121.367 ? 282 PRO A CG  1 
ATOM   39  C  CD  . PRO A 1 6   ? 9.380   23.465  16.916  1.000 131.976 ? 282 PRO A CD  1 
ATOM   40  N  N   . GLU A 1 7   ? 9.833   26.939  18.585  1.000 114.592 ? 283 GLU A N   1 
ATOM   41  C  CA  . GLU A 1 7   ? 9.837   28.415  18.809  1.000 130.397 ? 283 GLU A CA  1 
ATOM   42  C  C   . GLU A 1 7   ? 8.603   28.813  19.645  1.000 125.588 ? 283 GLU A C   1 
ATOM   43  O  O   . GLU A 1 7   ? 8.796   29.477  20.678  1.000 124.357 ? 283 GLU A O   1 
ATOM   44  C  CB  . GLU A 1 7   ? 9.945   29.150  17.465  1.000 146.504 ? 283 GLU A CB  1 
ATOM   45  C  CG  . GLU A 1 7   ? 11.081  28.636  16.572  1.000 162.165 ? 283 GLU A CG  1 
ATOM   46  C  CD  . GLU A 1 7   ? 10.698  27.615  15.501  1.000 164.418 ? 283 GLU A CD  1 
ATOM   47  O  OE1 . GLU A 1 7   ? 11.035  26.395  15.641  1.000 133.939 ? 283 GLU A OE1 1 
ATOM   48  O  OE2 . GLU A 1 7   ? 10.084  28.044  14.503  1.000 167.262 ? 283 GLU A OE2 1 
ATOM   49  N  N   . GLU A 1 8   ? 7.397   28.354  19.270  1.000 137.099 ? 284 GLU A N   1 
ATOM   50  C  CA  . GLU A 1 8   ? 6.089   28.719  19.907  1.000 117.937 ? 284 GLU A CA  1 
ATOM   51  C  C   . GLU A 1 8   ? 6.007   28.081  21.311  1.000 119.075 ? 284 GLU A C   1 
ATOM   52  O  O   . GLU A 1 8   ? 5.632   28.776  22.282  1.000 105.940 ? 284 GLU A O   1 
ATOM   53  C  CB  . GLU A 1 8   ? 4.897   28.291  19.037  1.000 110.964 ? 284 GLU A CB  1 
ATOM   54  C  CG  . GLU A 1 8   ? 5.146   28.339  17.531  1.000 129.968 ? 284 GLU A CG  1 
ATOM   55  C  CD  . GLU A 1 8   ? 3.948   28.145  16.602  1.000 134.474 ? 284 GLU A CD  1 
ATOM   56  O  OE1 . GLU A 1 8   ? 3.536   26.970  16.362  1.000 132.491 ? 284 GLU A OE1 1 
ATOM   57  O  OE2 . GLU A 1 8   ? 3.458   29.168  16.068  1.000 128.819 ? 284 GLU A OE2 1 
ATOM   58  N  N   . HIS A 1 9   ? 6.362   26.798  21.431  1.000 104.388 ? 285 HIS A N   1 
ATOM   59  C  CA  . HIS A 1 9   ? 6.344   26.036  22.709  1.000 109.883 ? 285 HIS A CA  1 
ATOM   60  C  C   . HIS A 1 9   ? 7.195   26.782  23.734  1.000 130.983 ? 285 HIS A C   1 
ATOM   61  O  O   . HIS A 1 9   ? 6.885   26.668  24.949  1.000 109.887 ? 285 HIS A O   1 
ATOM   62  C  CB  . HIS A 1 9   ? 6.828   24.591  22.471  1.000 115.471 ? 285 HIS A CB  1 
ATOM   63  C  CG  . HIS A 1 9   ? 7.028   23.760  23.698  1.000 96.949  ? 285 HIS A CG  1 
ATOM   64  N  ND1 . HIS A 1 9   ? 8.209   23.741  24.382  1.000 111.483 ? 285 HIS A ND1 1 
ATOM   65  C  CD2 . HIS A 1 9   ? 6.218   22.898  24.346  1.000 126.376 ? 285 HIS A CD2 1 
ATOM   66  C  CE1 . HIS A 1 9   ? 8.123   22.910  25.400  1.000 121.487 ? 285 HIS A CE1 1 
ATOM   67  N  NE2 . HIS A 1 9   ? 6.915   22.386  25.409  1.000 113.760 ? 285 HIS A NE2 1 
ATOM   68  N  N   . GLU A 1 10  ? 8.237   27.488  23.255  1.000 143.771 ? 286 GLU A N   1 
ATOM   69  C  CA  . GLU A 1 10  ? 9.185   28.245  24.115  1.000 148.963 ? 286 GLU A CA  1 
ATOM   70  C  C   . GLU A 1 10  ? 8.460   29.477  24.659  1.000 143.874 ? 286 GLU A C   1 
ATOM   71  O  O   . GLU A 1 10  ? 8.489   29.657  25.914  1.000 120.226 ? 286 GLU A O   1 
ATOM   72  C  CB  . GLU A 1 10  ? 10.481  28.624  23.391  1.000 150.877 ? 286 GLU A CB  1 
ATOM   73  C  CG  . GLU A 1 10  ? 11.599  28.952  24.369  1.000 158.346 ? 286 GLU A CG  1 
ATOM   74  C  CD  . GLU A 1 10  ? 12.962  29.251  23.777  1.000 172.641 ? 286 GLU A CD  1 
ATOM   75  O  OE1 . GLU A 1 10  ? 13.023  29.918  22.715  1.000 163.298 ? 286 GLU A OE1 1 
ATOM   76  O  OE2 . GLU A 1 10  ? 13.960  28.827  24.391  1.000 186.287 ? 286 GLU A OE2 1 
ATOM   77  N  N   . ASP A 1 11  ? 7.816   30.256  23.769  1.000 122.950 ? 287 ASP A N   1 
ATOM   78  C  CA  . ASP A 1 11  ? 7.022   31.460  24.142  1.000 129.590 ? 287 ASP A CA  1 
ATOM   79  C  C   . ASP A 1 11  ? 6.071   31.078  25.294  1.000 140.464 ? 287 ASP A C   1 
ATOM   80  O  O   . ASP A 1 11  ? 5.926   31.877  26.256  1.000 134.786 ? 287 ASP A O   1 
ATOM   81  C  CB  . ASP A 1 11  ? 6.286   32.068  22.942  1.000 120.825 ? 287 ASP A CB  1 
ATOM   82  C  CG  . ASP A 1 11  ? 7.182   32.711  21.894  1.000 142.672 ? 287 ASP A CG  1 
ATOM   83  O  OD1 . ASP A 1 11  ? 8.309   33.146  22.246  1.000 166.533 ? 287 ASP A OD1 1 
ATOM   84  O  OD2 . ASP A 1 11  ? 6.745   32.788  20.723  1.000 153.642 ? 287 ASP A OD2 1 
ATOM   85  N  N   . ILE A 1 12  ? 5.493   29.873  25.247  1.000 123.803 ? 288 ILE A N   1 
ATOM   86  C  CA  . ILE A 1 12  ? 4.502   29.430  26.267  1.000 123.834 ? 288 ILE A CA  1 
ATOM   87  C  C   . ILE A 1 12  ? 5.245   29.120  27.566  1.000 119.436 ? 288 ILE A C   1 
ATOM   88  O  O   . ILE A 1 12  ? 4.751   29.527  28.626  1.000 128.542 ? 288 ILE A O   1 
ATOM   89  C  CB  . ILE A 1 12  ? 3.624   28.273  25.743  1.000 130.770 ? 288 ILE A CB  1 
ATOM   90  C  CG1 . ILE A 1 12  ? 2.673   28.775  24.649  1.000 138.770 ? 288 ILE A CG1 1 
ATOM   91  C  CG2 . ILE A 1 12  ? 2.851   27.610  26.874  1.000 131.324 ? 288 ILE A CG2 1 
ATOM   92  C  CD1 . ILE A 1 12  ? 2.002   27.684  23.846  1.000 131.420 ? 288 ILE A CD1 1 
ATOM   93  N  N   . LEU A 1 13  ? 6.397   28.455  27.490  1.000 129.421 ? 289 LEU A N   1 
ATOM   94  C  CA  . LEU A 1 13  ? 7.206   28.097  28.687  1.000 126.583 ? 289 LEU A CA  1 
ATOM   95  C  C   . LEU A 1 13  ? 7.638   29.370  29.404  1.000 134.706 ? 289 LEU A C   1 
ATOM   96  O  O   . LEU A 1 13  ? 7.720   29.335  30.664  1.000 116.482 ? 289 LEU A O   1 
ATOM   97  C  CB  . LEU A 1 13  ? 8.452   27.326  28.260  1.000 126.099 ? 289 LEU A CB  1 
ATOM   98  C  CG  . LEU A 1 13  ? 8.363   25.822  28.432  1.000 133.411 ? 289 LEU A CG  1 
ATOM   99  C  CD1 . LEU A 1 13  ? 9.557   25.150  27.782  1.000 143.161 ? 289 LEU A CD1 1 
ATOM   100 C  CD2 . LEU A 1 13  ? 8.257   25.464  29.905  1.000 124.802 ? 289 LEU A CD2 1 
ATOM   101 N  N   . ASN A 1 14  ? 7.970   30.406  28.616  1.000 124.950 ? 290 ASN A N   1 
ATOM   102 C  CA  . ASN A 1 14  ? 8.533   31.679  29.131  1.000 128.363 ? 290 ASN A CA  1 
ATOM   103 C  C   . ASN A 1 14  ? 7.444   32.268  30.023  1.000 136.311 ? 290 ASN A C   1 
ATOM   104 O  O   . ASN A 1 14  ? 7.704   32.395  31.260  1.000 126.064 ? 290 ASN A O   1 
ATOM   105 C  CB  . ASN A 1 14  ? 9.027   32.611  28.017  1.000 137.484 ? 290 ASN A CB  1 
ATOM   106 C  CG  . ASN A 1 14  ? 10.361  32.211  27.407  1.000 145.472 ? 290 ASN A CG  1 
ATOM   107 O  OD1 . ASN A 1 14  ? 11.174  31.518  28.021  1.000 142.468 ? 290 ASN A OD1 1 
ATOM   108 N  ND2 . ASN A 1 14  ? 10.614  32.663  26.189  1.000 150.909 ? 290 ASN A ND2 1 
ATOM   109 N  N   . LYS A 1 15  ? 6.256   32.484  29.430  1.000 136.682 ? 291 LYS A N   1 
ATOM   110 C  CA  . LYS A 1 15  ? 5.011   32.952  30.115  1.000 130.030 ? 291 LYS A CA  1 
ATOM   111 C  C   . LYS A 1 15  ? 4.787   32.131  31.391  1.000 114.073 ? 291 LYS A C   1 
ATOM   112 O  O   . LYS A 1 15  ? 4.691   32.722  32.467  1.000 131.581 ? 291 LYS A O   1 
ATOM   113 C  CB  . LYS A 1 15  ? 3.788   32.831  29.200  1.000 111.473 ? 291 LYS A CB  1 
ATOM   114 C  CG  . LYS A 1 15  ? 3.708   33.854  28.073  1.000 127.248 ? 291 LYS A CG  1 
ATOM   115 C  CD  . LYS A 1 15  ? 2.463   33.716  27.208  1.000 136.948 ? 291 LYS A CD  1 
ATOM   116 C  CE  . LYS A 1 15  ? 2.593   34.313  25.820  1.000 145.129 ? 291 LYS A CE  1 
ATOM   117 N  NZ  . LYS A 1 15  ? 1.524   33.812  24.921  1.000 155.312 ? 291 LYS A NZ  1 
ATOM   118 N  N   . LEU A 1 16  ? 4.723   30.810  31.265  1.000 115.318 ? 292 LEU A N   1 
ATOM   119 C  CA  . LEU A 1 16  ? 4.478   29.873  32.386  1.000 117.152 ? 292 LEU A CA  1 
ATOM   120 C  C   . LEU A 1 16  ? 5.478   30.138  33.507  1.000 122.787 ? 292 LEU A C   1 
ATOM   121 O  O   . LEU A 1 16  ? 5.039   30.149  34.668  1.000 118.776 ? 292 LEU A O   1 
ATOM   122 C  CB  . LEU A 1 16  ? 4.620   28.432  31.886  1.000 122.100 ? 292 LEU A CB  1 
ATOM   123 C  CG  . LEU A 1 16  ? 4.596   27.376  32.986  1.000 119.313 ? 292 LEU A CG  1 
ATOM   124 C  CD1 . LEU A 1 16  ? 3.341   27.510  33.830  1.000 119.413 ? 292 LEU A CD1 1 
ATOM   125 C  CD2 . LEU A 1 16  ? 4.685   25.978  32.400  1.000 124.537 ? 292 LEU A CD2 1 
ATOM   126 N  N   . LEU A 1 17  ? 6.762   30.301  33.155  1.000 142.516 ? 293 LEU A N   1 
ATOM   127 C  CA  . LEU A 1 17  ? 7.901   30.393  34.112  1.000 143.594 ? 293 LEU A CA  1 
ATOM   128 C  C   . LEU A 1 17  ? 8.131   31.868  34.518  1.000 138.951 ? 293 LEU A C   1 
ATOM   129 O  O   . LEU A 1 17  ? 9.004   32.104  35.363  1.000 145.929 ? 293 LEU A O   1 
ATOM   130 C  CB  . LEU A 1 17  ? 9.138   29.721  33.487  1.000 108.360 ? 293 LEU A CB  1 
ATOM   131 N  N   . ASP A 1 18  ? 7.313   32.813  34.027  1.000 140.696 ? 294 ASP A N   1 
ATOM   132 C  CA  . ASP A 1 18  ? 7.401   34.284  34.294  1.000 151.713 ? 294 ASP A CA  1 
ATOM   133 C  C   . ASP A 1 18  ? 6.636   34.693  35.560  1.000 154.777 ? 294 ASP A C   1 
ATOM   134 O  O   . ASP A 1 18  ? 5.406   34.670  35.576  1.000 168.271 ? 294 ASP A O   1 
ATOM   135 C  CB  . ASP A 1 18  ? 6.837   35.081  33.113  1.000 145.270 ? 294 ASP A CB  1 
ATOM   136 C  CG  . ASP A 1 18  ? 7.118   36.570  33.183  1.000 147.534 ? 294 ASP A CG  1 
ATOM   137 O  OD1 . ASP A 1 18  ? 7.317   37.075  34.307  1.000 149.210 ? 294 ASP A OD1 1 
ATOM   138 O  OD2 . ASP A 1 18  ? 7.156   37.206  32.107  1.000 153.384 ? 294 ASP A OD2 1 
ATOM   139 N  N   . PRO A 1 19  ? 7.312   35.167  36.635  1.000 161.176 ? 295 PRO A N   1 
ATOM   140 C  CA  . PRO A 1 19  ? 6.626   35.555  37.866  1.000 153.834 ? 295 PRO A CA  1 
ATOM   141 C  C   . PRO A 1 19  ? 6.006   36.953  37.734  1.000 147.929 ? 295 PRO A C   1 
ATOM   142 O  O   . PRO A 1 19  ? 5.211   37.296  38.586  1.000 141.407 ? 295 PRO A O   1 
ATOM   143 C  CB  . PRO A 1 19  ? 7.752   35.527  38.904  1.000 155.004 ? 295 PRO A CB  1 
ATOM   144 C  CG  . PRO A 1 19  ? 8.965   35.972  38.114  1.000 158.265 ? 295 PRO A CG  1 
ATOM   145 C  CD  . PRO A 1 19  ? 8.763   35.400  36.724  1.000 163.375 ? 295 PRO A CD  1 
ATOM   146 N  N   . GLU A 1 20  ? 6.377   37.697  36.683  1.000 150.620 ? 296 GLU A N   1 
ATOM   147 C  CA  . GLU A 1 20  ? 5.837   39.048  36.360  1.000 170.869 ? 296 GLU A CA  1 
ATOM   148 C  C   . GLU A 1 20  ? 4.388   38.931  35.843  1.000 172.022 ? 296 GLU A C   1 
ATOM   149 O  O   . GLU A 1 20  ? 3.585   39.781  36.260  1.000 188.194 ? 296 GLU A O   1 
ATOM   150 C  CB  . GLU A 1 20  ? 6.760   39.793  35.384  1.000 156.925 ? 296 GLU A CB  1 
ATOM   151 N  N   . LEU A 1 21  ? 4.051   37.941  34.992  1.000 167.919 ? 297 LEU A N   1 
ATOM   152 C  CA  . LEU A 1 21  ? 2.678   37.760  34.412  1.000 146.085 ? 297 LEU A CA  1 
ATOM   153 C  C   . LEU A 1 21  ? 1.745   37.219  35.511  1.000 147.680 ? 297 LEU A C   1 
ATOM   154 O  O   . LEU A 1 21  ? 2.247   36.564  36.454  1.000 134.416 ? 297 LEU A O   1 
ATOM   155 C  CB  . LEU A 1 21  ? 2.709   36.845  33.173  1.000 108.258 ? 297 LEU A CB  1 
ATOM   156 N  N   . ALA A 1 22  ? 0.442   37.515  35.412  1.000 149.966 ? 298 ALA A N   1 
ATOM   157 C  CA  . ALA A 1 22  ? -0.610  37.137  36.392  1.000 143.988 ? 298 ALA A CA  1 
ATOM   158 C  C   . ALA A 1 22  ? -0.758  35.618  36.453  1.000 139.272 ? 298 ALA A C   1 
ATOM   159 O  O   . ALA A 1 22  ? -0.704  35.013  35.373  1.000 171.236 ? 298 ALA A O   1 
ATOM   160 C  CB  . ALA A 1 22  ? -1.918  37.753  35.978  1.000 151.456 ? 298 ALA A CB  1 
ATOM   161 N  N   . GLN A 1 23  ? -1.028  35.037  37.631  1.000 143.554 ? 299 GLN A N   1 
ATOM   162 C  CA  . GLN A 1 23  ? -1.172  33.554  37.800  1.000 158.241 ? 299 GLN A CA  1 
ATOM   163 C  C   . GLN A 1 23  ? -2.320  32.985  36.944  1.000 157.050 ? 299 GLN A C   1 
ATOM   164 O  O   . GLN A 1 23  ? -2.274  31.771  36.664  1.000 154.044 ? 299 GLN A O   1 
ATOM   165 C  CB  . GLN A 1 23  ? -1.309  33.115  39.266  1.000 137.666 ? 299 GLN A CB  1 
ATOM   166 C  CG  . GLN A 1 23  ? -0.179  32.184  39.715  1.000 157.074 ? 299 GLN A CG  1 
ATOM   167 C  CD  . GLN A 1 23  ? 1.212   32.695  39.391  1.000 167.376 ? 299 GLN A CD  1 
ATOM   168 O  OE1 . GLN A 1 23  ? 1.824   32.322  38.385  1.000 160.998 ? 299 GLN A OE1 1 
ATOM   169 N  NE2 . GLN A 1 23  ? 1.722   33.570  40.244  1.000 151.929 ? 299 GLN A NE2 1 
ATOM   170 N  N   . SER A 1 24  ? -3.281  33.800  36.498  1.000 154.823 ? 300 SER A N   1 
ATOM   171 C  CA  . SER A 1 24  ? -4.346  33.368  35.552  1.000 145.894 ? 300 SER A CA  1 
ATOM   172 C  C   . SER A 1 24  ? -3.733  33.046  34.176  1.000 155.245 ? 300 SER A C   1 
ATOM   173 O  O   . SER A 1 24  ? -4.028  31.964  33.631  1.000 149.399 ? 300 SER A O   1 
ATOM   174 C  CB  . SER A 1 24  ? -5.445  34.391  35.456  1.000 136.506 ? 300 SER A CB  1 
ATOM   175 O  OG  . SER A 1 24  ? -4.943  35.646  35.029  1.000 145.782 ? 300 SER A OG  1 
ATOM   176 N  N   . GLU A 1 25  ? -2.888  33.929  33.639  1.000 153.757 ? 301 GLU A N   1 
ATOM   177 C  CA  . GLU A 1 25  ? -2.132  33.684  32.381  1.000 144.590 ? 301 GLU A CA  1 
ATOM   178 C  C   . GLU A 1 25  ? -1.172  32.504  32.595  1.000 133.175 ? 301 GLU A C   1 
ATOM   179 O  O   . GLU A 1 25  ? -1.139  31.588  31.758  1.000 119.630 ? 301 GLU A O   1 
ATOM   180 C  CB  . GLU A 1 25  ? -1.366  34.933  31.962  1.000 129.474 ? 301 GLU A CB  1 
ATOM   181 C  CG  . GLU A 1 25  ? -2.271  36.118  31.729  1.000 152.165 ? 301 GLU A CG  1 
ATOM   182 C  CD  . GLU A 1 25  ? -1.585  37.296  31.068  1.000 172.747 ? 301 GLU A CD  1 
ATOM   183 O  OE1 . GLU A 1 25  ? -1.238  37.174  29.876  1.000 165.596 ? 301 GLU A OE1 1 
ATOM   184 O  OE2 . GLU A 1 25  ? -1.384  38.322  31.751  1.000 199.394 ? 301 GLU A OE2 1 
ATOM   185 N  N   . ARG A 1 26  ? -0.421  32.512  33.692  1.000 125.426 ? 302 ARG A N   1 
ATOM   186 C  CA  . ARG A 1 26  ? 0.509   31.410  34.021  1.000 125.220 ? 302 ARG A CA  1 
ATOM   187 C  C   . ARG A 1 26  ? -0.290  30.113  33.843  1.000 128.184 ? 302 ARG A C   1 
ATOM   188 O  O   . ARG A 1 26  ? 0.129   29.268  33.017  1.000 135.114 ? 302 ARG A O   1 
ATOM   189 C  CB  . ARG A 1 26  ? 1.143   31.613  35.405  1.000 123.269 ? 302 ARG A CB  1 
ATOM   190 N  N   . THR A 1 27  ? -1.453  30.003  34.491  1.000 125.893 ? 303 THR A N   1 
ATOM   191 C  CA  . THR A 1 27  ? -2.281  28.761  34.466  1.000 134.082 ? 303 THR A CA  1 
ATOM   192 C  C   . THR A 1 27  ? -2.786  28.451  33.047  1.000 128.283 ? 303 THR A C   1 
ATOM   193 O  O   . THR A 1 27  ? -2.855  27.261  32.680  1.000 105.896 ? 303 THR A O   1 
ATOM   194 C  CB  . THR A 1 27  ? -3.463  28.837  35.433  1.000 120.890 ? 303 THR A CB  1 
ATOM   195 O  OG1 . THR A 1 27  ? -2.929  29.189  36.704  1.000 133.529 ? 303 THR A OG1 1 
ATOM   196 C  CG2 . THR A 1 27  ? -4.213  27.531  35.550  1.000 121.540 ? 303 THR A CG2 1 
ATOM   197 N  N   . GLU A 1 28  ? -3.163  29.463  32.271  1.000 121.065 ? 304 GLU A N   1 
ATOM   198 C  CA  . GLU A 1 28  ? -3.648  29.235  30.889  1.000 115.382 ? 304 GLU A CA  1 
ATOM   199 C  C   . GLU A 1 28  ? -2.487  28.624  30.097  1.000 119.189 ? 304 GLU A C   1 
ATOM   200 O  O   . GLU A 1 28  ? -2.677  27.566  29.480  1.000 123.106 ? 304 GLU A O   1 
ATOM   201 C  CB  . GLU A 1 28  ? -4.201  30.539  30.314  1.000 120.858 ? 304 GLU A CB  1 
ATOM   202 C  CG  . GLU A 1 28  ? -4.717  30.424  28.887  1.000 137.382 ? 304 GLU A CG  1 
ATOM   203 C  CD  . GLU A 1 28  ? -6.077  29.766  28.665  1.000 140.213 ? 304 GLU A CD  1 
ATOM   204 O  OE1 . GLU A 1 28  ? -6.761  29.370  29.656  1.000 109.706 ? 304 GLU A OE1 1 
ATOM   205 O  OE2 . GLU A 1 28  ? -6.446  29.639  27.475  1.000 135.543 ? 304 GLU A OE2 1 
ATOM   206 N  N   . ALA A 1 29  ? -1.304  29.236  30.173  1.000 130.092 ? 305 ALA A N   1 
ATOM   207 C  CA  . ALA A 1 29  ? -0.069  28.739  29.527  1.000 120.522 ? 305 ALA A CA  1 
ATOM   208 C  C   . ALA A 1 29  ? 0.132   27.277  29.915  1.000 113.707 ? 305 ALA A C   1 
ATOM   209 O  O   . ALA A 1 29  ? 0.302   26.423  29.009  1.000 111.023 ? 305 ALA A O   1 
ATOM   210 C  CB  . ALA A 1 29  ? 1.114   29.572  29.932  1.000 125.454 ? 305 ALA A CB  1 
ATOM   211 N  N   . LEU A 1 30  ? 0.094   26.991  31.215  1.000 101.729 ? 306 LEU A N   1 
ATOM   212 C  CA  . LEU A 1 30  ? 0.330   25.607  31.697  1.000 108.064 ? 306 LEU A CA  1 
ATOM   213 C  C   . LEU A 1 30  ? -0.605  24.650  30.949  1.000 115.235 ? 306 LEU A C   1 
ATOM   214 O  O   . LEU A 1 30  ? -0.162  23.552  30.565  1.000 120.913 ? 306 LEU A O   1 
ATOM   215 C  CB  . LEU A 1 30  ? 0.097   25.509  33.204  1.000 98.382  ? 306 LEU A CB  1 
ATOM   216 C  CG  . LEU A 1 30  ? 0.411   24.117  33.738  1.000 112.759 ? 306 LEU A CG  1 
ATOM   217 C  CD1 . LEU A 1 30  ? 1.903   23.894  33.705  1.000 129.038 ? 306 LEU A CD1 1 
ATOM   218 C  CD2 . LEU A 1 30  ? -0.125  23.881  35.140  1.000 119.849 ? 306 LEU A CD2 1 
ATOM   219 N  N   . GLN A 1 31  ? -1.868  25.047  30.786  1.000 123.682 ? 307 GLN A N   1 
ATOM   220 C  CA  . GLN A 1 31  ? -2.909  24.232  30.116  1.000 122.890 ? 307 GLN A CA  1 
ATOM   221 C  C   . GLN A 1 31  ? -2.488  23.995  28.659  1.000 121.832 ? 307 GLN A C   1 
ATOM   222 O  O   . GLN A 1 31  ? -2.466  22.815  28.232  1.000 116.716 ? 307 GLN A O   1 
ATOM   223 C  CB  . GLN A 1 31  ? -4.271  24.921  30.200  1.000 125.121 ? 307 GLN A CB  1 
ATOM   224 C  CG  . GLN A 1 31  ? -5.399  24.010  29.749  1.000 128.119 ? 307 GLN A CG  1 
ATOM   225 C  CD  . GLN A 1 31  ? -6.771  24.630  29.750  1.000 115.446 ? 307 GLN A CD  1 
ATOM   226 O  OE1 . GLN A 1 31  ? -6.956  25.801  30.086  1.000 122.398 ? 307 GLN A OE1 1 
ATOM   227 N  NE2 . GLN A 1 31  ? -7.742  23.827  29.331  1.000 102.358 ? 307 GLN A NE2 1 
ATOM   228 N  N   . GLN A 1 32  ? -2.154  25.071  27.940  1.000 103.527 ? 308 GLN A N   1 
ATOM   229 C  CA  . GLN A 1 32  ? -1.735  25.038  26.509  1.000 115.804 ? 308 GLN A CA  1 
ATOM   230 C  C   . GLN A 1 32  ? -0.528  24.114  26.327  1.000 117.572 ? 308 GLN A C   1 
ATOM   231 O  O   . GLN A 1 32  ? -0.420  23.390  25.283  1.000 107.416 ? 308 GLN A O   1 
ATOM   232 C  CB  . GLN A 1 32  ? -1.321  26.433  26.058  1.000 112.963 ? 308 GLN A CB  1 
ATOM   233 C  CG  . GLN A 1 32  ? -2.458  27.417  26.135  1.000 119.152 ? 308 GLN A CG  1 
ATOM   234 C  CD  . GLN A 1 32  ? -1.962  28.822  26.034  1.000 109.491 ? 308 GLN A CD  1 
ATOM   235 O  OE1 . GLN A 1 32  ? -0.973  29.195  26.656  1.000 139.265 ? 308 GLN A OE1 1 
ATOM   236 N  NE2 . GLN A 1 32  ? -2.669  29.604  25.244  1.000 116.718 ? 308 GLN A NE2 1 
ATOM   237 N  N   . LEU A 1 33  ? 0.383   24.204  27.287  1.000 101.154 ? 309 LEU A N   1 
ATOM   238 C  CA  . LEU A 1 33  ? 1.585   23.359  27.306  1.000 121.451 ? 309 LEU A CA  1 
ATOM   239 C  C   . LEU A 1 33  ? 1.100   21.912  27.321  1.000 111.318 ? 309 LEU A C   1 
ATOM   240 O  O   . LEU A 1 33  ? 1.332   21.202  26.328  1.000 117.258 ? 309 LEU A O   1 
ATOM   241 C  CB  . LEU A 1 33  ? 2.392   23.727  28.546  1.000 132.697 ? 309 LEU A CB  1 
ATOM   242 C  CG  . LEU A 1 33  ? 3.894   23.541  28.403  1.000 134.957 ? 309 LEU A CG  1 
ATOM   243 C  CD1 . LEU A 1 33  ? 4.496   24.714  27.647  1.000 130.465 ? 309 LEU A CD1 1 
ATOM   244 C  CD2 . LEU A 1 33  ? 4.526   23.369  29.778  1.000 134.428 ? 309 LEU A CD2 1 
ATOM   245 N  N   . ARG A 1 34  ? 0.375   21.561  28.384  1.000 106.385 ? 310 ARG A N   1 
ATOM   246 C  CA  . ARG A 1 34  ? -0.186  20.213  28.636  1.000 104.116 ? 310 ARG A CA  1 
ATOM   247 C  C   . ARG A 1 34  ? -0.999  19.754  27.404  1.000 106.441 ? 310 ARG A C   1 
ATOM   248 O  O   . ARG A 1 34  ? -0.909  18.554  27.017  1.000 97.794  ? 310 ARG A O   1 
ATOM   249 C  CB  . ARG A 1 34  ? -1.024  20.251  29.918  1.000 95.467  ? 310 ARG A CB  1 
ATOM   250 C  CG  . ARG A 1 34  ? -0.259  20.192  31.232  1.000 110.622 ? 310 ARG A CG  1 
ATOM   251 C  CD  . ARG A 1 34  ? -1.143  19.650  32.360  1.000 136.453 ? 310 ARG A CD  1 
ATOM   252 N  NE  . ARG A 1 34  ? -0.463  19.199  33.582  1.000 158.089 ? 310 ARG A NE  1 
ATOM   253 C  CZ  . ARG A 1 34  ? -0.613  19.727  34.810  1.000 175.915 ? 310 ARG A CZ  1 
ATOM   254 N  NH1 . ARG A 1 34  ? -1.433  20.744  35.026  1.000 170.610 ? 310 ARG A NH1 1 
ATOM   255 N  NH2 . ARG A 1 34  ? 0.059   19.230  35.837  1.000 175.368 ? 310 ARG A NH2 1 
ATOM   256 N  N   . VAL A 1 35  ? -1.787  20.637  26.787  1.000 97.673  ? 311 VAL A N   1 
ATOM   257 C  CA  . VAL A 1 35  ? -2.736  20.195  25.718  1.000 113.410 ? 311 VAL A CA  1 
ATOM   258 C  C   . VAL A 1 35  ? -1.875  19.942  24.488  1.000 109.883 ? 311 VAL A C   1 
ATOM   259 O  O   . VAL A 1 35  ? -2.076  18.922  23.811  1.000 103.124 ? 311 VAL A O   1 
ATOM   260 C  CB  . VAL A 1 35  ? -3.886  21.190  25.420  1.000 117.462 ? 311 VAL A CB  1 
ATOM   261 C  CG1 . VAL A 1 35  ? -3.428  22.344  24.547  1.000 146.641 ? 311 VAL A CG1 1 
ATOM   262 C  CG2 . VAL A 1 35  ? -5.059  20.526  24.729  1.000 105.812 ? 311 VAL A CG2 1 
ATOM   263 N  N   . ASN A 1 36  ? -0.935  20.852  24.228  1.000 118.727 ? 312 ASN A N   1 
ATOM   264 C  CA  . ASN A 1 36  ? -0.102  20.779  23.008  1.000 108.851 ? 312 ASN A CA  1 
ATOM   265 C  C   . ASN A 1 36  ? 0.760   19.517  23.138  1.000 100.231 ? 312 ASN A C   1 
ATOM   266 O  O   . ASN A 1 36  ? 0.869   18.761  22.157  1.000 88.854  ? 312 ASN A O   1 
ATOM   267 C  CB  . ASN A 1 36  ? 0.685   22.063  22.782  1.000 110.787 ? 312 ASN A CB  1 
ATOM   268 C  CG  . ASN A 1 36  ? 1.703   21.884  21.680  1.000 121.945 ? 312 ASN A CG  1 
ATOM   269 O  OD1 . ASN A 1 36  ? 1.358   21.490  20.567  1.000 110.541 ? 312 ASN A OD1 1 
ATOM   270 N  ND2 . ASN A 1 36  ? 2.965   22.112  22.008  1.000 132.715 ? 312 ASN A ND2 1 
ATOM   271 N  N   . TYR A 1 37  ? 1.296   19.236  24.327  1.000 100.070 ? 313 TYR A N   1 
ATOM   272 C  CA  . TYR A 1 37  ? 2.095   18.001  24.527  1.000 105.303 ? 313 TYR A CA  1 
ATOM   273 C  C   . TYR A 1 37  ? 1.212   16.799  24.202  1.000 105.947 ? 313 TYR A C   1 
ATOM   274 O  O   . TYR A 1 37  ? 1.633   15.968  23.343  1.000 85.720  ? 313 TYR A O   1 
ATOM   275 C  CB  . TYR A 1 37  ? 2.710   17.823  25.923  1.000 102.373 ? 313 TYR A CB  1 
ATOM   276 C  CG  . TYR A 1 37  ? 3.621   16.619  25.924  1.000 100.882 ? 313 TYR A CG  1 
ATOM   277 C  CD1 . TYR A 1 37  ? 4.801   16.610  25.185  1.000 121.780 ? 313 TYR A CD1 1 
ATOM   278 C  CD2 . TYR A 1 37  ? 3.243   15.440  26.522  1.000 90.619  ? 313 TYR A CD2 1 
ATOM   279 C  CE1 . TYR A 1 37  ? 5.607   15.483  25.110  1.000 117.257 ? 313 TYR A CE1 1 
ATOM   280 C  CE2 . TYR A 1 37  ? 4.041   14.309  26.472  1.000 107.667 ? 313 TYR A CE2 1 
ATOM   281 C  CZ  . TYR A 1 37  ? 5.226   14.320  25.756  1.000 114.017 ? 313 TYR A CZ  1 
ATOM   282 O  OH  . TYR A 1 37  ? 6.004   13.191  25.715  1.000 108.798 ? 313 TYR A OH  1 
ATOM   283 N  N   . GLY A 1 38  ? 0.047   16.723  24.873  1.000 113.958 ? 314 GLY A N   1 
ATOM   284 C  CA  . GLY A 1 38  ? -0.909  15.605  24.747  1.000 99.631  ? 314 GLY A CA  1 
ATOM   285 C  C   . GLY A 1 38  ? -1.257  15.411  23.285  1.000 94.899  ? 314 GLY A C   1 
ATOM   286 O  O   . GLY A 1 38  ? -1.253  14.240  22.755  1.000 84.471  ? 314 GLY A O   1 
ATOM   287 N  N   . SER A 1 39  ? -1.486  16.544  22.628  1.000 82.053  ? 315 SER A N   1 
ATOM   288 C  CA  . SER A 1 39  ? -1.793  16.598  21.185  1.000 86.846  ? 315 SER A CA  1 
ATOM   289 C  C   . SER A 1 39  ? -0.687  15.864  20.413  1.000 96.861  ? 315 SER A C   1 
ATOM   290 O  O   . SER A 1 39  ? -1.007  14.865  19.727  1.000 103.537 ? 315 SER A O   1 
ATOM   291 C  CB  . SER A 1 39  ? -1.998  18.009  20.764  1.000 84.846  ? 315 SER A CB  1 
ATOM   292 O  OG  . SER A 1 39  ? -2.454  18.029  19.430  1.000 131.434 ? 315 SER A OG  1 
ATOM   293 N  N   . CYS A 1 40  ? 0.575   16.267  20.607  1.000 102.694 ? 316 CYS A N   1 
ATOM   294 C  CA  . CYS A 1 40  ? 1.753   15.665  19.926  1.000 104.753 ? 316 CYS A CA  1 
ATOM   295 C  C   . CYS A 1 40  ? 1.757   14.146  20.156  1.000 90.517  ? 316 CYS A C   1 
ATOM   296 O  O   . CYS A 1 40  ? 1.796   13.399  19.172  1.000 104.065 ? 316 CYS A O   1 
ATOM   297 C  CB  . CYS A 1 40  ? 3.066   16.309  20.372  1.000 116.782 ? 316 CYS A CB  1 
ATOM   298 S  SG  . CYS A 1 40  ? 4.480   15.845  19.335  1.000 110.384 ? 316 CYS A SG  1 
ATOM   299 N  N   . VAL A 1 41  ? 1.657   13.705  21.405  1.000 83.182  ? 317 VAL A N   1 
ATOM   300 C  CA  . VAL A 1 41  ? 1.553   12.257  21.754  1.000 95.951  ? 317 VAL A CA  1 
ATOM   301 C  C   . VAL A 1 41  ? 0.398   11.573  20.983  1.000 108.368 ? 317 VAL A C   1 
ATOM   302 O  O   . VAL A 1 41  ? 0.617   10.422  20.536  1.000 96.807  ? 317 VAL A O   1 
ATOM   303 C  CB  . VAL A 1 41  ? 1.391   12.088  23.274  1.000 104.185 ? 317 VAL A CB  1 
ATOM   304 C  CG1 . VAL A 1 41  ? 1.302   10.615  23.646  1.000 115.034 ? 317 VAL A CG1 1 
ATOM   305 C  CG2 . VAL A 1 41  ? 2.519   12.762  24.041  1.000 111.861 ? 317 VAL A CG2 1 
ATOM   306 N  N   . SER A 1 42  ? -0.790  12.205  20.853  1.000 101.449 ? 318 SER A N   1 
ATOM   307 C  CA  . SER A 1 42  ? -1.937  11.666  20.061  1.000 115.082 ? 318 SER A CA  1 
ATOM   308 C  C   . SER A 1 42  ? -1.508  11.528  18.587  1.000 112.952 ? 318 SER A C   1 
ATOM   309 O  O   . SER A 1 42  ? -1.633  10.420  18.014  1.000 97.704  ? 318 SER A O   1 
ATOM   310 C  CB  . SER A 1 42  ? -3.239  12.486  20.216  1.000 119.947 ? 318 SER A CB  1 
ATOM   311 O  OG  . SER A 1 42  ? -4.251  12.145  19.239  1.000 94.421  ? 318 SER A OG  1 
ATOM   312 N  N   . GLU A 1 43  ? -0.980  12.593  17.988  1.000 100.585 ? 319 GLU A N   1 
ATOM   313 C  CA  . GLU A 1 43  ? -0.426  12.529  16.615  1.000 97.482  ? 319 GLU A CA  1 
ATOM   314 C  C   . GLU A 1 43  ? 0.601   11.377  16.514  1.000 105.145 ? 319 GLU A C   1 
ATOM   315 O  O   . GLU A 1 43  ? 0.589   10.621  15.506  1.000 90.506  ? 319 GLU A O   1 
ATOM   316 C  CB  . GLU A 1 43  ? 0.154   13.893  16.278  1.000 101.609 ? 319 GLU A CB  1 
ATOM   317 C  CG  . GLU A 1 43  ? -0.911  14.907  15.932  1.000 120.370 ? 319 GLU A CG  1 
ATOM   318 C  CD  . GLU A 1 43  ? -1.565  14.675  14.584  1.000 129.739 ? 319 GLU A CD  1 
ATOM   319 O  OE1 . GLU A 1 43  ? -1.162  13.687  13.901  1.000 114.269 ? 319 GLU A OE1 1 
ATOM   320 O  OE2 . GLU A 1 43  ? -2.467  15.482  14.215  1.000 144.195 ? 319 GLU A OE2 1 
ATOM   321 N  N   . TYR A 1 44  ? 1.454   11.187  17.524  1.000 93.914  ? 320 TYR A N   1 
ATOM   322 C  CA  . TYR A 1 44  ? 2.448   10.092  17.505  1.000 95.137  ? 320 TYR A CA  1 
ATOM   323 C  C   . TYR A 1 44  ? 1.690   8.785   17.297  1.000 99.516  ? 320 TYR A C   1 
ATOM   324 O  O   . TYR A 1 44  ? 1.875   8.133   16.243  1.000 97.182  ? 320 TYR A O   1 
ATOM   325 C  CB  . TYR A 1 44  ? 3.327   10.064  18.759  1.000 111.303 ? 320 TYR A CB  1 
ATOM   326 C  CG  . TYR A 1 44  ? 4.243   8.863   18.821  1.000 113.131 ? 320 TYR A CG  1 
ATOM   327 C  CD1 . TYR A 1 44  ? 5.457   8.788   18.144  1.000 110.074 ? 320 TYR A CD1 1 
ATOM   328 C  CD2 . TYR A 1 44  ? 3.845   7.756   19.527  1.000 122.239 ? 320 TYR A CD2 1 
ATOM   329 C  CE1 . TYR A 1 44  ? 6.251   7.650   18.198  1.000 117.568 ? 320 TYR A CE1 1 
ATOM   330 C  CE2 . TYR A 1 44  ? 4.633   6.624   19.610  1.000 139.371 ? 320 TYR A CE2 1 
ATOM   331 C  CZ  . TYR A 1 44  ? 5.836   6.561   18.947  1.000 120.151 ? 320 TYR A CZ  1 
ATOM   332 O  OH  . TYR A 1 44  ? 6.518   5.390   19.103  1.000 121.266 ? 320 TYR A OH  1 
ATOM   333 N  N   . ASN A 1 45  ? 0.812   8.468   18.251  1.000 112.924 ? 321 ASN A N   1 
ATOM   334 C  CA  . ASN A 1 45  ? -0.032  7.245   18.239  1.000 102.968 ? 321 ASN A CA  1 
ATOM   335 C  C   . ASN A 1 45  ? -0.786  7.163   16.889  1.000 101.097 ? 321 ASN A C   1 
ATOM   336 O  O   . ASN A 1 45  ? -0.904  6.041   16.326  1.000 90.690  ? 321 ASN A O   1 
ATOM   337 C  CB  . ASN A 1 45  ? -0.965  7.212   19.451  1.000 100.967 ? 321 ASN A CB  1 
ATOM   338 C  CG  . ASN A 1 45  ? -0.294  7.170   20.814  1.000 118.627 ? 321 ASN A CG  1 
ATOM   339 O  OD1 . ASN A 1 45  ? 0.868   6.796   20.965  1.000 121.910 ? 321 ASN A OD1 1 
ATOM   340 N  ND2 . ASN A 1 45  ? -1.052  7.518   21.843  1.000 118.077 ? 321 ASN A ND2 1 
ATOM   341 N  N   . ASP A 1 46  ? -1.267  8.282   16.330  1.000 84.254  ? 322 ASP A N   1 
ATOM   342 C  CA  . ASP A 1 46  ? -2.150  8.204   15.133  1.000 99.481  ? 322 ASP A CA  1 
ATOM   343 C  C   . ASP A 1 46  ? -1.284  7.740   13.968  1.000 99.153  ? 322 ASP A C   1 
ATOM   344 O  O   . ASP A 1 46  ? -1.602  6.687   13.358  1.000 93.160  ? 322 ASP A O   1 
ATOM   345 C  CB  . ASP A 1 46  ? -2.916  9.511   14.883  1.000 109.792 ? 322 ASP A CB  1 
ATOM   346 C  CG  . ASP A 1 46  ? -3.976  9.781   15.946  1.000 123.014 ? 322 ASP A CG  1 
ATOM   347 O  OD1 . ASP A 1 46  ? -4.410  8.752   16.589  1.000 110.838 ? 322 ASP A OD1 1 
ATOM   348 O  OD2 . ASP A 1 46  ? -4.336  11.011  16.158  1.000 103.624 ? 322 ASP A OD2 1 
ATOM   349 N  N   . LEU A 1 47  ? -0.165  8.441   13.772  1.000 118.014 ? 323 LEU A N   1 
ATOM   350 C  CA  . LEU A 1 47  ? 0.773   8.250   12.634  1.000 104.912 ? 323 LEU A CA  1 
ATOM   351 C  C   . LEU A 1 47  ? 1.454   6.871   12.724  1.000 104.148 ? 323 LEU A C   1 
ATOM   352 O  O   . LEU A 1 47  ? 1.483   6.168   11.667  1.000 97.714  ? 323 LEU A O   1 
ATOM   353 C  CB  . LEU A 1 47  ? 1.762   9.414   12.637  1.000 102.667 ? 323 LEU A CB  1 
ATOM   354 C  CG  . LEU A 1 47  ? 1.205   10.747  12.124  1.000 118.871 ? 323 LEU A CG  1 
ATOM   355 C  CD1 . LEU A 1 47  ? 2.013   11.934  12.640  1.000 121.112 ? 323 LEU A CD1 1 
ATOM   356 C  CD2 . LEU A 1 47  ? 1.164   10.766  10.603  1.000 113.306 ? 323 LEU A CD2 1 
ATOM   357 N  N   . THR A 1 48  ? 1.909   6.440   13.913  1.000 91.544  ? 324 THR A N   1 
ATOM   358 C  CA  . THR A 1 48  ? 2.432   5.050   14.109  1.000 102.583 ? 324 THR A CA  1 
ATOM   359 C  C   . THR A 1 48  ? 1.363   4.033   13.658  1.000 106.437 ? 324 THR A C   1 
ATOM   360 O  O   . THR A 1 48  ? 1.691   3.216   12.778  1.000 105.994 ? 324 THR A O   1 
ATOM   361 C  CB  . THR A 1 48  ? 3.045   4.803   15.502  1.000 99.619  ? 324 THR A CB  1 
ATOM   362 O  OG1 . THR A 1 48  ? 2.080   4.780   16.544  1.000 128.695 ? 324 THR A OG1 1 
ATOM   363 C  CG2 . THR A 1 48  ? 4.090   5.839   15.877  1.000 116.456 ? 324 THR A CG2 1 
ATOM   364 N  N   . LYS A 1 49  ? 0.109   4.143   14.122  1.000 115.897 ? 325 LYS A N   1 
ATOM   365 C  CA  . LYS A 1 49  ? -1.004  3.248   13.688  1.000 107.067 ? 325 LYS A CA  1 
ATOM   366 C  C   . LYS A 1 49  ? -1.175  3.375   12.162  1.000 106.915 ? 325 LYS A C   1 
ATOM   367 O  O   . LYS A 1 49  ? -1.135  2.303   11.495  1.000 95.071  ? 325 LYS A O   1 
ATOM   368 C  CB  . LYS A 1 49  ? -2.283  3.489   14.503  1.000 118.558 ? 325 LYS A CB  1 
ATOM   369 C  CG  . LYS A 1 49  ? -2.372  2.701   15.817  1.000 147.390 ? 325 LYS A CG  1 
ATOM   370 C  CD  . LYS A 1 49  ? -2.929  3.464   17.053  1.000 163.436 ? 325 LYS A CD  1 
ATOM   371 C  CE  . LYS A 1 49  ? -4.447  3.491   17.183  1.000 158.468 ? 325 LYS A CE  1 
ATOM   372 N  NZ  . LYS A 1 49  ? -4.933  4.811   17.657  1.000 156.369 ? 325 LYS A NZ  1 
ATOM   373 N  N   . SER A 1 50  ? -1.296  4.594   11.598  1.000 94.243  ? 326 SER A N   1 
ATOM   374 C  CA  . SER A 1 50  ? -1.553  4.820   10.139  1.000 102.949 ? 326 SER A CA  1 
ATOM   375 C  C   . SER A 1 50  ? -0.388  4.295   9.270   1.000 122.852 ? 326 SER A C   1 
ATOM   376 O  O   . SER A 1 50  ? -0.649  3.814   8.135   1.000 121.619 ? 326 SER A O   1 
ATOM   377 C  CB  . SER A 1 50  ? -1.821  6.274   9.799   1.000 103.522 ? 326 SER A CB  1 
ATOM   378 O  OG  . SER A 1 50  ? -2.428  6.957   10.873  1.000 118.135 ? 326 SER A OG  1 
ATOM   379 N  N   . LEU A 1 51  ? 0.860   4.417   9.733   1.000 110.499 ? 327 LEU A N   1 
ATOM   380 C  CA  . LEU A 1 51  ? 2.018   3.843   9.008   1.000 118.513 ? 327 LEU A CA  1 
ATOM   381 C  C   . LEU A 1 51  ? 1.842   2.315   8.932   1.000 122.276 ? 327 LEU A C   1 
ATOM   382 O  O   . LEU A 1 51  ? 1.781   1.775   7.796   1.000 117.187 ? 327 LEU A O   1 
ATOM   383 C  CB  . LEU A 1 51  ? 3.300   4.262   9.732   1.000 129.740 ? 327 LEU A CB  1 
ATOM   384 C  CG  . LEU A 1 51  ? 4.591   4.313   8.908   1.000 119.072 ? 327 LEU A CG  1 
ATOM   385 C  CD1 . LEU A 1 51  ? 4.468   5.150   7.644   1.000 117.846 ? 327 LEU A CD1 1 
ATOM   386 C  CD2 . LEU A 1 51  ? 5.690   4.895   9.760   1.000 125.896 ? 327 LEU A CD2 1 
ATOM   387 N  N   . ALA A 1 52  ? 1.690   1.651   10.084  1.000 103.363 ? 328 ALA A N   1 
ATOM   388 C  CA  . ALA A 1 52  ? 1.425   0.192   10.171  1.000 110.796 ? 328 ALA A CA  1 
ATOM   389 C  C   . ALA A 1 52  ? 0.230   -0.186  9.288   1.000 120.817 ? 328 ALA A C   1 
ATOM   390 O  O   . ALA A 1 52  ? 0.326   -1.217  8.600   1.000 131.024 ? 328 ALA A O   1 
ATOM   391 C  CB  . ALA A 1 52  ? 1.190   -0.223  11.601  1.000 109.761 ? 328 ALA A CB  1 
ATOM   392 N  N   . ARG A 1 53  ? -0.848  0.612   9.323   1.000 129.842 ? 329 ARG A N   1 
ATOM   393 C  CA  . ARG A 1 53  ? -2.105  0.384   8.552   1.000 130.592 ? 329 ARG A CA  1 
ATOM   394 C  C   . ARG A 1 53  ? -1.757  0.430   7.051   1.000 125.134 ? 329 ARG A C   1 
ATOM   395 O  O   . ARG A 1 53  ? -1.967  -0.601  6.381   1.000 117.188 ? 329 ARG A O   1 
ATOM   396 C  CB  . ARG A 1 53  ? -3.185  1.362   9.040   1.000 136.426 ? 329 ARG A CB  1 
ATOM   397 C  CG  . ARG A 1 53  ? -4.536  1.313   8.330   1.000 149.469 ? 329 ARG A CG  1 
ATOM   398 C  CD  . ARG A 1 53  ? -5.259  2.662   8.390   1.000 163.370 ? 329 ARG A CD  1 
ATOM   399 N  NE  . ARG A 1 53  ? -4.487  3.710   7.707   1.000 194.112 ? 329 ARG A NE  1 
ATOM   400 C  CZ  . ARG A 1 53  ? -4.666  5.033   7.810   1.000 167.656 ? 329 ARG A CZ  1 
ATOM   401 N  NH1 . ARG A 1 53  ? -5.618  5.531   8.582   1.000 167.548 ? 329 ARG A NH1 1 
ATOM   402 N  NH2 . ARG A 1 53  ? -3.883  5.858   7.130   1.000 147.612 ? 329 ARG A NH2 1 
ATOM   403 N  N   . GLU A 1 54  ? -1.167  1.526   6.551   1.000 133.117 ? 330 GLU A N   1 
ATOM   404 C  CA  . GLU A 1 54  ? -0.766  1.658   5.119   1.000 132.503 ? 330 GLU A CA  1 
ATOM   405 C  C   . GLU A 1 54  ? 0.145   0.502   4.707   1.000 128.436 ? 330 GLU A C   1 
ATOM   406 O  O   . GLU A 1 54  ? 0.091   0.113   3.546   1.000 114.038 ? 330 GLU A O   1 
ATOM   407 C  CB  . GLU A 1 54  ? 0.060   2.905   4.837   1.000 139.531 ? 330 GLU A CB  1 
ATOM   408 C  CG  . GLU A 1 54  ? -0.001  3.305   3.380   1.000 143.626 ? 330 GLU A CG  1 
ATOM   409 C  CD  . GLU A 1 54  ? -1.264  4.090   3.084   1.000 165.813 ? 330 GLU A CD  1 
ATOM   410 O  OE1 . GLU A 1 54  ? -1.900  4.602   4.077   1.000 128.820 ? 330 GLU A OE1 1 
ATOM   411 O  OE2 . GLU A 1 54  ? -1.600  4.205   1.877   1.000 169.377 ? 330 GLU A OE2 1 
ATOM   412 N  N   . ARG A 1 55  ? 0.998   0.033   5.619   1.000 123.625 ? 331 ARG A N   1 
ATOM   413 C  CA  . ARG A 1 55  ? 1.898   -1.116  5.369   1.000 127.632 ? 331 ARG A CA  1 
ATOM   414 C  C   . ARG A 1 55  ? 1.029   -2.335  5.064   1.000 131.634 ? 331 ARG A C   1 
ATOM   415 O  O   . ARG A 1 55  ? 1.043   -2.748  3.887   1.000 124.146 ? 331 ARG A O   1 
ATOM   416 C  CB  . ARG A 1 55  ? 2.884   -1.293  6.527   1.000 138.586 ? 331 ARG A CB  1 
ATOM   417 C  CG  . ARG A 1 55  ? 4.117   -0.423  6.343   1.000 147.894 ? 331 ARG A CG  1 
ATOM   418 C  CD  . ARG A 1 55  ? 5.064   -0.275  7.515   1.000 135.880 ? 331 ARG A CD  1 
ATOM   419 N  NE  . ARG A 1 55  ? 6.024   0.728   7.080   1.000 143.542 ? 331 ARG A NE  1 
ATOM   420 C  CZ  . ARG A 1 55  ? 6.994   1.239   7.815   1.000 140.953 ? 331 ARG A CZ  1 
ATOM   421 N  NH1 . ARG A 1 55  ? 7.174   0.843   9.064   1.000 134.254 ? 331 ARG A NH1 1 
ATOM   422 N  NH2 . ARG A 1 55  ? 7.785   2.155   7.285   1.000 144.099 ? 331 ARG A NH2 1 
ATOM   423 N  N   . ASP A 1 56  ? 0.249   -2.817  6.048   1.000 145.820 ? 332 ASP A N   1 
ATOM   424 C  CA  . ASP A 1 56  ? -0.666  -3.989  5.920   1.000 127.786 ? 332 ASP A CA  1 
ATOM   425 C  C   . ASP A 1 56  ? -1.530  -3.821  4.668   1.000 120.839 ? 332 ASP A C   1 
ATOM   426 O  O   . ASP A 1 56  ? -1.725  -4.814  3.958   1.000 127.797 ? 332 ASP A O   1 
ATOM   427 C  CB  . ASP A 1 56  ? -1.528  -4.190  7.165   1.000 124.401 ? 332 ASP A CB  1 
ATOM   428 C  CG  . ASP A 1 56  ? -0.730  -4.628  8.387   1.000 165.729 ? 332 ASP A CG  1 
ATOM   429 O  OD1 . ASP A 1 56  ? 0.480   -4.936  8.237   1.000 175.253 ? 332 ASP A OD1 1 
ATOM   430 O  OD2 . ASP A 1 56  ? -1.314  -4.650  9.489   1.000 190.698 ? 332 ASP A OD2 1 
ATOM   431 N  N   . THR A 1 57  ? -1.987  -2.600  4.381   1.000 111.118 ? 333 THR A N   1 
ATOM   432 C  CA  . THR A 1 57  ? -2.870  -2.309  3.224   1.000 115.333 ? 333 THR A CA  1 
ATOM   433 C  C   . THR A 1 57  ? -2.076  -2.444  1.929   1.000 123.613 ? 333 THR A C   1 
ATOM   434 O  O   . THR A 1 57  ? -2.563  -3.139  1.048   1.000 121.916 ? 333 THR A O   1 
ATOM   435 C  CB  . THR A 1 57  ? -3.515  -0.922  3.314   1.000 123.694 ? 333 THR A CB  1 
ATOM   436 O  OG1 . THR A 1 57  ? -4.556  -1.019  4.280   1.000 153.537 ? 333 THR A OG1 1 
ATOM   437 C  CG2 . THR A 1 57  ? -4.091  -0.447  1.997   1.000 121.211 ? 333 THR A CG2 1 
ATOM   438 N  N   . SER A 1 58  ? -0.926  -1.773  1.804   1.000 144.009 ? 334 SER A N   1 
ATOM   439 C  CA  . SER A 1 58  ? -0.054  -1.870  0.603   1.000 133.094 ? 334 SER A CA  1 
ATOM   440 C  C   . SER A 1 58  ? 0.214   -3.362  0.337   1.000 138.154 ? 334 SER A C   1 
ATOM   441 O  O   . SER A 1 58  ? -0.128  -3.845  -0.777  1.000 124.914 ? 334 SER A O   1 
ATOM   442 C  CB  . SER A 1 58  ? 1.220   -1.074  0.758   1.000 135.056 ? 334 SER A CB  1 
ATOM   443 O  OG  . SER A 1 58  ? 0.942   0.304   1.002   1.000 205.397 ? 334 SER A OG  1 
ATOM   444 N  N   . ARG A 1 59  ? 0.702   -4.099  1.346   1.000 122.120 ? 335 ARG A N   1 
ATOM   445 C  CA  . ARG A 1 59  ? 1.069   -5.537  1.202   1.000 122.964 ? 335 ARG A CA  1 
ATOM   446 C  C   . ARG A 1 59  ? -0.171  -6.321  0.740   1.000 124.026 ? 335 ARG A C   1 
ATOM   447 O  O   . ARG A 1 59  ? -0.072  -7.081  -0.245  1.000 121.533 ? 335 ARG A O   1 
ATOM   448 C  CB  . ARG A 1 59  ? 1.721   -6.105  2.475   1.000 122.338 ? 335 ARG A CB  1 
ATOM   449 C  CG  . ARG A 1 59  ? 2.961   -5.354  2.969   1.000 152.660 ? 335 ARG A CG  1 
ATOM   450 C  CD  . ARG A 1 59  ? 3.734   -4.509  1.935   1.000 179.207 ? 335 ARG A CD  1 
ATOM   451 N  NE  . ARG A 1 59  ? 4.865   -3.733  2.469   1.000 164.226 ? 335 ARG A NE  1 
ATOM   452 C  CZ  . ARG A 1 59  ? 5.413   -2.648  1.905   1.000 146.894 ? 335 ARG A CZ  1 
ATOM   453 N  NH1 . ARG A 1 59  ? 4.968   -2.160  0.758   1.000 130.259 ? 335 ARG A NH1 1 
ATOM   454 N  NH2 . ARG A 1 59  ? 6.415   -2.036  2.508   1.000 157.775 ? 335 ARG A NH2 1 
ATOM   455 N  N   . ARG A 1 60  ? -1.324  -6.092  1.366   1.000 140.711 ? 336 ARG A N   1 
ATOM   456 C  CA  . ARG A 1 60  ? -2.603  -6.759  0.987   1.000 133.702 ? 336 ARG A CA  1 
ATOM   457 C  C   . ARG A 1 60  ? -2.903  -6.496  -0.502  1.000 125.301 ? 336 ARG A C   1 
ATOM   458 O  O   . ARG A 1 60  ? -3.122  -7.470  -1.237  1.000 131.252 ? 336 ARG A O   1 
ATOM   459 C  CB  . ARG A 1 60  ? -3.728  -6.306  1.926   1.000 142.306 ? 336 ARG A CB  1 
ATOM   460 C  CG  . ARG A 1 60  ? -5.042  -7.058  1.760   1.000 168.296 ? 336 ARG A CG  1 
ATOM   461 C  CD  . ARG A 1 60  ? -6.084  -6.322  0.929   1.000 178.680 ? 336 ARG A CD  1 
ATOM   462 N  NE  . ARG A 1 60  ? -6.688  -5.198  1.632   1.000 171.976 ? 336 ARG A NE  1 
ATOM   463 C  CZ  . ARG A 1 60  ? -7.553  -4.351  1.087   1.000 163.115 ? 336 ARG A CZ  1 
ATOM   464 N  NH1 . ARG A 1 60  ? -7.931  -4.499  -0.172  1.000 154.267 ? 336 ARG A NH1 1 
ATOM   465 N  NH2 . ARG A 1 60  ? -8.040  -3.360  1.811   1.000 172.225 ? 336 ARG A NH2 1 
ATOM   466 N  N   . LEU A 1 61  ? -2.887  -5.238  -0.945  1.000 120.608 ? 337 LEU A N   1 
ATOM   467 C  CA  . LEU A 1 61  ? -3.205  -4.835  -2.345  1.000 126.106 ? 337 LEU A CA  1 
ATOM   468 C  C   . LEU A 1 61  ? -2.240  -5.505  -3.333  1.000 131.769 ? 337 LEU A C   1 
ATOM   469 O  O   . LEU A 1 61  ? -2.688  -5.911  -4.422  1.000 122.543 ? 337 LEU A O   1 
ATOM   470 C  CB  . LEU A 1 61  ? -3.094  -3.315  -2.477  1.000 135.044 ? 337 LEU A CB  1 
ATOM   471 C  CG  . LEU A 1 61  ? -4.286  -2.522  -1.956  1.000 133.530 ? 337 LEU A CG  1 
ATOM   472 C  CD1 . LEU A 1 61  ? -3.836  -1.205  -1.323  1.000 135.719 ? 337 LEU A CD1 1 
ATOM   473 C  CD2 . LEU A 1 61  ? -5.279  -2.280  -3.073  1.000 131.950 ? 337 LEU A CD2 1 
ATOM   474 N  N   . LEU A 1 62  ? -0.950  -5.589  -3.001  1.000 131.614 ? 338 LEU A N   1 
ATOM   475 C  CA  . LEU A 1 62  ? 0.044   -6.265  -3.880  1.000 134.997 ? 338 LEU A CA  1 
ATOM   476 C  C   . LEU A 1 62  ? -0.336  -7.732  -4.045  1.000 130.460 ? 338 LEU A C   1 
ATOM   477 O  O   . LEU A 1 62  ? -0.472  -8.185  -5.188  1.000 135.840 ? 338 LEU A O   1 
ATOM   478 C  CB  . LEU A 1 62  ? 1.443   -6.161  -3.274  1.000 140.380 ? 338 LEU A CB  1 
ATOM   479 C  CG  . LEU A 1 62  ? 2.055   -4.769  -3.297  1.000 141.761 ? 338 LEU A CG  1 
ATOM   480 C  CD1 . LEU A 1 62  ? 3.555   -4.813  -3.500  1.000 160.909 ? 338 LEU A CD1 1 
ATOM   481 C  CD2 . LEU A 1 62  ? 1.434   -3.965  -4.393  1.000 161.595 ? 338 LEU A CD2 1 
ATOM   482 N  N   . ALA A 1 63  ? -0.499  -8.431  -2.926  1.000 127.281 ? 339 ALA A N   1 
ATOM   483 C  CA  . ALA A 1 63  ? -0.978  -9.828  -2.873  1.000 128.458 ? 339 ALA A CA  1 
ATOM   484 C  C   . ALA A 1 63  ? -2.260  -9.991  -3.712  1.000 129.217 ? 339 ALA A C   1 
ATOM   485 O  O   . ALA A 1 63  ? -2.425  -11.074 -4.289  1.000 139.729 ? 339 ALA A O   1 
ATOM   486 C  CB  . ALA A 1 63  ? -1.174  -10.248 -1.437  1.000 129.811 ? 339 ALA A CB  1 
ATOM   487 N  N   . GLU A 1 64  ? -3.127  -8.975  -3.820  1.000 120.618 ? 340 GLU A N   1 
ATOM   488 C  CA  . GLU A 1 64  ? -4.293  -9.037  -4.746  1.000 135.650 ? 340 GLU A CA  1 
ATOM   489 C  C   . GLU A 1 64  ? -3.768  -9.074  -6.190  1.000 123.947 ? 340 GLU A C   1 
ATOM   490 O  O   . GLU A 1 64  ? -4.222  -9.948  -6.956  1.000 131.055 ? 340 GLU A O   1 
ATOM   491 C  CB  . GLU A 1 64  ? -5.311  -7.912  -4.501  1.000 158.392 ? 340 GLU A CB  1 
ATOM   492 C  CG  . GLU A 1 64  ? -6.309  -8.218  -3.383  1.000 171.734 ? 340 GLU A CG  1 
ATOM   493 C  CD  . GLU A 1 64  ? -7.311  -7.118  -3.043  1.000 178.181 ? 340 GLU A CD  1 
ATOM   494 O  OE1 . GLU A 1 64  ? -7.594  -6.275  -3.929  1.000 162.149 ? 340 GLU A OE1 1 
ATOM   495 O  OE2 . GLU A 1 64  ? -7.806  -7.100  -1.885  1.000 159.671 ? 340 GLU A OE2 1 
ATOM   496 N  N   . LYS A 1 65  ? -2.827  -8.203  -6.559  1.000 117.165 ? 341 LYS A N   1 
ATOM   497 C  CA  . LYS A 1 65  ? -2.267  -8.189  -7.942  1.000 123.309 ? 341 LYS A CA  1 
ATOM   498 C  C   . LYS A 1 65  ? -1.496  -9.500  -8.213  1.000 125.299 ? 341 LYS A C   1 
ATOM   499 O  O   . LYS A 1 65  ? -1.629  -10.038 -9.333  1.000 121.595 ? 341 LYS A O   1 
ATOM   500 C  CB  . LYS A 1 65  ? -1.404  -6.947  -8.163  1.000 123.579 ? 341 LYS A CB  1 
ATOM   501 C  CG  . LYS A 1 65  ? -2.135  -5.626  -8.003  1.000 136.798 ? 341 LYS A CG  1 
ATOM   502 C  CD  . LYS A 1 65  ? -2.530  -4.966  -9.298  1.000 144.987 ? 341 LYS A CD  1 
ATOM   503 C  CE  . LYS A 1 65  ? -3.494  -3.822  -9.063  1.000 157.501 ? 341 LYS A CE  1 
ATOM   504 N  NZ  . LYS A 1 65  ? -3.896  -3.175  -10.331 1.000 167.400 ? 341 LYS A NZ  1 
ATOM   505 N  N   . GLU A 1 66  ? -0.727  -10.017 -7.242  1.000 119.594 ? 342 GLU A N   1 
ATOM   506 C  CA  . GLU A 1 66  ? 0.043   -11.283 -7.403  1.000 123.586 ? 342 GLU A CA  1 
ATOM   507 C  C   . GLU A 1 66  ? -0.960  -12.386 -7.783  1.000 119.042 ? 342 GLU A C   1 
ATOM   508 O  O   . GLU A 1 66  ? -0.694  -13.140 -8.732  1.000 124.197 ? 342 GLU A O   1 
ATOM   509 C  CB  . GLU A 1 66  ? 0.879   -11.622 -6.154  1.000 137.171 ? 342 GLU A CB  1 
ATOM   510 C  CG  . GLU A 1 66  ? 2.241   -10.924 -6.078  1.000 147.729 ? 342 GLU A CG  1 
ATOM   511 C  CD  . GLU A 1 66  ? 3.121   -11.163 -4.840  1.000 169.215 ? 342 GLU A CD  1 
ATOM   512 O  OE1 . GLU A 1 66  ? 2.942   -12.190 -4.122  1.000 161.832 ? 342 GLU A OE1 1 
ATOM   513 O  OE2 . GLU A 1 66  ? 4.014   -10.320 -4.589  1.000 163.378 ? 342 GLU A OE2 1 
ATOM   514 N  N   . ARG A 1 67  ? -2.110  -12.451 -7.112  1.000 126.993 ? 343 ARG A N   1 
ATOM   515 C  CA  . ARG A 1 67  ? -3.079  -13.557 -7.338  1.000 128.300 ? 343 ARG A CA  1 
ATOM   516 C  C   . ARG A 1 67  ? -3.794  -13.283 -8.672  1.000 127.017 ? 343 ARG A C   1 
ATOM   517 O  O   . ARG A 1 67  ? -4.057  -14.242 -9.419  1.000 146.940 ? 343 ARG A O   1 
ATOM   518 C  CB  . ARG A 1 67  ? -3.929  -13.789 -6.077  1.000 120.490 ? 343 ARG A CB  1 
ATOM   519 C  CG  . ARG A 1 67  ? -5.411  -13.449 -6.167  1.000 139.292 ? 343 ARG A CG  1 
ATOM   520 C  CD  . ARG A 1 67  ? -6.142  -13.909 -4.908  1.000 161.382 ? 343 ARG A CD  1 
ATOM   521 N  NE  . ARG A 1 67  ? -5.552  -13.387 -3.669  1.000 169.777 ? 343 ARG A NE  1 
ATOM   522 C  CZ  . ARG A 1 67  ? -6.000  -12.338 -2.972  1.000 174.950 ? 343 ARG A CZ  1 
ATOM   523 N  NH1 . ARG A 1 67  ? -7.077  -11.667 -3.360  1.000 164.199 ? 343 ARG A NH1 1 
ATOM   524 N  NH2 . ARG A 1 67  ? -5.355  -11.963 -1.878  1.000 176.435 ? 343 ARG A NH2 1 
ATOM   525 N  N   . GLU A 1 68  ? -4.017  -12.020 -9.018  1.000 122.244 ? 344 GLU A N   1 
ATOM   526 C  CA  . GLU A 1 68  ? -4.552  -11.630 -10.349 1.000 120.053 ? 344 GLU A CA  1 
ATOM   527 C  C   . GLU A 1 68  ? -3.581  -12.108 -11.440 1.000 121.291 ? 344 GLU A C   1 
ATOM   528 O  O   . GLU A 1 68  ? -4.044  -12.687 -12.433 1.000 118.286 ? 344 GLU A O   1 
ATOM   529 C  CB  . GLU A 1 68  ? -4.769  -10.119 -10.384 1.000 128.720 ? 344 GLU A CB  1 
ATOM   530 C  CG  . GLU A 1 68  ? -5.758  -9.673  -11.440 1.000 149.934 ? 344 GLU A CG  1 
ATOM   531 C  CD  . GLU A 1 68  ? -6.144  -8.211  -11.312 1.000 174.583 ? 344 GLU A CD  1 
ATOM   532 O  OE1 . GLU A 1 68  ? -6.059  -7.683  -10.184 1.000 177.826 ? 344 GLU A OE1 1 
ATOM   533 O  OE2 . GLU A 1 68  ? -6.512  -7.598  -12.340 1.000 184.300 ? 344 GLU A OE2 1 
ATOM   534 N  N   . MET A 1 69  ? -2.274  -11.894 -11.259 1.000 136.764 ? 345 MET A N   1 
ATOM   535 C  CA  . MET A 1 69  ? -1.231  -12.334 -12.231 1.000 136.371 ? 345 MET A CA  1 
ATOM   536 C  C   . MET A 1 69  ? -1.252  -13.865 -12.328 1.000 132.454 ? 345 MET A C   1 
ATOM   537 O  O   . MET A 1 69  ? -1.343  -14.389 -13.462 1.000 127.428 ? 345 MET A O   1 
ATOM   538 C  CB  . MET A 1 69  ? 0.164   -11.838 -11.833 1.000 132.443 ? 345 MET A CB  1 
ATOM   539 C  CG  . MET A 1 69  ? 0.361   -10.358 -12.137 1.000 147.513 ? 345 MET A CG  1 
ATOM   540 S  SD  . MET A 1 69  ? 1.883   -9.593  -11.505 1.000 153.379 ? 345 MET A SD  1 
ATOM   541 C  CE  . MET A 1 69  ? 3.086   -10.891 -11.792 1.000 167.801 ? 345 MET A CE  1 
ATOM   542 N  N   . ALA A 1 70  ? -1.219  -14.553 -11.184 1.000 119.281 ? 346 ALA A N   1 
ATOM   543 C  CA  . ALA A 1 70  ? -1.351  -16.025 -11.089 1.000 118.071 ? 346 ALA A CA  1 
ATOM   544 C  C   . ALA A 1 70  ? -2.582  -16.488 -11.883 1.000 115.041 ? 346 ALA A C   1 
ATOM   545 O  O   . ALA A 1 70  ? -2.467  -17.495 -12.602 1.000 113.476 ? 346 ALA A O   1 
ATOM   546 C  CB  . ALA A 1 70  ? -1.425  -16.452 -9.645  1.000 117.316 ? 346 ALA A CB  1 
ATOM   547 N  N   . GLU A 1 71  ? -3.715  -15.786 -11.772 1.000 108.412 ? 347 GLU A N   1 
ATOM   548 C  CA  . GLU A 1 71  ? -4.922  -16.112 -12.578 1.000 125.045 ? 347 GLU A CA  1 
ATOM   549 C  C   . GLU A 1 71  ? -4.510  -16.036 -14.052 1.000 118.463 ? 347 GLU A C   1 
ATOM   550 O  O   . GLU A 1 71  ? -4.697  -17.040 -14.773 1.000 112.501 ? 347 GLU A O   1 
ATOM   551 C  CB  . GLU A 1 71  ? -6.128  -15.227 -12.225 1.000 139.068 ? 347 GLU A CB  1 
ATOM   552 C  CG  . GLU A 1 71  ? -6.972  -15.774 -11.078 1.000 148.450 ? 347 GLU A CG  1 
ATOM   553 C  CD  . GLU A 1 71  ? -7.842  -14.748 -10.368 1.000 163.070 ? 347 GLU A CD  1 
ATOM   554 O  OE1 . GLU A 1 71  ? -8.335  -13.827 -11.048 1.000 177.690 ? 347 GLU A OE1 1 
ATOM   555 O  OE2 . GLU A 1 71  ? -8.004  -14.856 -9.131  1.000 168.698 ? 347 GLU A OE2 1 
ATOM   556 N  N   . MET A 1 72  ? -3.886  -14.932 -14.473 1.000 115.544 ? 348 MET A N   1 
ATOM   557 C  CA  . MET A 1 72  ? -3.442  -14.774 -15.883 1.000 114.107 ? 348 MET A CA  1 
ATOM   558 C  C   . MET A 1 72  ? -2.505  -15.928 -16.284 1.000 118.365 ? 348 MET A C   1 
ATOM   559 O  O   . MET A 1 72  ? -2.737  -16.494 -17.380 1.000 112.946 ? 348 MET A O   1 
ATOM   560 C  CB  . MET A 1 72  ? -2.766  -13.425 -16.118 1.000 114.267 ? 348 MET A CB  1 
ATOM   561 C  CG  . MET A 1 72  ? -3.725  -12.403 -16.659 1.000 121.769 ? 348 MET A CG  1 
ATOM   562 S  SD  . MET A 1 72  ? -3.014  -10.749 -16.701 1.000 129.622 ? 348 MET A SD  1 
ATOM   563 C  CE  . MET A 1 72  ? -3.047  -10.414 -14.943 1.000 139.741 ? 348 MET A CE  1 
ATOM   564 N  N   . ARG A 1 73  ? -1.515  -16.303 -15.457 1.000 107.599 ? 349 ARG A N   1 
ATOM   565 C  CA  . ARG A 1 73  ? -0.548  -17.373 -15.845 1.000 113.457 ? 349 ARG A CA  1 
ATOM   566 C  C   . ARG A 1 73  ? -1.345  -18.643 -16.147 1.000 112.140 ? 349 ARG A C   1 
ATOM   567 O  O   . ARG A 1 73  ? -1.100  -19.294 -17.184 1.000 117.695 ? 349 ARG A O   1 
ATOM   568 C  CB  . ARG A 1 73  ? 0.549   -17.638 -14.809 1.000 104.700 ? 349 ARG A CB  1 
ATOM   569 C  CG  . ARG A 1 73  ? 1.777   -16.750 -14.972 1.000 131.455 ? 349 ARG A CG  1 
ATOM   570 C  CD  . ARG A 1 73  ? 2.887   -16.990 -13.950 1.000 149.081 ? 349 ARG A CD  1 
ATOM   571 N  NE  . ARG A 1 73  ? 2.553   -16.567 -12.587 1.000 147.723 ? 349 ARG A NE  1 
ATOM   572 C  CZ  . ARG A 1 73  ? 2.725   -15.338 -12.092 1.000 162.565 ? 349 ARG A CZ  1 
ATOM   573 N  NH1 . ARG A 1 73  ? 3.242   -14.367 -12.837 1.000 160.902 ? 349 ARG A NH1 1 
ATOM   574 N  NH2 . ARG A 1 73  ? 2.371   -15.090 -10.840 1.000 152.559 ? 349 ARG A NH2 1 
ATOM   575 N  N   . ALA A 1 74  ? -2.309  -18.970 -15.298 1.000 114.535 ? 350 ALA A N   1 
ATOM   576 C  CA  . ALA A 1 74  ? -3.134  -20.173 -15.504 1.000 106.294 ? 350 ALA A CA  1 
ATOM   577 C  C   . ALA A 1 74  ? -3.819  -20.064 -16.871 1.000 101.091 ? 350 ALA A C   1 
ATOM   578 O  O   . ALA A 1 74  ? -3.746  -21.039 -17.658 1.000 96.145  ? 350 ALA A O   1 
ATOM   579 C  CB  . ALA A 1 74  ? -4.108  -20.305 -14.382 1.000 103.770 ? 350 ALA A CB  1 
ATOM   580 N  N   . ARG A 1 75  ? -4.433  -18.917 -17.181 1.000 96.868  ? 351 ARG A N   1 
ATOM   581 C  CA  . ARG A 1 75  ? -5.125  -18.762 -18.487 1.000 104.780 ? 351 ARG A CA  1 
ATOM   582 C  C   . ARG A 1 75  ? -4.064  -18.990 -19.582 1.000 114.181 ? 351 ARG A C   1 
ATOM   583 O  O   . ARG A 1 75  ? -4.335  -19.787 -20.529 1.000 96.306  ? 351 ARG A O   1 
ATOM   584 C  CB  . ARG A 1 75  ? -5.915  -17.444 -18.561 1.000 108.357 ? 351 ARG A CB  1 
ATOM   585 C  CG  . ARG A 1 75  ? -6.657  -17.224 -19.883 1.000 138.369 ? 351 ARG A CG  1 
ATOM   586 C  CD  . ARG A 1 75  ? -7.462  -18.421 -20.436 1.000 155.036 ? 351 ARG A CD  1 
ATOM   587 N  NE  . ARG A 1 75  ? -7.746  -18.455 -21.885 1.000 141.199 ? 351 ARG A NE  1 
ATOM   588 C  CZ  . ARG A 1 75  ? -8.161  -19.535 -22.580 1.000 144.958 ? 351 ARG A CZ  1 
ATOM   589 N  NH1 . ARG A 1 75  ? -8.342  -20.707 -21.986 1.000 140.870 ? 351 ARG A NH1 1 
ATOM   590 N  NH2 . ARG A 1 75  ? -8.381  -19.441 -23.883 1.000 140.415 ? 351 ARG A NH2 1 
ATOM   591 N  N   . MET A 1 76  ? -2.857  -18.425 -19.408 1.000 122.056 ? 352 MET A N   1 
ATOM   592 C  CA  . MET A 1 76  ? -1.747  -18.540 -20.399 1.000 112.367 ? 352 MET A CA  1 
ATOM   593 C  C   . MET A 1 76  ? -1.385  -20.026 -20.628 1.000 104.295 ? 352 MET A C   1 
ATOM   594 O  O   . MET A 1 76  ? -1.391  -20.486 -21.795 1.000 106.787 ? 352 MET A O   1 
ATOM   595 C  CB  . MET A 1 76  ? -0.536  -17.706 -19.968 1.000 106.741 ? 352 MET A CB  1 
ATOM   596 C  CG  . MET A 1 76  ? -0.670  -16.231 -20.369 1.000 124.011 ? 352 MET A CG  1 
ATOM   597 S  SD  . MET A 1 76  ? 0.699   -15.199 -19.775 1.000 122.918 ? 352 MET A SD  1 
ATOM   598 C  CE  . MET A 1 76  ? 2.094   -15.936 -20.619 1.000 153.918 ? 352 MET A CE  1 
ATOM   599 N  N   . GLN A 1 77  ? -1.160  -20.800 -19.570 1.000 95.873  ? 353 GLN A N   1 
ATOM   600 C  CA  . GLN A 1 77  ? -0.897  -22.264 -19.695 1.000 110.199 ? 353 GLN A CA  1 
ATOM   601 C  C   . GLN A 1 77  ? -2.080  -22.981 -20.366 1.000 115.607 ? 353 GLN A C   1 
ATOM   602 O  O   . GLN A 1 77  ? -1.848  -24.013 -21.023 1.000 121.379 ? 353 GLN A O   1 
ATOM   603 C  CB  . GLN A 1 77  ? -0.673  -22.876 -18.314 1.000 114.837 ? 353 GLN A CB  1 
ATOM   604 C  CG  . GLN A 1 77  ? 0.390   -22.166 -17.506 1.000 117.108 ? 353 GLN A CG  1 
ATOM   605 C  CD  . GLN A 1 77  ? 0.595   -22.800 -16.164 1.000 120.524 ? 353 GLN A CD  1 
ATOM   606 O  OE1 . GLN A 1 77  ? 1.506   -22.436 -15.432 1.000 153.577 ? 353 GLN A OE1 1 
ATOM   607 N  NE2 . GLN A 1 77  ? -0.230  -23.781 -15.852 1.000 139.546 ? 353 GLN A NE2 1 
ATOM   608 N  N   . GLN A 1 78  ? -3.305  -22.502 -20.134 1.000 95.965  ? 354 GLN A N   1 
ATOM   609 C  CA  . GLN A 1 78  ? -4.512  -23.081 -20.748 1.000 101.377 ? 354 GLN A CA  1 
ATOM   610 C  C   . GLN A 1 78  ? -4.373  -22.869 -22.260 1.000 109.717 ? 354 GLN A C   1 
ATOM   611 O  O   . GLN A 1 78  ? -4.451  -23.909 -22.972 1.000 104.836 ? 354 GLN A O   1 
ATOM   612 C  CB  . GLN A 1 78  ? -5.786  -22.503 -20.117 1.000 120.675 ? 354 GLN A CB  1 
ATOM   613 N  N   . GLN A 1 79  ? -4.088  -21.629 -22.726 1.000 102.966 ? 355 GLN A N   1 
ATOM   614 C  CA  . GLN A 1 79  ? -3.937  -21.303 -24.188 1.000 112.129 ? 355 GLN A CA  1 
ATOM   615 C  C   . GLN A 1 79  ? -2.823  -22.174 -24.806 1.000 110.204 ? 355 GLN A C   1 
ATOM   616 O  O   . GLN A 1 79  ? -2.932  -22.484 -25.996 1.000 109.512 ? 355 GLN A O   1 
ATOM   617 C  CB  . GLN A 1 79  ? -3.671  -19.815 -24.488 1.000 118.057 ? 355 GLN A CB  1 
ATOM   618 C  CG  . GLN A 1 79  ? -4.697  -19.146 -25.408 1.000 139.558 ? 355 GLN A CG  1 
ATOM   619 C  CD  . GLN A 1 79  ? -5.081  -19.878 -26.688 1.000 151.660 ? 355 GLN A CD  1 
ATOM   620 O  OE1 . GLN A 1 79  ? -6.276  -20.003 -27.018 1.000 116.966 ? 355 GLN A OE1 1 
ATOM   621 N  NE2 . GLN A 1 79  ? -4.082  -20.328 -27.448 1.000 106.724 ? 355 GLN A NE2 1 
ATOM   622 N  N   . LEU A 1 80  ? -1.810  -22.597 -24.037 1.000 107.319 ? 356 LEU A N   1 
ATOM   623 C  CA  . LEU A 1 80  ? -0.807  -23.578 -24.530 1.000 113.821 ? 356 LEU A CA  1 
ATOM   624 C  C   . LEU A 1 80  ? -1.467  -24.942 -24.786 1.000 109.453 ? 356 LEU A C   1 
ATOM   625 O  O   . LEU A 1 80  ? -1.177  -25.556 -25.856 1.000 105.338 ? 356 LEU A O   1 
ATOM   626 C  CB  . LEU A 1 80  ? 0.354   -23.728 -23.540 1.000 117.116 ? 356 LEU A CB  1 
ATOM   627 C  CG  . LEU A 1 80  ? 1.497   -24.629 -24.037 1.000 112.709 ? 356 LEU A CG  1 
ATOM   628 C  CD1 . LEU A 1 80  ? 2.093   -24.076 -25.319 1.000 99.910  ? 356 LEU A CD1 1 
ATOM   629 C  CD2 . LEU A 1 80  ? 2.592   -24.851 -22.990 1.000 100.402 ? 356 LEU A CD2 1 
ATOM   630 N  N   . ASP A 1 81  ? -2.269  -25.432 -23.835 1.000 110.030 ? 357 ASP A N   1 
ATOM   631 C  CA  . ASP A 1 81  ? -2.989  -26.730 -23.967 1.000 102.625 ? 357 ASP A CA  1 
ATOM   632 C  C   . ASP A 1 81  ? -3.884  -26.619 -25.214 1.000 96.128  ? 357 ASP A C   1 
ATOM   633 O  O   . ASP A 1 81  ? -3.845  -27.560 -26.113 1.000 80.959  ? 357 ASP A O   1 
ATOM   634 C  CB  . ASP A 1 81  ? -3.724  -27.087 -22.674 1.000 103.449 ? 357 ASP A CB  1 
ATOM   635 C  CG  . ASP A 1 81  ? -2.861  -27.158 -21.415 1.000 122.640 ? 357 ASP A CG  1 
ATOM   636 O  OD1 . ASP A 1 81  ? -1.638  -27.327 -21.533 1.000 118.367 ? 357 ASP A OD1 1 
ATOM   637 O  OD2 . ASP A 1 81  ? -3.423  -27.037 -20.316 1.000 134.033 ? 357 ASP A OD2 1 
ATOM   638 N  N   . GLU A 1 82  ? -4.593  -25.488 -25.344 1.000 90.664  ? 358 GLU A N   1 
ATOM   639 C  CA  . GLU A 1 82  ? -5.503  -25.258 -26.502 1.000 110.616 ? 358 GLU A CA  1 
ATOM   640 C  C   . GLU A 1 82  ? -4.615  -25.346 -27.749 1.000 103.747 ? 358 GLU A C   1 
ATOM   641 O  O   . GLU A 1 82  ? -4.896  -26.187 -28.624 1.000 93.829  ? 358 GLU A O   1 
ATOM   642 C  CB  . GLU A 1 82  ? -6.320  -23.963 -26.351 1.000 127.202 ? 358 GLU A CB  1 
ATOM   643 C  CG  . GLU A 1 82  ? -7.594  -24.102 -25.497 1.000 141.273 ? 358 GLU A CG  1 
ATOM   644 C  CD  . GLU A 1 82  ? -8.348  -22.816 -25.132 1.000 161.086 ? 358 GLU A CD  1 
ATOM   645 O  OE1 . GLU A 1 82  ? -8.405  -21.872 -25.973 1.000 154.310 ? 358 GLU A OE1 1 
ATOM   646 O  OE2 . GLU A 1 82  ? -8.892  -22.750 -23.997 1.000 146.083 ? 358 GLU A OE2 1 
ATOM   647 N  N   . TYR A 1 83  ? -3.499  -24.611 -27.754 1.000 108.328 ? 359 TYR A N   1 
ATOM   648 C  CA  . TYR A 1 83  ? -2.632  -24.433 -28.952 1.000 107.519 ? 359 TYR A CA  1 
ATOM   649 C  C   . TYR A 1 83  ? -2.026  -25.780 -29.356 1.000 105.890 ? 359 TYR A C   1 
ATOM   650 O  O   . TYR A 1 83  ? -2.077  -26.141 -30.569 1.000 96.829  ? 359 TYR A O   1 
ATOM   651 C  CB  . TYR A 1 83  ? -1.550  -23.386 -28.700 1.000 103.901 ? 359 TYR A CB  1 
ATOM   652 C  CG  . TYR A 1 83  ? -0.722  -23.099 -29.918 1.000 108.168 ? 359 TYR A CG  1 
ATOM   653 C  CD1 . TYR A 1 83  ? 0.390   -23.872 -30.205 1.000 117.731 ? 359 TYR A CD1 1 
ATOM   654 C  CD2 . TYR A 1 83  ? -1.073  -22.092 -30.804 1.000 114.445 ? 359 TYR A CD2 1 
ATOM   655 C  CE1 . TYR A 1 83  ? 1.151   -23.640 -31.340 1.000 122.429 ? 359 TYR A CE1 1 
ATOM   656 C  CE2 . TYR A 1 83  ? -0.325  -21.848 -31.947 1.000 118.193 ? 359 TYR A CE2 1 
ATOM   657 C  CZ  . TYR A 1 83  ? 0.797   -22.615 -32.198 1.000 119.470 ? 359 TYR A CZ  1 
ATOM   658 O  OH  . TYR A 1 83  ? 1.549   -22.381 -33.298 1.000 135.615 ? 359 TYR A OH  1 
ATOM   659 N  N   . GLN A 1 84  ? -1.494  -26.500 -28.361 1.000 87.452  ? 360 GLN A N   1 
ATOM   660 C  CA  . GLN A 1 84  ? -0.935  -27.860 -28.538 1.000 84.889  ? 360 GLN A CA  1 
ATOM   661 C  C   . GLN A 1 84  ? -1.975  -28.774 -29.194 1.000 107.584 ? 360 GLN A C   1 
ATOM   662 O  O   . GLN A 1 84  ? -1.561  -29.474 -30.188 1.000 92.488  ? 360 GLN A O   1 
ATOM   663 C  CB  . GLN A 1 84  ? -0.454  -28.448 -27.210 1.000 87.877  ? 360 GLN A CB  1 
ATOM   664 C  CG  . GLN A 1 84  ? 0.103   -29.857 -27.384 1.000 97.786  ? 360 GLN A CG  1 
ATOM   665 C  CD  . GLN A 1 84  ? 0.920   -30.314 -26.202 1.000 106.112 ? 360 GLN A CD  1 
ATOM   666 O  OE1 . GLN A 1 84  ? 0.645   -29.977 -25.056 1.000 106.276 ? 360 GLN A OE1 1 
ATOM   667 N  NE2 . GLN A 1 84  ? 1.948   -31.092 -26.482 1.000 116.988 ? 360 GLN A NE2 1 
ATOM   668 N  N   . GLU A 1 85  ? -3.232  -28.783 -28.681 1.000 100.323 ? 361 GLU A N   1 
ATOM   669 C  CA  . GLU A 1 85  ? -4.294  -29.729 -29.145 1.000 108.874 ? 361 GLU A CA  1 
ATOM   670 C  C   . GLU A 1 85  ? -4.466  -29.531 -30.669 1.000 105.523 ? 361 GLU A C   1 
ATOM   671 O  O   . GLU A 1 85  ? -4.447  -30.534 -31.444 1.000 92.376  ? 361 GLU A O   1 
ATOM   672 C  CB  . GLU A 1 85  ? -5.591  -29.548 -28.333 1.000 128.030 ? 361 GLU A CB  1 
ATOM   673 C  CG  . GLU A 1 85  ? -6.758  -30.482 -28.721 1.000 139.120 ? 361 GLU A CG  1 
ATOM   674 C  CD  . GLU A 1 85  ? -8.165  -29.879 -28.890 1.000 164.556 ? 361 GLU A CD  1 
ATOM   675 O  OE1 . GLU A 1 85  ? -8.446  -29.176 -29.940 1.000 136.198 ? 361 GLU A OE1 1 
ATOM   676 O  OE2 . GLU A 1 85  ? -9.022  -30.139 -27.993 1.000 164.027 ? 361 GLU A OE2 1 
ATOM   677 N  N   . LEU A 1 86  ? -4.559  -28.272 -31.096 1.000 95.355  ? 362 LEU A N   1 
ATOM   678 C  CA  . LEU A 1 86  ? -4.813  -27.875 -32.504 1.000 88.567  ? 362 LEU A CA  1 
ATOM   679 C  C   . LEU A 1 86  ? -3.610  -28.258 -33.360 1.000 104.465 ? 362 LEU A C   1 
ATOM   680 O  O   . LEU A 1 86  ? -3.812  -28.773 -34.482 1.000 100.787 ? 362 LEU A O   1 
ATOM   681 C  CB  . LEU A 1 86  ? -5.015  -26.363 -32.547 1.000 81.845  ? 362 LEU A CB  1 
ATOM   682 C  CG  . LEU A 1 86  ? -5.282  -25.792 -33.935 1.000 89.034  ? 362 LEU A CG  1 
ATOM   683 C  CD1 . LEU A 1 86  ? -6.426  -26.520 -34.619 1.000 85.036  ? 362 LEU A CD1 1 
ATOM   684 C  CD2 . LEU A 1 86  ? -5.562  -24.295 -33.863 1.000 94.825  ? 362 LEU A CD2 1 
ATOM   685 N  N   . LEU A 1 87  ? -2.413  -27.974 -32.839 1.000 97.934  ? 363 LEU A N   1 
ATOM   686 C  CA  . LEU A 1 87  ? -1.119  -28.290 -33.486 1.000 95.291  ? 363 LEU A CA  1 
ATOM   687 C  C   . LEU A 1 87  ? -0.980  -29.797 -33.740 1.000 104.432 ? 363 LEU A C   1 
ATOM   688 O  O   . LEU A 1 87  ? -0.631  -30.169 -34.907 1.000 92.904  ? 363 LEU A O   1 
ATOM   689 C  CB  . LEU A 1 87  ? 0.003   -27.812 -32.569 1.000 116.167 ? 363 LEU A CB  1 
ATOM   690 C  CG  . LEU A 1 87  ? 1.419   -28.028 -33.095 1.000 97.990  ? 363 LEU A CG  1 
ATOM   691 C  CD1 . LEU A 1 87  ? 1.629   -27.275 -34.391 1.000 101.230 ? 363 LEU A CD1 1 
ATOM   692 C  CD2 . LEU A 1 87  ? 2.399   -27.563 -32.054 1.000 96.112  ? 363 LEU A CD2 1 
ATOM   693 N  N   . ASP A 1 88  ? -1.207  -30.650 -32.728 1.000 92.287  ? 364 ASP A N   1 
ATOM   694 C  CA  . ASP A 1 88  ? -1.106  -32.119 -32.958 1.000 100.477 ? 364 ASP A CA  1 
ATOM   695 C  C   . ASP A 1 88  ? -2.034  -32.511 -34.124 1.000 111.247 ? 364 ASP A C   1 
ATOM   696 O  O   . ASP A 1 88  ? -1.601  -33.355 -34.929 1.000 123.174 ? 364 ASP A O   1 
ATOM   697 C  CB  . ASP A 1 88  ? -1.336  -32.949 -31.699 1.000 95.474  ? 364 ASP A CB  1 
ATOM   698 C  CG  . ASP A 1 88  ? -0.412  -32.571 -30.556 1.000 117.690 ? 364 ASP A CG  1 
ATOM   699 O  OD1 . ASP A 1 88  ? 0.820   -32.539 -30.780 1.000 164.496 ? 364 ASP A OD1 1 
ATOM   700 O  OD2 . ASP A 1 88  ? -0.924  -32.295 -29.448 1.000 149.007 ? 364 ASP A OD2 1 
ATOM   701 N  N   . ILE A 1 89  ? -3.217  -31.891 -34.265 1.000 99.500  ? 365 ILE A N   1 
ATOM   702 C  CA  . ILE A 1 89  ? -4.204  -32.270 -35.320 1.000 104.742 ? 365 ILE A CA  1 
ATOM   703 C  C   . ILE A 1 89  ? -3.745  -31.697 -36.670 1.000 103.856 ? 365 ILE A C   1 
ATOM   704 O  O   . ILE A 1 89  ? -3.841  -32.432 -37.690 1.000 98.242  ? 365 ILE A O   1 
ATOM   705 C  CB  . ILE A 1 89  ? -5.649  -31.848 -34.948 1.000 108.029 ? 365 ILE A CB  1 
ATOM   706 C  CG1 . ILE A 1 89  ? -6.099  -32.497 -33.643 1.000 101.237 ? 365 ILE A CG1 1 
ATOM   707 C  CG2 . ILE A 1 89  ? -6.647  -32.160 -36.062 1.000 93.824  ? 365 ILE A CG2 1 
ATOM   708 C  CD1 . ILE A 1 89  ? -7.357  -31.906 -33.077 1.000 114.470 ? 365 ILE A CD1 1 
ATOM   709 N  N   . LYS A 1 90  ? -3.316  -30.432 -36.703 1.000 102.697 ? 366 LYS A N   1 
ATOM   710 C  CA  . LYS A 1 90  ? -2.869  -29.765 -37.958 1.000 105.421 ? 366 LYS A CA  1 
ATOM   711 C  C   . LYS A 1 90  ? -1.709  -30.553 -38.564 1.000 112.528 ? 366 LYS A C   1 
ATOM   712 O  O   . LYS A 1 90  ? -1.691  -30.676 -39.810 1.000 90.725  ? 366 LYS A O   1 
ATOM   713 C  CB  . LYS A 1 90  ? -2.373  -28.339 -37.720 1.000 109.000 ? 366 LYS A CB  1 
ATOM   714 C  CG  . LYS A 1 90  ? -1.899  -27.643 -38.989 1.000 111.872 ? 366 LYS A CG  1 
ATOM   715 C  CD  . LYS A 1 90  ? -0.414  -27.694 -39.296 1.000 113.851 ? 366 LYS A CD  1 
ATOM   716 C  CE  . LYS A 1 90  ? -0.112  -26.806 -40.491 1.000 128.120 ? 366 LYS A CE  1 
ATOM   717 N  NZ  . LYS A 1 90  ? 1.176   -27.095 -41.172 1.000 110.366 ? 366 LYS A NZ  1 
ATOM   718 N  N   . LEU A 1 91  ? -0.789  -31.037 -37.707 1.000 101.167 ? 367 LEU A N   1 
ATOM   719 C  CA  . LEU A 1 91  ? 0.385   -31.849 -38.116 1.000 103.843 ? 367 LEU A CA  1 
ATOM   720 C  C   . LEU A 1 91  ? -0.122  -33.163 -38.693 1.000 107.127 ? 367 LEU A C   1 
ATOM   721 O  O   . LEU A 1 91  ? 0.254   -33.483 -39.836 1.000 107.001 ? 367 LEU A O   1 
ATOM   722 C  CB  . LEU A 1 91  ? 1.349   -32.069 -36.943 1.000 104.325 ? 367 LEU A CB  1 
ATOM   723 C  CG  . LEU A 1 91  ? 2.188   -30.839 -36.575 1.000 115.517 ? 367 LEU A CG  1 
ATOM   724 C  CD1 . LEU A 1 91  ? 2.990   -31.075 -35.315 1.000 113.095 ? 367 LEU A CD1 1 
ATOM   725 C  CD2 . LEU A 1 91  ? 3.114   -30.402 -37.711 1.000 113.846 ? 367 LEU A CD2 1 
ATOM   726 N  N   . ALA A 1 92  ? -1.002  -33.846 -37.962 1.000 117.081 ? 368 ALA A N   1 
ATOM   727 C  CA  . ALA A 1 92  ? -1.660  -35.094 -38.418 1.000 105.027 ? 368 ALA A CA  1 
ATOM   728 C  C   . ALA A 1 92  ? -2.297  -34.879 -39.802 1.000 102.028 ? 368 ALA A C   1 
ATOM   729 O  O   . ALA A 1 92  ? -2.179  -35.786 -40.650 1.000 102.793 ? 368 ALA A O   1 
ATOM   730 C  CB  . ALA A 1 92  ? -2.658  -35.541 -37.398 1.000 91.849  ? 368 ALA A CB  1 
ATOM   731 N  N   . LEU A 1 93  ? -2.876  -33.707 -40.062 1.000 95.429  ? 369 LEU A N   1 
ATOM   732 C  CA  . LEU A 1 93  ? -3.533  -33.427 -41.363 1.000 107.085 ? 369 LEU A CA  1 
ATOM   733 C  C   . LEU A 1 93  ? -2.482  -33.229 -42.444 1.000 102.645 ? 369 LEU A C   1 
ATOM   734 O  O   . LEU A 1 93  ? -2.732  -33.708 -43.552 1.000 117.489 ? 369 LEU A O   1 
ATOM   735 C  CB  . LEU A 1 93  ? -4.449  -32.206 -41.259 1.000 128.744 ? 369 LEU A CB  1 
ATOM   736 C  CG  . LEU A 1 93  ? -5.733  -32.419 -40.461 1.000 116.100 ? 369 LEU A CG  1 
ATOM   737 C  CD1 . LEU A 1 93  ? -6.659  -31.233 -40.647 1.000 128.381 ? 369 LEU A CD1 1 
ATOM   738 C  CD2 . LEU A 1 93  ? -6.421  -33.700 -40.881 1.000 114.585 ? 369 LEU A CD2 1 
ATOM   739 N  N   . ASP A 1 94  ? -1.366  -32.557 -42.132 1.000 127.348 ? 370 ASP A N   1 
ATOM   740 C  CA  . ASP A 1 94  ? -0.190  -32.370 -43.038 1.000 97.407  ? 370 ASP A CA  1 
ATOM   741 C  C   . ASP A 1 94  ? 0.297   -33.740 -43.530 1.000 96.122  ? 370 ASP A C   1 
ATOM   742 O  O   . ASP A 1 94  ? 0.355   -33.920 -44.781 1.000 85.994  ? 370 ASP A O   1 
ATOM   743 C  CB  . ASP A 1 94  ? 0.921   -31.634 -42.300 1.000 95.332  ? 370 ASP A CB  1 
ATOM   744 C  CG  . ASP A 1 94  ? 0.792   -30.128 -42.351 1.000 109.146 ? 370 ASP A CG  1 
ATOM   745 O  OD1 . ASP A 1 94  ? 0.242   -29.613 -43.372 1.000 100.843 ? 370 ASP A OD1 1 
ATOM   746 O  OD2 . ASP A 1 94  ? 1.278   -29.487 -41.386 1.000 97.782  ? 370 ASP A OD2 1 
ATOM   747 N  N   . MET A 1 95  ? 0.609   -34.660 -42.590 1.000 91.262  ? 371 MET A N   1 
ATOM   748 C  CA  . MET A 1 95  ? 0.949   -36.085 -42.877 1.000 101.597 ? 371 MET A CA  1 
ATOM   749 C  C   . MET A 1 95  ? -0.130  -36.588 -43.838 1.000 113.421 ? 371 MET A C   1 
ATOM   750 O  O   . MET A 1 95  ? 0.260   -36.937 -44.959 1.000 120.766 ? 371 MET A O   1 
ATOM   751 C  CB  . MET A 1 95  ? 1.027   -36.990 -41.629 1.000 108.874 ? 371 MET A CB  1 
ATOM   752 C  CG  . MET A 1 95  ? 2.459   -37.383 -41.148 1.000 129.532 ? 371 MET A CG  1 
ATOM   753 S  SD  . MET A 1 95  ? 3.325   -36.335 -39.839 1.000 168.376 ? 371 MET A SD  1 
ATOM   754 C  CE  . MET A 1 95  ? 2.359   -36.579 -38.346 1.000 151.817 ? 371 MET A CE  1 
ATOM   755 N  N   . GLU A 1 96  ? -1.425  -36.501 -43.462 1.000 127.391 ? 372 GLU A N   1 
ATOM   756 C  CA  . GLU A 1 96  ? -2.566  -37.123 -44.210 1.000 128.610 ? 372 GLU A CA  1 
ATOM   757 C  C   . GLU A 1 96  ? -2.594  -36.575 -45.646 1.000 124.762 ? 372 GLU A C   1 
ATOM   758 O  O   . GLU A 1 96  ? -2.462  -37.395 -46.578 1.000 121.830 ? 372 GLU A O   1 
ATOM   759 C  CB  . GLU A 1 96  ? -3.940  -36.915 -43.546 1.000 150.056 ? 372 GLU A CB  1 
ATOM   760 C  CG  . GLU A 1 96  ? -4.268  -37.842 -42.374 1.000 172.026 ? 372 GLU A CG  1 
ATOM   761 C  CD  . GLU A 1 96  ? -3.724  -39.262 -42.442 1.000 187.618 ? 372 GLU A CD  1 
ATOM   762 O  OE1 . GLU A 1 96  ? -3.873  -39.910 -43.503 1.000 195.159 ? 372 GLU A OE1 1 
ATOM   763 O  OE2 . GLU A 1 96  ? -3.143  -39.720 -41.430 1.000 185.805 ? 372 GLU A OE2 1 
ATOM   764 N  N   . ILE A 1 97  ? -2.717  -35.250 -45.817 1.000 118.912 ? 373 ILE A N   1 
ATOM   765 C  CA  . ILE A 1 97  ? -2.863  -34.575 -47.145 1.000 122.087 ? 373 ILE A CA  1 
ATOM   766 C  C   . ILE A 1 97  ? -1.702  -35.003 -48.061 1.000 129.144 ? 373 ILE A C   1 
ATOM   767 O  O   . ILE A 1 97  ? -1.956  -35.213 -49.269 1.000 137.084 ? 373 ILE A O   1 
ATOM   768 C  CB  . ILE A 1 97  ? -2.999  -33.039 -47.004 1.000 129.167 ? 373 ILE A CB  1 
ATOM   769 C  CG1 . ILE A 1 97  ? -3.476  -32.378 -48.301 1.000 150.287 ? 373 ILE A CG1 1 
ATOM   770 C  CG2 . ILE A 1 97  ? -1.710  -32.396 -46.511 1.000 165.128 ? 373 ILE A CG2 1 
ATOM   771 C  CD1 . ILE A 1 97  ? -4.923  -32.663 -48.649 1.000 178.348 ? 373 ILE A CD1 1 
ATOM   772 N  N   . HIS A 1 98  ? -0.484  -35.160 -47.521 1.000 138.018 ? 374 HIS A N   1 
ATOM   773 C  CA  . HIS A 1 98  ? 0.691   -35.690 -48.268 1.000 132.971 ? 374 HIS A CA  1 
ATOM   774 C  C   . HIS A 1 98  ? 0.312   -37.067 -48.807 1.000 131.554 ? 374 HIS A C   1 
ATOM   775 O  O   . HIS A 1 98  ? 0.242   -37.197 -50.030 1.000 143.319 ? 374 HIS A O   1 
ATOM   776 C  CB  . HIS A 1 98  ? 1.943   -35.715 -47.385 1.000 147.789 ? 374 HIS A CB  1 
ATOM   777 C  CG  . HIS A 1 98  ? 3.195   -36.212 -48.037 1.000 155.405 ? 374 HIS A CG  1 
ATOM   778 N  ND1 . HIS A 1 98  ? 3.931   -35.440 -48.928 1.000 139.427 ? 374 HIS A ND1 1 
ATOM   779 C  CD2 . HIS A 1 98  ? 3.893   -37.357 -47.855 1.000 140.505 ? 374 HIS A CD2 1 
ATOM   780 C  CE1 . HIS A 1 98  ? 5.006   -36.108 -49.291 1.000 155.050 ? 374 HIS A CE1 1 
ATOM   781 N  NE2 . HIS A 1 98  ? 5.002   -37.288 -48.650 1.000 164.027 ? 374 HIS A NE2 1 
ATOM   782 N  N   . ALA A 1 99  ? -0.021  -38.006 -47.916 1.000 127.817 ? 375 ALA A N   1 
ATOM   783 C  CA  . ALA A 1 99  ? -0.347  -39.417 -48.240 1.000 133.868 ? 375 ALA A CA  1 
ATOM   784 C  C   . ALA A 1 99  ? -1.384  -39.480 -49.367 1.000 133.483 ? 375 ALA A C   1 
ATOM   785 O  O   . ALA A 1 99  ? -1.202  -40.301 -50.289 1.000 153.742 ? 375 ALA A O   1 
ATOM   786 C  CB  . ALA A 1 99  ? -0.827  -40.153 -47.012 1.000 128.166 ? 375 ALA A CB  1 
ATOM   787 N  N   . TYR A 1 100 ? -2.420  -38.646 -49.307 1.000 137.293 ? 376 TYR A N   1 
ATOM   788 C  CA  . TYR A 1 100 ? -3.500  -38.599 -50.330 1.000 150.730 ? 376 TYR A CA  1 
ATOM   789 C  C   . TYR A 1 100 ? -2.926  -37.994 -51.618 1.000 153.155 ? 376 TYR A C   1 
ATOM   790 O  O   . TYR A 1 100 ? -3.350  -38.455 -52.688 1.000 171.623 ? 376 TYR A O   1 
ATOM   791 C  CB  . TYR A 1 100 ? -4.753  -37.869 -49.823 1.000 153.912 ? 376 TYR A CB  1 
ATOM   792 C  CG  . TYR A 1 100 ? -5.647  -38.664 -48.895 1.000 149.244 ? 376 TYR A CG  1 
ATOM   793 C  CD1 . TYR A 1 100 ? -5.119  -39.516 -47.931 1.000 153.254 ? 376 TYR A CD1 1 
ATOM   794 C  CD2 . TYR A 1 100 ? -7.027  -38.542 -48.957 1.000 148.999 ? 376 TYR A CD2 1 
ATOM   795 C  CE1 . TYR A 1 100 ? -5.930  -40.234 -47.068 1.000 152.458 ? 376 TYR A CE1 1 
ATOM   796 C  CE2 . TYR A 1 100 ? -7.855  -39.253 -48.102 1.000 159.204 ? 376 TYR A CE2 1 
ATOM   797 C  CZ  . TYR A 1 100 ? -7.303  -40.100 -47.155 1.000 164.018 ? 376 TYR A CZ  1 
ATOM   798 O  OH  . TYR A 1 100 ? -8.105  -40.805 -46.311 1.000 180.031 ? 376 TYR A OH  1 
ATOM   799 N  N   . ARG A 1 101 ? -1.976  -37.051 -51.530 1.000 154.070 ? 377 ARG A N   1 
ATOM   800 C  CA  . ARG A 1 101 ? -1.325  -36.429 -52.723 1.000 161.387 ? 377 ARG A CA  1 
ATOM   801 C  C   . ARG A 1 101 ? -0.423  -37.476 -53.418 1.000 164.699 ? 377 ARG A C   1 
ATOM   802 O  O   . ARG A 1 101 ? -0.484  -37.557 -54.668 1.000 156.497 ? 377 ARG A O   1 
ATOM   803 C  CB  . ARG A 1 101 ? -0.621  -35.114 -52.353 1.000 128.856 ? 377 ARG A CB  1 
ATOM   804 N  N   . LYS A 1 102 ? 0.359   -38.273 -52.671 1.000 178.154 ? 378 LYS A N   1 
ATOM   805 C  CA  . LYS A 1 102 ? 1.172   -39.393 -53.237 1.000 167.482 ? 378 LYS A CA  1 
ATOM   806 C  C   . LYS A 1 102 ? 0.185   -40.409 -53.838 1.000 178.252 ? 378 LYS A C   1 
ATOM   807 O  O   . LYS A 1 102 ? 0.140   -40.510 -55.086 1.000 176.339 ? 378 LYS A O   1 
ATOM   808 C  CB  . LYS A 1 102 ? 2.141   -40.000 -52.206 1.000 126.715 ? 378 LYS A CB  1 
ATOM   809 N  N   . LEU A 1 103 ? -0.637  -41.066 -53.006 1.000 177.256 ? 379 LEU A N   1 
ATOM   810 C  CA  . LEU A 1 103 ? -1.584  -42.124 -53.460 1.000 169.640 ? 379 LEU A CA  1 
ATOM   811 C  C   . LEU A 1 103 ? -2.320  -41.651 -54.725 1.000 168.717 ? 379 LEU A C   1 
ATOM   812 O  O   . LEU A 1 103 ? -2.314  -42.425 -55.682 1.000 201.568 ? 379 LEU A O   1 
ATOM   813 C  CB  . LEU A 1 103 ? -2.558  -42.522 -52.341 1.000 147.099 ? 379 LEU A CB  1 
ATOM   814 N  N   . LEU A 1 104 ? -2.873  -40.430 -54.779 1.000 167.710 ? 380 LEU A N   1 
ATOM   815 C  CA  . LEU A 1 104 ? -3.669  -39.955 -55.958 1.000 170.541 ? 380 LEU A CA  1 
ATOM   816 C  C   . LEU A 1 104 ? -2.890  -38.916 -56.803 1.000 181.127 ? 380 LEU A C   1 
ATOM   817 O  O   . LEU A 1 104 ? -3.555  -38.005 -57.345 1.000 177.870 ? 380 LEU A O   1 
ATOM   818 C  CB  . LEU A 1 104 ? -5.031  -39.416 -55.483 1.000 128.495 ? 380 LEU A CB  1 
ATOM   819 N  N   . GLU A 1 105 ? -1.560  -39.056 -56.966 1.000 171.459 ? 381 GLU A N   1 
ATOM   820 C  CA  . GLU A 1 105 ? -0.724  -38.282 -57.945 1.000 168.312 ? 381 GLU A CA  1 
ATOM   821 C  C   . GLU A 1 105 ? 0.763   -38.556 -57.696 1.000 161.584 ? 381 GLU A C   1 
ATOM   822 O  O   . GLU A 1 105 ? 1.262   -39.634 -57.999 1.000 165.591 ? 381 GLU A O   1 
ATOM   823 C  CB  . GLU A 1 105 ? -0.934  -36.765 -57.865 1.000 154.797 ? 381 GLU A CB  1 
HETATM 824 NI NI  . NI  B 2 .   ? 5.251   20.625  26.080  0.330 104.869 ? 501 NI  A NI  1 
HETATM 825 NI NI  . NI  C 2 .   ? -2.559  25.821  22.055  1.000 176.647 ? 502 NI  A NI  1 
HETATM 826 CL CL  . CL  D 3 .   ? 3.448   -32.276 -23.733 1.000 146.278 ? 503 CL  A CL  1 
HETATM 827 C  C   . TRS E 4 .   ? -9.299  27.266  31.735  1.000 142.847 ? 504 TRS A C   1 
HETATM 828 C  C1  . TRS E 4 .   ? -10.642 27.322  32.466  1.000 153.205 ? 504 TRS A C1  1 
HETATM 829 C  C2  . TRS E 4 .   ? -9.449  27.806  30.305  1.000 139.341 ? 504 TRS A C2  1 
HETATM 830 C  C3  . TRS E 4 .   ? -8.251  28.052  32.521  1.000 135.255 ? 504 TRS A C3  1 
HETATM 831 N  N   . TRS E 4 .   ? -8.851  25.834  31.686  1.000 120.907 ? 504 TRS A N   1 
HETATM 832 O  O1  . TRS E 4 .   ? -11.342 28.531  32.216  1.000 149.583 ? 504 TRS A O1  1 
HETATM 833 O  O2  . TRS E 4 .   ? -8.324  27.554  29.471  1.000 107.037 ? 504 TRS A O2  1 
HETATM 834 O  O3  . TRS E 4 .   ? -6.940  27.661  32.181  1.000 114.001 ? 504 TRS A O3  1 
HETATM 835 C  C   . TRS F 4 .   ? 3.316   -18.127 -41.987 1.000 164.036 ? 505 TRS A C   1 
HETATM 836 C  C1  . TRS F 4 .   ? 1.960   -17.447 -42.163 1.000 157.020 ? 505 TRS A C1  1 
HETATM 837 C  C2  . TRS F 4 .   ? 4.346   -17.134 -41.445 1.000 160.879 ? 505 TRS A C2  1 
HETATM 838 C  C3  . TRS F 4 .   ? 3.236   -19.314 -41.020 1.000 154.925 ? 505 TRS A C3  1 
HETATM 839 N  N   . TRS F 4 .   ? 3.773   -18.589 -43.351 1.000 161.172 ? 505 TRS A N   1 
HETATM 840 O  O1  . TRS F 4 .   ? 1.476   -16.920 -40.941 1.000 140.103 ? 505 TRS A O1  1 
HETATM 841 O  O2  . TRS F 4 .   ? 5.666   -17.656 -41.490 1.000 142.727 ? 505 TRS A O2  1 
HETATM 842 O  O3  . TRS F 4 .   ? 2.353   -20.369 -41.391 1.000 134.593 ? 505 TRS A O3  1 
HETATM 843 O  O   . HOH G 5 .   ? 4.860   0.178   0.944   1.000 141.173 ? 601 HOH A O   1 
HETATM 844 O  O   . HOH G 5 .   ? -9.744  -28.006 -32.213 1.000 89.944  ? 602 HOH A O   1 
# 
